data_4QJE
#
_entry.id   4QJE
#
_cell.length_a   218.665
_cell.length_b   102.929
_cell.length_c   118.074
_cell.angle_alpha   90.00
_cell.angle_beta   101.42
_cell.angle_gamma   90.00
#
_symmetry.space_group_name_H-M   'C 1 2 1'
#
loop_
_entity.id
_entity.type
_entity.pdbx_description
1 polymer 'Betaine aldehyde dehydrogenase'
2 polymer 'Betaine aldehyde dehydrogenase'
3 non-polymer 'SODIUM ION'
4 non-polymer DI(HYDROXYETHYL)ETHER
5 non-polymer 2-AMINO-2-HYDROXYMETHYL-PROPANE-1,3-DIOL
6 non-polymer 2-[3-(2-HYDROXY-1,1-DIHYDROXYMETHYL-ETHYLAMINO)-PROPYLAMINO]-2-HYDROXYMETHYL-PROPANE-1,3-DIOL
7 water water
#
loop_
_entity_poly.entity_id
_entity_poly.type
_entity_poly.pdbx_seq_one_letter_code
_entity_poly.pdbx_strand_id
1 'polypeptide(L)'
;MGSSHHHHHHSSGRENLYFQGMELLKHLSQRQYIDGEWVESANKNTRDIINPYNQEVIFTVSEGTKEDAERAILAARRAF
ESGEWSQETAETRGKKVRAIADKIKEHREALARLETLDTGKTLEESYADMDDIHNVFMYFAGLADKDGGEMIDSPIPDTE
SKIVKEPVGVVTQITPWNYPLLQASWKIAPALATGCSLVMKPSEITPLTTIRVFELMEEVGFPKGTINLILGAGSEVGDV
MSGHKEVDLVSFTGSIETGKHIMKNAANNVTNIALELGGKNPNIIFDDADFELAVDQALNGGYFHAGQV(CSD)SAGSRI
LVQNSIKDKFEQALIDRVKKIKLGNGFDADTEMGPVISTEHRNKIESYMDVAKAEGATIAVGGKRPDRDDLKDGLFFEPT
VITNCDTSMRIVQEEVFGPVVTVEGFETEQEAIQLANDSIYGLAGAVFSKDIGKAQRVANKLKLGTVWINDFHPYFAQAP
WGGYKQSGIGRELGKEGLEEYLVSKHILTNTNPQLVNWFSK
;
A,C,D
2 'polypeptide(L)'
;MGSSHHHHHHSSGRENLYFQGMELLKHLSQRQYIDGEWVESANKNTRDIINPYNQEVIFTVSEGTKEDAERAILAARRAF
ESGEWSQETAETRGKKVRAIADKIKEHREALARLETLDTGKTLEESYADMDDIHNVFMYFAGLADKDGGEMIDSPIPDTE
SKIVKEPVGVVTQITPWNYPLLQASWKIAPALATGCSLVMKPSEITPLTTIRVFELMEEVGFPKGTINLILGAGSEVGDV
MSGHKEVDLVSFTGSIETGKHIMKNAANNVTNIALELGGKNPNIIFDDADFELAVDQALNGGYFHAGQVCSAGSRILVQN
SIKDKFEQALIDRVKKIKLGNGFDADTEMGPVISTEHRNKIESYMDVAKAEGATIAVGGKRPDRDDLKDGLFFEPTVITN
CDTSMRIVQEEVFGPVVTVEGFETEQEAIQLANDSIYGLAGAVFSKDIGKAQRVANKLKLGTVWINDFHPYFAQAPWGGY
KQSGIGRELGKEGLEEYLVSKHILTNTNPQLVNWFSK
;
B
#
# COMPACT_ATOMS: atom_id res chain seq x y z
N LEU A 25 -17.12 -42.67 -0.15
CA LEU A 25 -18.46 -42.36 -0.75
C LEU A 25 -19.64 -42.87 0.08
N LYS A 26 -19.47 -43.91 0.88
CA LYS A 26 -20.61 -44.40 1.66
C LYS A 26 -21.10 -43.41 2.73
N HIS A 27 -20.26 -42.45 3.14
CA HIS A 27 -20.64 -41.46 4.14
C HIS A 27 -20.79 -40.05 3.56
N LEU A 28 -20.48 -39.86 2.29
CA LEU A 28 -20.56 -38.52 1.70
C LEU A 28 -22.00 -38.10 1.47
N SER A 29 -22.30 -36.84 1.76
N SER A 29 -22.30 -36.84 1.76
CA SER A 29 -23.63 -36.30 1.58
CA SER A 29 -23.63 -36.28 1.58
C SER A 29 -24.01 -36.34 0.09
C SER A 29 -24.01 -36.32 0.10
N GLN A 30 -25.29 -36.52 -0.18
CA GLN A 30 -25.82 -36.56 -1.56
C GLN A 30 -26.66 -35.33 -1.85
N ARG A 31 -26.71 -34.41 -0.91
CA ARG A 31 -27.61 -33.28 -0.96
C ARG A 31 -26.96 -31.92 -1.11
N GLN A 32 -27.82 -30.93 -1.36
CA GLN A 32 -27.43 -29.54 -1.42
C GLN A 32 -27.35 -29.06 0.03
N TYR A 33 -26.75 -27.91 0.24
CA TYR A 33 -26.63 -27.32 1.54
C TYR A 33 -27.16 -25.91 1.45
N ILE A 34 -28.32 -25.69 2.04
CA ILE A 34 -28.98 -24.42 1.93
C ILE A 34 -29.43 -23.94 3.29
N ASP A 35 -28.97 -22.76 3.66
CA ASP A 35 -29.39 -22.12 4.91
C ASP A 35 -29.22 -23.04 6.12
N GLY A 36 -28.04 -23.66 6.23
CA GLY A 36 -27.71 -24.47 7.38
C GLY A 36 -28.22 -25.91 7.40
N GLU A 37 -28.88 -26.33 6.33
CA GLU A 37 -29.42 -27.66 6.24
C GLU A 37 -29.06 -28.38 4.95
N TRP A 38 -28.82 -29.69 5.05
CA TRP A 38 -28.60 -30.52 3.89
C TRP A 38 -29.99 -30.89 3.38
N VAL A 39 -30.28 -30.56 2.14
CA VAL A 39 -31.62 -30.72 1.59
C VAL A 39 -31.59 -31.27 0.19
N GLU A 40 -32.64 -32.04 -0.14
CA GLU A 40 -32.79 -32.58 -1.47
C GLU A 40 -33.19 -31.46 -2.41
N SER A 41 -33.28 -31.77 -3.70
CA SER A 41 -33.80 -30.84 -4.67
C SER A 41 -35.27 -30.65 -4.35
N ALA A 42 -35.79 -29.46 -4.58
CA ALA A 42 -37.22 -29.19 -4.38
C ALA A 42 -38.10 -30.18 -5.14
N ASN A 43 -37.64 -30.67 -6.29
CA ASN A 43 -38.44 -31.64 -7.06
C ASN A 43 -37.94 -33.08 -6.91
N LYS A 44 -37.03 -33.33 -5.98
CA LYS A 44 -36.45 -34.65 -5.75
C LYS A 44 -35.62 -35.21 -6.92
N ASN A 45 -35.28 -34.39 -7.90
CA ASN A 45 -34.53 -34.88 -9.04
C ASN A 45 -33.12 -35.19 -8.59
N THR A 46 -32.49 -36.14 -9.29
CA THR A 46 -31.11 -36.53 -9.00
C THR A 46 -30.30 -36.67 -10.27
N ARG A 47 -28.98 -36.75 -10.10
CA ARG A 47 -28.04 -36.90 -11.21
C ARG A 47 -27.02 -37.97 -10.83
N ASP A 48 -26.66 -38.79 -11.79
CA ASP A 48 -25.64 -39.79 -11.59
C ASP A 48 -24.28 -39.21 -11.98
N ILE A 49 -23.33 -39.36 -11.09
CA ILE A 49 -21.97 -38.85 -11.28
C ILE A 49 -21.13 -40.00 -11.79
N ILE A 50 -20.29 -39.72 -12.76
CA ILE A 50 -19.51 -40.70 -13.49
C ILE A 50 -18.01 -40.57 -13.24
N ASN A 51 -17.31 -41.69 -13.28
CA ASN A 51 -15.84 -41.76 -13.24
C ASN A 51 -15.37 -41.87 -14.71
N PRO A 52 -14.65 -40.87 -15.22
CA PRO A 52 -14.24 -40.92 -16.64
C PRO A 52 -13.30 -42.07 -17.02
N TYR A 53 -12.62 -42.66 -16.05
CA TYR A 53 -11.72 -43.77 -16.33
C TYR A 53 -12.45 -45.01 -16.85
N ASN A 54 -13.66 -45.25 -16.36
CA ASN A 54 -14.42 -46.43 -16.77
C ASN A 54 -15.89 -46.14 -17.14
N GLN A 55 -16.27 -44.87 -17.08
CA GLN A 55 -17.64 -44.42 -17.36
C GLN A 55 -18.71 -45.07 -16.46
N GLU A 56 -18.28 -45.54 -15.28
CA GLU A 56 -19.22 -46.12 -14.32
C GLU A 56 -19.82 -45.05 -13.43
N VAL A 57 -21.07 -45.25 -13.06
CA VAL A 57 -21.73 -44.35 -12.12
C VAL A 57 -21.07 -44.59 -10.75
N ILE A 58 -20.59 -43.53 -10.12
CA ILE A 58 -19.93 -43.66 -8.81
C ILE A 58 -20.75 -43.07 -7.66
N PHE A 59 -21.73 -42.23 -7.97
CA PHE A 59 -22.49 -41.58 -6.91
C PHE A 59 -23.72 -40.95 -7.52
N THR A 60 -24.71 -40.66 -6.68
CA THR A 60 -25.94 -40.02 -7.14
C THR A 60 -26.24 -38.86 -6.21
N VAL A 61 -26.43 -37.67 -6.79
CA VAL A 61 -26.68 -36.47 -6.00
C VAL A 61 -27.97 -35.74 -6.41
N SER A 62 -28.43 -34.87 -5.54
CA SER A 62 -29.59 -34.04 -5.85
C SER A 62 -29.28 -33.15 -7.05
N GLU A 63 -30.31 -32.94 -7.88
CA GLU A 63 -30.22 -32.05 -9.03
C GLU A 63 -31.21 -30.92 -8.72
N GLY A 64 -30.69 -29.82 -8.19
CA GLY A 64 -31.51 -28.70 -7.71
C GLY A 64 -32.29 -27.94 -8.76
N THR A 65 -33.24 -27.16 -8.28
CA THR A 65 -34.05 -26.33 -9.14
C THR A 65 -33.71 -24.87 -9.01
N LYS A 66 -34.24 -24.07 -9.92
CA LYS A 66 -34.02 -22.63 -9.87
C LYS A 66 -34.58 -22.03 -8.57
N GLU A 67 -35.64 -22.63 -8.04
CA GLU A 67 -36.23 -22.15 -6.80
C GLU A 67 -35.29 -22.42 -5.61
N ASP A 68 -34.58 -23.55 -5.66
CA ASP A 68 -33.58 -23.88 -4.66
C ASP A 68 -32.47 -22.80 -4.67
N ALA A 69 -32.02 -22.45 -5.88
CA ALA A 69 -30.97 -21.44 -6.04
C ALA A 69 -31.43 -20.11 -5.48
N GLU A 70 -32.67 -19.72 -5.80
N GLU A 70 -32.67 -19.72 -5.80
CA GLU A 70 -33.23 -18.49 -5.28
CA GLU A 70 -33.22 -18.48 -5.28
C GLU A 70 -33.29 -18.51 -3.76
C GLU A 70 -33.28 -18.51 -3.75
N ARG A 71 -33.71 -19.64 -3.17
CA ARG A 71 -33.79 -19.74 -1.72
C ARG A 71 -32.41 -19.59 -1.07
N ALA A 72 -31.39 -20.15 -1.71
CA ALA A 72 -30.01 -20.04 -1.19
C ALA A 72 -29.53 -18.59 -1.24
N ILE A 73 -29.84 -17.91 -2.34
CA ILE A 73 -29.45 -16.50 -2.47
C ILE A 73 -30.15 -15.65 -1.41
N LEU A 74 -31.44 -15.89 -1.21
CA LEU A 74 -32.16 -15.12 -0.20
C LEU A 74 -31.64 -15.40 1.22
N ALA A 75 -31.22 -16.64 1.47
CA ALA A 75 -30.63 -17.02 2.77
C ALA A 75 -29.31 -16.33 2.96
N ALA A 76 -28.51 -16.30 1.91
CA ALA A 76 -27.22 -15.59 1.93
C ALA A 76 -27.44 -14.09 2.22
N ARG A 77 -28.44 -13.50 1.59
CA ARG A 77 -28.78 -12.11 1.83
C ARG A 77 -29.21 -11.87 3.29
N ARG A 78 -30.11 -12.72 3.80
CA ARG A 78 -30.56 -12.59 5.18
C ARG A 78 -29.36 -12.69 6.16
N ALA A 79 -28.49 -13.67 5.91
CA ALA A 79 -27.31 -13.88 6.75
C ALA A 79 -26.40 -12.66 6.67
N PHE A 80 -26.19 -12.16 5.46
CA PHE A 80 -25.36 -10.96 5.29
C PHE A 80 -25.89 -9.79 6.12
N GLU A 81 -27.19 -9.53 5.99
CA GLU A 81 -27.81 -8.42 6.71
C GLU A 81 -27.84 -8.60 8.23
N SER A 82 -27.87 -9.85 8.72
CA SER A 82 -27.88 -10.12 10.16
C SER A 82 -26.56 -9.65 10.77
N GLY A 83 -25.51 -9.63 9.97
CA GLY A 83 -24.20 -9.22 10.41
C GLY A 83 -23.40 -10.26 11.20
N GLU A 84 -23.95 -11.46 11.39
CA GLU A 84 -23.25 -12.46 12.19
C GLU A 84 -21.85 -12.83 11.66
N TRP A 85 -21.71 -12.84 10.35
CA TRP A 85 -20.40 -13.06 9.72
C TRP A 85 -19.80 -11.76 9.17
N SER A 86 -20.62 -10.95 8.52
CA SER A 86 -20.14 -9.68 7.93
C SER A 86 -19.66 -8.67 8.94
N GLN A 87 -20.15 -8.73 10.16
CA GLN A 87 -19.68 -7.80 11.22
C GLN A 87 -18.81 -8.52 12.26
N GLU A 88 -18.49 -9.79 12.04
CA GLU A 88 -17.54 -10.49 12.88
C GLU A 88 -16.18 -9.77 12.68
N THR A 89 -15.29 -9.83 13.65
CA THR A 89 -13.98 -9.16 13.49
C THR A 89 -13.20 -9.89 12.37
N ALA A 90 -12.39 -9.14 11.64
CA ALA A 90 -11.57 -9.73 10.58
C ALA A 90 -10.64 -10.79 11.14
N GLU A 91 -10.10 -10.54 12.33
CA GLU A 91 -9.20 -11.48 12.95
C GLU A 91 -9.90 -12.82 13.18
N THR A 92 -11.13 -12.78 13.68
CA THR A 92 -11.88 -14.02 13.96
C THR A 92 -12.22 -14.72 12.64
N ARG A 93 -12.58 -13.94 11.63
CA ARG A 93 -12.85 -14.55 10.33
C ARG A 93 -11.60 -15.27 9.82
N GLY A 94 -10.44 -14.65 9.99
CA GLY A 94 -9.19 -15.27 9.61
C GLY A 94 -8.96 -16.61 10.32
N LYS A 95 -9.29 -16.67 11.60
CA LYS A 95 -9.13 -17.91 12.38
C LYS A 95 -10.02 -19.04 11.80
N LYS A 96 -11.24 -18.69 11.41
N LYS A 96 -11.24 -18.69 11.41
CA LYS A 96 -12.14 -19.67 10.83
CA LYS A 96 -12.15 -19.67 10.84
C LYS A 96 -11.64 -20.18 9.48
C LYS A 96 -11.64 -20.18 9.49
N VAL A 97 -11.09 -19.28 8.67
CA VAL A 97 -10.58 -19.65 7.34
C VAL A 97 -9.36 -20.54 7.55
N ARG A 98 -8.56 -20.23 8.57
N ARG A 98 -8.56 -20.23 8.57
CA ARG A 98 -7.42 -21.06 8.93
CA ARG A 98 -7.43 -21.07 8.91
C ARG A 98 -7.91 -22.48 9.33
C ARG A 98 -7.91 -22.47 9.33
N ALA A 99 -9.01 -22.55 10.08
CA ALA A 99 -9.54 -23.84 10.51
C ALA A 99 -9.96 -24.68 9.29
N ILE A 100 -10.51 -24.02 8.26
CA ILE A 100 -10.81 -24.75 7.03
C ILE A 100 -9.52 -25.28 6.43
N ALA A 101 -8.49 -24.44 6.35
CA ALA A 101 -7.21 -24.87 5.81
C ALA A 101 -6.73 -26.14 6.52
N ASP A 102 -6.84 -26.16 7.84
CA ASP A 102 -6.38 -27.30 8.61
C ASP A 102 -7.19 -28.57 8.34
N LYS A 103 -8.49 -28.42 8.13
CA LYS A 103 -9.34 -29.57 7.79
C LYS A 103 -8.93 -30.15 6.43
N ILE A 104 -8.57 -29.29 5.49
CA ILE A 104 -8.15 -29.77 4.15
C ILE A 104 -6.93 -30.68 4.31
N LYS A 105 -5.96 -30.21 5.09
CA LYS A 105 -4.76 -30.99 5.31
C LYS A 105 -5.08 -32.29 6.03
N GLU A 106 -5.94 -32.23 7.03
N GLU A 106 -5.94 -32.23 7.03
CA GLU A 106 -6.34 -33.42 7.79
CA GLU A 106 -6.33 -33.42 7.76
C GLU A 106 -6.94 -34.48 6.88
C GLU A 106 -6.93 -34.48 6.86
N HIS A 107 -7.75 -34.06 5.92
CA HIS A 107 -8.45 -34.98 5.02
C HIS A 107 -7.83 -35.07 3.62
N ARG A 108 -6.56 -34.71 3.54
CA ARG A 108 -5.83 -34.66 2.28
C ARG A 108 -5.95 -35.93 1.43
N GLU A 109 -5.76 -37.09 2.05
N GLU A 109 -5.74 -37.08 2.05
CA GLU A 109 -5.81 -38.36 1.33
CA GLU A 109 -5.78 -38.36 1.32
C GLU A 109 -7.16 -38.64 0.69
C GLU A 109 -7.15 -38.67 0.70
N ALA A 110 -8.20 -38.56 1.51
CA ALA A 110 -9.55 -38.85 1.03
C ALA A 110 -10.02 -37.83 0.00
N LEU A 111 -9.66 -36.57 0.20
CA LEU A 111 -9.99 -35.54 -0.77
C LEU A 111 -9.30 -35.78 -2.12
N ALA A 112 -8.02 -36.14 -2.08
CA ALA A 112 -7.27 -36.38 -3.32
C ALA A 112 -7.87 -37.54 -4.08
N ARG A 113 -8.22 -38.61 -3.35
N ARG A 113 -8.23 -38.60 -3.35
CA ARG A 113 -8.82 -39.76 -3.98
CA ARG A 113 -8.83 -39.77 -3.97
C ARG A 113 -10.16 -39.45 -4.62
C ARG A 113 -10.19 -39.44 -4.60
N LEU A 114 -10.95 -38.67 -3.92
N LEU A 114 -11.00 -38.65 -3.91
CA LEU A 114 -12.24 -38.29 -4.44
CA LEU A 114 -12.30 -38.27 -4.46
C LEU A 114 -12.09 -37.45 -5.70
C LEU A 114 -12.11 -37.45 -5.72
N GLU A 115 -11.13 -36.53 -5.71
CA GLU A 115 -10.90 -35.69 -6.89
C GLU A 115 -10.45 -36.54 -8.12
N THR A 116 -9.59 -37.52 -7.88
CA THR A 116 -9.13 -38.41 -8.96
C THR A 116 -10.26 -39.29 -9.48
N LEU A 117 -11.12 -39.71 -8.55
CA LEU A 117 -12.26 -40.54 -8.90
C LEU A 117 -13.25 -39.78 -9.78
N ASP A 118 -13.52 -38.54 -9.39
CA ASP A 118 -14.51 -37.69 -10.07
C ASP A 118 -13.96 -37.13 -11.40
N THR A 119 -12.68 -36.71 -11.44
CA THR A 119 -12.15 -35.99 -12.61
C THR A 119 -11.21 -36.79 -13.51
N GLY A 120 -10.70 -37.91 -13.01
CA GLY A 120 -9.79 -38.76 -13.74
C GLY A 120 -8.30 -38.46 -13.70
N LYS A 121 -7.89 -37.30 -13.19
CA LYS A 121 -6.48 -36.99 -13.21
C LYS A 121 -5.69 -37.84 -12.25
N THR A 122 -4.37 -37.85 -12.40
CA THR A 122 -3.54 -38.71 -11.55
C THR A 122 -3.66 -38.36 -10.07
N LEU A 123 -3.52 -39.37 -9.23
CA LEU A 123 -3.59 -39.18 -7.78
C LEU A 123 -2.50 -38.20 -7.37
N GLU A 124 -1.33 -38.29 -7.96
N GLU A 124 -1.33 -38.29 -7.97
CA GLU A 124 -0.26 -37.36 -7.63
CA GLU A 124 -0.26 -37.37 -7.65
C GLU A 124 -0.65 -35.91 -7.94
C GLU A 124 -0.65 -35.91 -7.94
N GLU A 125 -1.32 -35.68 -9.07
CA GLU A 125 -1.82 -34.34 -9.39
C GLU A 125 -2.86 -33.91 -8.35
N SER A 126 -3.73 -34.83 -7.93
CA SER A 126 -4.72 -34.51 -6.90
C SER A 126 -4.11 -34.16 -5.55
N TYR A 127 -3.04 -34.87 -5.16
CA TYR A 127 -2.32 -34.50 -3.93
C TYR A 127 -1.80 -33.09 -4.02
N ALA A 128 -1.22 -32.74 -5.19
CA ALA A 128 -0.66 -31.40 -5.39
C ALA A 128 -1.74 -30.36 -5.20
N ASP A 129 -2.92 -30.63 -5.78
CA ASP A 129 -4.07 -29.76 -5.60
C ASP A 129 -4.34 -29.57 -4.11
N MET A 130 -4.40 -30.64 -3.33
CA MET A 130 -4.74 -30.51 -1.91
C MET A 130 -3.70 -29.69 -1.15
N ASP A 131 -2.42 -29.81 -1.50
CA ASP A 131 -1.39 -29.01 -0.85
C ASP A 131 -1.59 -27.53 -1.19
N ASP A 132 -1.93 -27.25 -2.45
CA ASP A 132 -2.20 -25.89 -2.88
C ASP A 132 -3.40 -25.32 -2.16
N ILE A 133 -4.46 -26.13 -2.07
CA ILE A 133 -5.72 -25.70 -1.46
C ILE A 133 -5.47 -25.32 0.00
N HIS A 134 -4.69 -26.14 0.71
CA HIS A 134 -4.38 -25.79 2.07
C HIS A 134 -3.71 -24.40 2.11
N ASN A 135 -2.74 -24.20 1.23
CA ASN A 135 -2.01 -22.91 1.17
C ASN A 135 -2.86 -21.71 0.74
N VAL A 136 -3.87 -21.94 -0.11
CA VAL A 136 -4.81 -20.89 -0.51
C VAL A 136 -5.63 -20.43 0.69
N PHE A 137 -6.25 -21.37 1.39
CA PHE A 137 -7.00 -21.03 2.59
C PHE A 137 -6.05 -20.37 3.61
N MET A 138 -4.84 -20.89 3.77
N MET A 138 -4.84 -20.89 3.77
CA MET A 138 -3.92 -20.29 4.78
CA MET A 138 -3.91 -20.29 4.76
C MET A 138 -3.53 -18.85 4.44
C MET A 138 -3.54 -18.85 4.43
N TYR A 139 -3.32 -18.58 3.14
CA TYR A 139 -2.94 -17.25 2.68
C TYR A 139 -4.04 -16.24 3.02
N PHE A 140 -5.26 -16.56 2.60
CA PHE A 140 -6.39 -15.67 2.82
C PHE A 140 -6.73 -15.54 4.30
N ALA A 141 -6.53 -16.60 5.08
CA ALA A 141 -6.72 -16.52 6.54
C ALA A 141 -5.80 -15.46 7.09
N GLY A 142 -4.55 -15.48 6.64
CA GLY A 142 -3.56 -14.50 7.09
C GLY A 142 -3.80 -13.10 6.55
N LEU A 143 -4.50 -12.99 5.44
CA LEU A 143 -4.77 -11.67 4.85
C LEU A 143 -6.00 -10.99 5.43
N ALA A 144 -6.89 -11.77 6.02
CA ALA A 144 -8.20 -11.27 6.44
C ALA A 144 -8.20 -9.96 7.21
N ASP A 145 -7.25 -9.82 8.14
CA ASP A 145 -7.27 -8.69 9.04
C ASP A 145 -6.18 -7.68 8.78
N LYS A 146 -5.64 -7.66 7.58
CA LYS A 146 -4.52 -6.77 7.25
C LYS A 146 -4.84 -5.43 6.52
N ASP A 147 -6.09 -5.14 6.24
N ASP A 147 -6.08 -5.13 6.18
CA ASP A 147 -6.44 -3.82 5.63
CA ASP A 147 -6.36 -3.83 5.49
C ASP A 147 -7.58 -3.24 6.45
C ASP A 147 -7.84 -3.42 5.46
N GLY A 148 -8.63 -2.86 5.75
N GLY A 148 -8.24 -2.52 6.35
CA GLY A 148 -9.73 -2.18 6.39
CA GLY A 148 -9.64 -2.10 6.45
C GLY A 148 -10.05 -0.87 5.66
C GLY A 148 -10.02 -0.85 5.68
N GLY A 149 -9.08 -0.30 4.94
CA GLY A 149 -9.28 0.93 4.18
C GLY A 149 -8.21 1.99 4.40
N GLU A 150 -8.55 3.24 4.13
CA GLU A 150 -7.57 4.33 4.19
C GLU A 150 -8.08 5.60 4.80
N MET A 151 -7.17 6.39 5.32
CA MET A 151 -7.46 7.73 5.77
C MET A 151 -6.97 8.59 4.63
N ILE A 152 -7.78 9.57 4.23
CA ILE A 152 -7.44 10.46 3.12
C ILE A 152 -7.19 11.85 3.65
N ASP A 153 -6.15 12.50 3.16
CA ASP A 153 -5.89 13.89 3.54
C ASP A 153 -6.86 14.70 2.67
N SER A 154 -7.91 15.20 3.29
CA SER A 154 -8.98 15.86 2.54
C SER A 154 -8.55 17.22 2.01
N PRO A 155 -8.93 17.53 0.78
CA PRO A 155 -8.64 18.86 0.22
C PRO A 155 -9.60 19.94 0.74
N ILE A 156 -10.59 19.56 1.56
CA ILE A 156 -11.57 20.49 2.09
C ILE A 156 -11.24 20.72 3.57
N PRO A 157 -10.95 21.98 3.94
CA PRO A 157 -10.65 22.26 5.34
C PRO A 157 -11.80 21.84 6.22
N ASP A 158 -11.47 21.41 7.42
CA ASP A 158 -12.46 21.03 8.42
C ASP A 158 -13.35 19.88 7.95
N THR A 159 -12.73 18.88 7.33
CA THR A 159 -13.42 17.64 7.01
C THR A 159 -12.49 16.48 7.31
N GLU A 160 -13.07 15.33 7.63
CA GLU A 160 -12.33 14.09 7.81
C GLU A 160 -12.81 13.19 6.67
N SER A 161 -11.86 12.54 5.99
CA SER A 161 -12.19 11.67 4.88
C SER A 161 -11.59 10.29 5.08
N LYS A 162 -12.42 9.26 5.03
CA LYS A 162 -11.91 7.93 5.10
C LYS A 162 -12.58 7.00 4.13
N ILE A 163 -11.83 5.99 3.70
CA ILE A 163 -12.37 4.97 2.82
C ILE A 163 -12.41 3.69 3.63
N VAL A 164 -13.60 3.12 3.80
N VAL A 164 -13.60 3.13 3.82
CA VAL A 164 -13.74 1.88 4.54
CA VAL A 164 -13.73 1.87 4.53
C VAL A 164 -13.99 0.77 3.53
C VAL A 164 -13.99 0.77 3.53
N LYS A 165 -13.35 -0.37 3.71
CA LYS A 165 -13.54 -1.48 2.80
C LYS A 165 -14.47 -2.44 3.51
N GLU A 166 -15.57 -2.75 2.86
CA GLU A 166 -16.57 -3.62 3.40
C GLU A 166 -16.70 -4.87 2.51
N PRO A 167 -17.26 -5.97 3.04
CA PRO A 167 -17.50 -7.11 2.14
C PRO A 167 -18.44 -6.66 1.05
N VAL A 168 -18.23 -7.16 -0.16
CA VAL A 168 -19.02 -6.73 -1.31
C VAL A 168 -20.47 -7.11 -1.11
N GLY A 169 -20.70 -8.21 -0.43
CA GLY A 169 -22.04 -8.63 -0.07
C GLY A 169 -22.30 -10.09 -0.30
N VAL A 170 -23.34 -10.34 -1.10
CA VAL A 170 -23.75 -11.69 -1.47
C VAL A 170 -23.05 -12.03 -2.79
N VAL A 171 -22.38 -13.16 -2.81
CA VAL A 171 -21.63 -13.58 -3.96
C VAL A 171 -22.05 -14.93 -4.47
N THR A 172 -22.15 -15.08 -5.78
CA THR A 172 -22.41 -16.39 -6.36
C THR A 172 -21.12 -16.84 -7.02
N GLN A 173 -20.85 -18.13 -6.90
CA GLN A 173 -19.60 -18.71 -7.32
C GLN A 173 -19.84 -19.98 -8.10
N ILE A 174 -19.38 -19.99 -9.34
CA ILE A 174 -19.61 -21.11 -10.25
C ILE A 174 -18.25 -21.61 -10.71
N THR A 175 -18.01 -22.89 -10.45
CA THR A 175 -16.69 -23.50 -10.70
C THR A 175 -16.71 -24.55 -11.77
N PRO A 176 -15.52 -24.82 -12.36
CA PRO A 176 -15.43 -25.73 -13.50
C PRO A 176 -15.13 -27.17 -13.11
N TRP A 177 -15.18 -28.07 -14.07
CA TRP A 177 -14.97 -29.48 -13.81
C TRP A 177 -13.52 -29.90 -13.79
N ASN A 178 -12.60 -29.07 -14.24
CA ASN A 178 -11.23 -29.59 -14.36
C ASN A 178 -10.51 -29.72 -13.02
N TYR A 179 -10.58 -28.70 -12.20
CA TYR A 179 -9.96 -28.70 -10.87
C TYR A 179 -11.03 -28.19 -9.91
N PRO A 180 -12.01 -29.03 -9.60
CA PRO A 180 -13.16 -28.56 -8.82
C PRO A 180 -12.83 -27.93 -7.47
N LEU A 181 -12.11 -28.65 -6.62
CA LEU A 181 -11.87 -28.11 -5.28
C LEU A 181 -10.84 -27.00 -5.31
N LEU A 182 -9.86 -27.11 -6.18
CA LEU A 182 -8.86 -26.00 -6.30
C LEU A 182 -9.53 -24.69 -6.66
N GLN A 183 -10.34 -24.69 -7.74
N GLN A 183 -10.33 -24.69 -7.73
CA GLN A 183 -11.01 -23.48 -8.17
CA GLN A 183 -11.00 -23.48 -8.15
C GLN A 183 -12.02 -23.03 -7.10
C GLN A 183 -12.02 -23.03 -7.10
N ALA A 184 -12.66 -23.97 -6.42
CA ALA A 184 -13.58 -23.61 -5.36
C ALA A 184 -12.84 -22.85 -4.26
N SER A 185 -11.63 -23.29 -3.90
CA SER A 185 -10.88 -22.64 -2.83
C SER A 185 -10.50 -21.19 -3.17
N TRP A 186 -10.18 -20.94 -4.44
CA TRP A 186 -9.81 -19.62 -4.88
C TRP A 186 -10.96 -18.61 -4.66
N LYS A 187 -12.21 -19.11 -4.68
CA LYS A 187 -13.39 -18.28 -4.53
C LYS A 187 -13.87 -18.23 -3.06
N ILE A 188 -13.96 -19.37 -2.42
CA ILE A 188 -14.44 -19.46 -1.06
C ILE A 188 -13.56 -18.71 -0.06
N ALA A 189 -12.24 -18.91 -0.14
CA ALA A 189 -11.34 -18.34 0.84
C ALA A 189 -11.41 -16.81 0.96
N PRO A 190 -11.26 -16.07 -0.14
CA PRO A 190 -11.44 -14.61 0.02
C PRO A 190 -12.88 -14.20 0.41
N ALA A 191 -13.91 -14.86 -0.11
CA ALA A 191 -15.27 -14.51 0.27
C ALA A 191 -15.48 -14.60 1.78
N LEU A 192 -15.04 -15.70 2.38
CA LEU A 192 -15.22 -15.88 3.81
C LEU A 192 -14.30 -14.92 4.59
N ALA A 193 -13.07 -14.73 4.11
CA ALA A 193 -12.13 -13.84 4.83
C ALA A 193 -12.68 -12.42 4.94
N THR A 194 -13.32 -11.95 3.90
CA THR A 194 -13.84 -10.57 3.84
C THR A 194 -15.17 -10.39 4.55
N GLY A 195 -15.90 -11.48 4.81
CA GLY A 195 -17.19 -11.40 5.50
C GLY A 195 -18.42 -11.49 4.60
N CYS A 196 -18.24 -11.97 3.38
CA CYS A 196 -19.34 -12.13 2.43
C CYS A 196 -20.17 -13.35 2.78
N SER A 197 -21.36 -13.43 2.19
CA SER A 197 -22.15 -14.64 2.18
C SER A 197 -22.06 -15.18 0.76
N LEU A 198 -22.01 -16.50 0.62
CA LEU A 198 -21.80 -17.11 -0.69
C LEU A 198 -22.77 -18.24 -1.01
N VAL A 199 -23.01 -18.36 -2.33
CA VAL A 199 -23.74 -19.48 -2.88
C VAL A 199 -22.84 -20.05 -3.98
N MET A 200 -22.44 -21.29 -3.83
CA MET A 200 -21.56 -21.94 -4.80
C MET A 200 -22.26 -23.06 -5.52
N LYS A 201 -21.98 -23.19 -6.82
CA LYS A 201 -22.49 -24.30 -7.62
C LYS A 201 -21.32 -24.88 -8.39
N PRO A 202 -20.93 -26.11 -8.06
CA PRO A 202 -19.83 -26.73 -8.76
C PRO A 202 -20.31 -27.28 -10.09
N SER A 203 -19.39 -27.71 -10.94
CA SER A 203 -19.80 -28.26 -12.22
C SER A 203 -20.73 -29.45 -11.96
N GLU A 204 -21.79 -29.55 -12.75
N GLU A 204 -21.79 -29.55 -12.75
CA GLU A 204 -22.76 -30.62 -12.54
CA GLU A 204 -22.76 -30.61 -12.55
C GLU A 204 -22.15 -32.00 -12.66
C GLU A 204 -22.16 -32.00 -12.67
N ILE A 205 -21.07 -32.14 -13.41
CA ILE A 205 -20.46 -33.45 -13.58
C ILE A 205 -19.43 -33.82 -12.56
N THR A 206 -18.97 -32.86 -11.75
CA THR A 206 -17.90 -33.08 -10.75
C THR A 206 -18.15 -32.40 -9.40
N PRO A 207 -19.18 -32.83 -8.66
CA PRO A 207 -19.53 -32.17 -7.40
C PRO A 207 -18.93 -32.76 -6.13
N LEU A 208 -18.22 -33.88 -6.24
CA LEU A 208 -17.88 -34.64 -5.05
C LEU A 208 -17.03 -33.96 -4.01
N THR A 209 -15.88 -33.40 -4.40
CA THR A 209 -15.02 -32.74 -3.44
C THR A 209 -15.63 -31.43 -2.90
N THR A 210 -16.55 -30.83 -3.66
CA THR A 210 -17.17 -29.59 -3.25
C THR A 210 -18.20 -29.93 -2.18
N ILE A 211 -18.94 -31.03 -2.36
CA ILE A 211 -19.80 -31.51 -1.31
C ILE A 211 -18.98 -31.76 -0.05
N ARG A 212 -17.85 -32.44 -0.20
CA ARG A 212 -17.01 -32.73 0.95
C ARG A 212 -16.49 -31.48 1.68
N VAL A 213 -16.02 -30.48 0.94
CA VAL A 213 -15.54 -29.26 1.60
C VAL A 213 -16.66 -28.53 2.34
N PHE A 214 -17.89 -28.58 1.82
CA PHE A 214 -19.01 -28.00 2.55
C PHE A 214 -19.26 -28.76 3.86
N GLU A 215 -19.14 -30.09 3.86
CA GLU A 215 -19.23 -30.85 5.11
C GLU A 215 -18.17 -30.35 6.09
N LEU A 216 -16.97 -30.12 5.59
CA LEU A 216 -15.88 -29.66 6.45
C LEU A 216 -16.09 -28.24 6.96
N MET A 217 -16.60 -27.36 6.12
CA MET A 217 -16.85 -25.98 6.54
C MET A 217 -17.95 -25.98 7.60
N GLU A 218 -18.94 -26.86 7.44
CA GLU A 218 -20.01 -26.98 8.41
C GLU A 218 -19.44 -27.37 9.76
N GLU A 219 -18.46 -28.25 9.79
CA GLU A 219 -17.81 -28.65 11.05
C GLU A 219 -17.11 -27.48 11.73
N VAL A 220 -16.49 -26.59 10.95
CA VAL A 220 -15.80 -25.41 11.50
C VAL A 220 -16.84 -24.52 12.14
N GLY A 221 -17.96 -24.34 11.44
CA GLY A 221 -19.07 -23.59 12.01
C GLY A 221 -19.17 -22.16 11.49
N PHE A 222 -20.23 -21.90 10.72
CA PHE A 222 -20.49 -20.57 10.19
C PHE A 222 -21.94 -20.23 10.43
N PRO A 223 -22.26 -18.95 10.55
CA PRO A 223 -23.66 -18.65 10.77
C PRO A 223 -24.53 -19.18 9.63
N LYS A 224 -25.74 -19.57 9.98
CA LYS A 224 -26.73 -20.06 9.03
C LYS A 224 -26.89 -19.12 7.84
N GLY A 225 -26.75 -19.66 6.63
CA GLY A 225 -26.88 -18.86 5.39
C GLY A 225 -25.63 -18.23 4.84
N THR A 226 -24.56 -18.20 5.63
CA THR A 226 -23.27 -17.64 5.19
C THR A 226 -22.69 -18.41 4.02
N ILE A 227 -22.82 -19.73 4.07
CA ILE A 227 -22.35 -20.61 2.98
C ILE A 227 -23.51 -21.48 2.47
N ASN A 228 -23.59 -21.63 1.15
CA ASN A 228 -24.66 -22.44 0.54
C ASN A 228 -24.10 -23.13 -0.67
N LEU A 229 -24.53 -24.38 -0.86
CA LEU A 229 -24.12 -25.21 -1.98
C LEU A 229 -25.34 -25.66 -2.78
N ILE A 230 -25.37 -25.28 -4.05
CA ILE A 230 -26.42 -25.68 -4.97
C ILE A 230 -25.78 -26.68 -5.91
N LEU A 231 -26.52 -27.73 -6.27
CA LEU A 231 -26.01 -28.75 -7.14
C LEU A 231 -26.88 -28.84 -8.39
N GLY A 232 -26.23 -28.94 -9.54
CA GLY A 232 -26.91 -29.25 -10.79
C GLY A 232 -26.61 -28.37 -11.97
N ALA A 233 -27.40 -28.57 -13.02
CA ALA A 233 -27.30 -27.97 -14.36
C ALA A 233 -27.20 -26.49 -14.43
N GLY A 234 -26.17 -26.01 -15.13
CA GLY A 234 -26.00 -24.57 -15.39
C GLY A 234 -27.22 -24.07 -16.16
N SER A 235 -27.75 -24.93 -17.02
CA SER A 235 -28.94 -24.59 -17.80
C SER A 235 -30.22 -24.39 -16.95
N GLU A 236 -30.25 -24.89 -15.72
N GLU A 236 -30.27 -24.88 -15.71
CA GLU A 236 -31.42 -24.73 -14.85
CA GLU A 236 -31.48 -24.70 -14.88
C GLU A 236 -31.32 -23.60 -13.79
C GLU A 236 -31.33 -23.59 -13.80
N VAL A 237 -30.17 -23.54 -13.12
CA VAL A 237 -29.95 -22.61 -11.98
C VAL A 237 -28.94 -21.50 -12.30
N GLY A 238 -28.24 -21.61 -13.43
CA GLY A 238 -27.22 -20.63 -13.80
C GLY A 238 -27.73 -19.23 -13.99
N ASP A 239 -28.88 -19.09 -14.65
CA ASP A 239 -29.46 -17.80 -14.87
C ASP A 239 -29.84 -17.10 -13.56
N VAL A 240 -30.35 -17.87 -12.60
CA VAL A 240 -30.72 -17.30 -11.31
C VAL A 240 -29.46 -16.84 -10.58
N MET A 241 -28.40 -17.65 -10.63
CA MET A 241 -27.18 -17.29 -9.91
C MET A 241 -26.46 -16.10 -10.48
N SER A 242 -26.64 -15.83 -11.78
CA SER A 242 -25.98 -14.68 -12.40
C SER A 242 -26.93 -13.48 -12.52
N GLY A 243 -28.23 -13.69 -12.44
CA GLY A 243 -29.19 -12.62 -12.69
C GLY A 243 -30.07 -12.17 -11.54
N HIS A 244 -29.88 -12.73 -10.36
CA HIS A 244 -30.72 -12.36 -9.22
C HIS A 244 -30.35 -10.98 -8.68
N LYS A 245 -31.38 -10.21 -8.31
CA LYS A 245 -31.14 -8.84 -7.83
C LYS A 245 -30.43 -8.75 -6.49
N GLU A 246 -30.45 -9.81 -5.71
CA GLU A 246 -29.78 -9.81 -4.40
C GLU A 246 -28.29 -10.16 -4.42
N VAL A 247 -27.77 -10.45 -5.60
CA VAL A 247 -26.35 -10.77 -5.76
C VAL A 247 -25.56 -9.49 -6.01
N ASP A 248 -24.42 -9.37 -5.34
CA ASP A 248 -23.51 -8.23 -5.50
C ASP A 248 -22.28 -8.54 -6.38
N LEU A 249 -21.90 -9.81 -6.48
CA LEU A 249 -20.80 -10.26 -7.33
C LEU A 249 -21.07 -11.68 -7.83
N VAL A 250 -20.90 -11.87 -9.14
CA VAL A 250 -20.92 -13.17 -9.75
C VAL A 250 -19.49 -13.53 -10.14
N SER A 251 -18.98 -14.64 -9.62
CA SER A 251 -17.63 -15.08 -9.95
C SER A 251 -17.71 -16.41 -10.66
N PHE A 252 -17.30 -16.43 -11.93
CA PHE A 252 -17.42 -17.61 -12.78
C PHE A 252 -16.11 -18.00 -13.41
N THR A 253 -15.80 -19.29 -13.33
CA THR A 253 -14.67 -19.88 -14.01
C THR A 253 -15.19 -20.98 -14.91
N GLY A 254 -14.84 -20.91 -16.20
CA GLY A 254 -15.36 -21.84 -17.17
C GLY A 254 -15.12 -21.42 -18.60
N SER A 255 -16.02 -21.86 -19.48
CA SER A 255 -15.86 -21.61 -20.91
C SER A 255 -16.24 -20.21 -21.30
N ILE A 256 -15.62 -19.73 -22.37
CA ILE A 256 -15.87 -18.39 -22.86
C ILE A 256 -17.35 -18.13 -23.21
N GLU A 257 -18.00 -19.07 -23.89
CA GLU A 257 -19.39 -18.85 -24.28
C GLU A 257 -20.29 -18.67 -23.06
N THR A 258 -20.10 -19.51 -22.06
CA THR A 258 -20.91 -19.43 -20.86
C THR A 258 -20.60 -18.14 -20.08
N GLY A 259 -19.31 -17.78 -20.02
CA GLY A 259 -18.90 -16.57 -19.33
C GLY A 259 -19.54 -15.33 -19.92
N LYS A 260 -19.62 -15.27 -21.24
CA LYS A 260 -20.27 -14.12 -21.88
C LYS A 260 -21.75 -14.04 -21.49
N HIS A 261 -22.41 -15.19 -21.49
CA HIS A 261 -23.83 -15.30 -21.14
C HIS A 261 -24.05 -14.81 -19.72
N ILE A 262 -23.19 -15.28 -18.84
CA ILE A 262 -23.24 -14.87 -17.45
C ILE A 262 -23.09 -13.35 -17.28
N MET A 263 -22.13 -12.77 -18.00
CA MET A 263 -21.91 -11.33 -17.91
C MET A 263 -23.11 -10.55 -18.41
N LYS A 264 -23.72 -11.01 -19.50
CA LYS A 264 -24.93 -10.35 -19.99
C LYS A 264 -26.07 -10.42 -18.98
N ASN A 265 -26.21 -11.57 -18.30
N ASN A 265 -26.20 -11.54 -18.30
CA ASN A 265 -27.26 -11.72 -17.28
CA ASN A 265 -27.20 -11.72 -17.27
C ASN A 265 -26.97 -10.80 -16.07
C ASN A 265 -26.96 -10.80 -16.08
N ALA A 266 -25.70 -10.72 -15.67
CA ALA A 266 -25.31 -9.89 -14.55
C ALA A 266 -25.61 -8.41 -14.83
N ALA A 267 -25.52 -8.02 -16.09
CA ALA A 267 -25.84 -6.66 -16.48
C ALA A 267 -27.25 -6.24 -16.11
N ASN A 268 -28.19 -7.20 -16.05
CA ASN A 268 -29.56 -6.86 -15.71
C ASN A 268 -29.73 -6.11 -14.38
N ASN A 269 -28.80 -6.34 -13.45
CA ASN A 269 -28.79 -5.67 -12.15
C ASN A 269 -27.48 -4.92 -11.91
N VAL A 270 -26.74 -4.66 -12.97
CA VAL A 270 -25.45 -3.94 -12.93
C VAL A 270 -24.56 -4.61 -11.88
N THR A 271 -24.54 -5.94 -11.91
CA THR A 271 -23.80 -6.71 -10.94
C THR A 271 -22.31 -6.88 -11.30
N ASN A 272 -21.45 -6.71 -10.32
CA ASN A 272 -20.02 -6.94 -10.53
C ASN A 272 -19.81 -8.35 -11.07
N ILE A 273 -18.89 -8.49 -12.03
N ILE A 273 -18.86 -8.48 -11.99
CA ILE A 273 -18.50 -9.82 -12.52
CA ILE A 273 -18.53 -9.77 -12.54
C ILE A 273 -17.01 -10.03 -12.45
C ILE A 273 -17.01 -10.03 -12.48
N ALA A 274 -16.65 -11.26 -12.11
CA ALA A 274 -15.26 -11.71 -12.14
C ALA A 274 -15.31 -12.98 -12.96
N LEU A 275 -14.54 -13.03 -14.05
CA LEU A 275 -14.53 -14.14 -14.95
C LEU A 275 -13.14 -14.66 -15.26
N GLU A 276 -13.00 -15.98 -15.27
N GLU A 276 -12.99 -15.99 -15.28
CA GLU A 276 -11.76 -16.62 -15.65
CA GLU A 276 -11.74 -16.62 -15.74
C GLU A 276 -12.17 -17.64 -16.68
C GLU A 276 -12.15 -17.66 -16.74
N LEU A 277 -11.80 -17.37 -17.91
N LEU A 277 -11.77 -17.43 -17.99
CA LEU A 277 -12.26 -18.14 -19.02
CA LEU A 277 -12.30 -18.18 -19.13
C LEU A 277 -10.99 -18.82 -19.49
C LEU A 277 -11.40 -19.00 -20.07
N GLY A 278 -10.96 -19.44 -20.64
N GLY A 278 -10.23 -19.45 -19.65
CA GLY A 278 -9.78 -20.16 -21.02
CA GLY A 278 -9.37 -20.25 -20.51
C GLY A 278 -8.64 -19.32 -21.55
C GLY A 278 -8.50 -19.35 -21.37
N GLY A 279 -7.78 -19.98 -22.29
CA GLY A 279 -6.74 -19.30 -23.02
C GLY A 279 -6.23 -20.12 -24.18
N LYS A 280 -5.39 -19.49 -24.97
CA LYS A 280 -4.65 -20.14 -26.06
C LYS A 280 -3.24 -19.75 -25.65
N ASN A 281 -2.68 -20.51 -24.71
CA ASN A 281 -1.45 -20.08 -24.02
C ASN A 281 -0.19 -20.47 -24.77
N PRO A 282 0.64 -19.49 -25.10
CA PRO A 282 1.84 -19.73 -25.86
C PRO A 282 3.01 -20.21 -25.01
N ASN A 283 3.79 -21.12 -25.59
CA ASN A 283 4.99 -21.67 -25.00
C ASN A 283 6.05 -21.35 -26.02
N ILE A 284 6.78 -20.27 -25.76
CA ILE A 284 7.77 -19.71 -26.67
C ILE A 284 9.16 -20.26 -26.37
N ILE A 285 9.73 -20.97 -27.34
CA ILE A 285 11.01 -21.61 -27.16
C ILE A 285 12.02 -21.04 -28.15
N PHE A 286 12.96 -20.28 -27.63
CA PHE A 286 14.01 -19.73 -28.42
C PHE A 286 15.10 -20.77 -28.69
N ASP A 287 15.90 -20.48 -29.72
CA ASP A 287 16.98 -21.42 -30.07
C ASP A 287 18.07 -21.47 -29.01
N ASP A 288 18.09 -20.51 -28.09
CA ASP A 288 19.08 -20.53 -27.00
C ASP A 288 18.48 -20.99 -25.67
N ALA A 289 17.29 -21.59 -25.74
CA ALA A 289 16.74 -22.29 -24.58
C ALA A 289 17.58 -23.50 -24.22
N ASP A 290 17.48 -23.92 -22.97
CA ASP A 290 18.00 -25.19 -22.51
C ASP A 290 17.08 -26.18 -23.21
N PHE A 291 17.60 -26.89 -24.19
CA PHE A 291 16.79 -27.70 -25.09
C PHE A 291 16.02 -28.81 -24.40
N GLU A 292 16.69 -29.63 -23.59
CA GLU A 292 15.96 -30.72 -22.94
C GLU A 292 14.95 -30.20 -21.90
N LEU A 293 15.24 -29.05 -21.30
CA LEU A 293 14.27 -28.40 -20.40
C LEU A 293 13.03 -27.96 -21.18
N ALA A 294 13.23 -27.38 -22.36
CA ALA A 294 12.11 -26.93 -23.19
C ALA A 294 11.28 -28.09 -23.68
N VAL A 295 11.90 -29.22 -24.00
CA VAL A 295 11.14 -30.39 -24.40
C VAL A 295 10.33 -30.90 -23.20
N ASP A 296 10.97 -31.05 -22.06
CA ASP A 296 10.28 -31.50 -20.86
C ASP A 296 9.07 -30.62 -20.55
N GLN A 297 9.29 -29.31 -20.56
CA GLN A 297 8.24 -28.38 -20.17
C GLN A 297 7.19 -28.20 -21.24
N ALA A 298 7.52 -28.51 -22.49
CA ALA A 298 6.52 -28.51 -23.56
C ALA A 298 5.54 -29.67 -23.32
N LEU A 299 6.07 -30.82 -22.90
CA LEU A 299 5.20 -31.97 -22.61
C LEU A 299 4.33 -31.63 -21.40
N ASN A 300 4.93 -31.06 -20.38
CA ASN A 300 4.20 -30.71 -19.16
C ASN A 300 3.12 -29.70 -19.46
N GLY A 301 3.48 -28.68 -20.25
CA GLY A 301 2.54 -27.64 -20.63
C GLY A 301 1.37 -28.21 -21.41
N GLY A 302 1.65 -29.16 -22.29
CA GLY A 302 0.62 -29.69 -23.16
C GLY A 302 -0.28 -30.75 -22.57
N TYR A 303 0.27 -31.55 -21.67
CA TYR A 303 -0.39 -32.83 -21.31
C TYR A 303 -0.76 -33.09 -19.84
N PHE A 304 -0.37 -32.22 -18.92
CA PHE A 304 -0.90 -32.34 -17.56
C PHE A 304 -2.41 -32.25 -17.66
N HIS A 305 -3.08 -33.11 -16.88
CA HIS A 305 -4.55 -33.27 -16.87
C HIS A 305 -5.11 -33.43 -18.27
N ALA A 306 -4.37 -34.12 -19.13
CA ALA A 306 -4.78 -34.34 -20.53
C ALA A 306 -5.09 -33.02 -21.21
N GLY A 307 -4.31 -32.00 -20.86
CA GLY A 307 -4.47 -30.67 -21.48
C GLY A 307 -5.74 -29.90 -21.10
N GLN A 308 -6.48 -30.40 -20.11
CA GLN A 308 -7.72 -29.78 -19.63
C GLN A 308 -7.44 -28.74 -18.56
N VAL A 309 -6.63 -27.76 -18.92
CA VAL A 309 -6.13 -26.73 -18.02
C VAL A 309 -6.33 -25.42 -18.71
N SER A 311 -4.77 -22.76 -18.46
CA SER A 311 -3.44 -22.26 -18.85
C SER A 311 -2.55 -23.32 -19.55
N ALA A 312 -3.17 -24.37 -20.11
CA ALA A 312 -2.39 -25.40 -20.81
C ALA A 312 -1.57 -24.72 -21.90
N GLY A 313 -0.33 -25.19 -22.11
CA GLY A 313 0.52 -24.65 -23.18
C GLY A 313 0.25 -25.34 -24.53
N SER A 314 -0.91 -25.06 -25.10
CA SER A 314 -1.33 -25.72 -26.32
C SER A 314 -0.67 -25.15 -27.55
N ARG A 315 -0.12 -23.93 -27.47
CA ARG A 315 0.41 -23.26 -28.65
C ARG A 315 1.90 -23.09 -28.51
N ILE A 316 2.64 -24.05 -29.07
CA ILE A 316 4.08 -23.98 -28.99
C ILE A 316 4.60 -23.16 -30.15
N LEU A 317 5.46 -22.21 -29.83
CA LEU A 317 6.11 -21.36 -30.82
C LEU A 317 7.61 -21.60 -30.65
N VAL A 318 8.27 -22.13 -31.69
CA VAL A 318 9.68 -22.54 -31.60
C VAL A 318 10.51 -21.87 -32.68
N GLN A 319 11.71 -21.40 -32.30
CA GLN A 319 12.51 -20.67 -33.24
C GLN A 319 12.92 -21.61 -34.40
N ASN A 320 12.86 -21.08 -35.63
CA ASN A 320 13.03 -21.89 -36.84
C ASN A 320 14.27 -22.74 -36.91
N SER A 321 15.39 -22.20 -36.40
CA SER A 321 16.67 -22.90 -36.46
C SER A 321 16.72 -24.18 -35.63
N ILE A 322 15.83 -24.32 -34.63
CA ILE A 322 15.78 -25.56 -33.87
C ILE A 322 14.44 -26.30 -34.00
N LYS A 323 13.58 -25.82 -34.89
CA LYS A 323 12.24 -26.38 -35.02
C LYS A 323 12.23 -27.84 -35.37
N ASP A 324 13.01 -28.25 -36.34
CA ASP A 324 13.01 -29.67 -36.76
C ASP A 324 13.49 -30.60 -35.63
N LYS A 325 14.56 -30.19 -34.97
CA LYS A 325 15.09 -30.91 -33.84
C LYS A 325 14.05 -31.01 -32.72
N PHE A 326 13.41 -29.87 -32.44
CA PHE A 326 12.40 -29.82 -31.41
C PHE A 326 11.22 -30.76 -31.72
N GLU A 327 10.67 -30.67 -32.93
CA GLU A 327 9.51 -31.50 -33.29
C GLU A 327 9.84 -32.98 -33.17
N GLN A 328 11.01 -33.39 -33.62
CA GLN A 328 11.40 -34.81 -33.53
C GLN A 328 11.51 -35.25 -32.08
N ALA A 329 12.12 -34.43 -31.25
CA ALA A 329 12.28 -34.75 -29.84
C ALA A 329 10.92 -34.81 -29.12
N LEU A 330 10.03 -33.88 -29.43
CA LEU A 330 8.73 -33.82 -28.79
C LEU A 330 7.88 -35.04 -29.17
N ILE A 331 7.80 -35.29 -30.47
CA ILE A 331 7.04 -36.43 -30.99
C ILE A 331 7.52 -37.76 -30.40
N ASP A 332 8.83 -37.96 -30.38
CA ASP A 332 9.38 -39.17 -29.81
C ASP A 332 8.94 -39.35 -28.34
N ARG A 333 8.90 -38.25 -27.57
CA ARG A 333 8.49 -38.34 -26.18
C ARG A 333 6.98 -38.58 -26.06
N VAL A 334 6.20 -37.95 -26.93
CA VAL A 334 4.75 -38.08 -26.85
C VAL A 334 4.34 -39.54 -27.06
N LYS A 335 5.05 -40.26 -27.92
CA LYS A 335 4.80 -41.70 -28.15
C LYS A 335 4.96 -42.55 -26.90
N LYS A 336 5.73 -42.07 -25.93
CA LYS A 336 5.98 -42.82 -24.70
C LYS A 336 5.08 -42.47 -23.51
N ILE A 337 4.23 -41.47 -23.66
CA ILE A 337 3.38 -41.04 -22.54
C ILE A 337 2.49 -42.19 -22.10
N LYS A 338 2.46 -42.46 -20.80
CA LYS A 338 1.66 -43.58 -20.25
C LYS A 338 0.26 -43.20 -19.85
N LEU A 339 -0.71 -43.73 -20.56
CA LEU A 339 -2.12 -43.49 -20.27
C LEU A 339 -2.66 -44.59 -19.37
N GLY A 340 -3.60 -44.22 -18.50
CA GLY A 340 -4.21 -45.21 -17.63
C GLY A 340 -5.01 -44.62 -16.49
N ASN A 341 -5.30 -45.48 -15.52
CA ASN A 341 -6.09 -45.15 -14.33
C ASN A 341 -5.30 -44.16 -13.47
N GLY A 342 -5.93 -43.06 -13.08
CA GLY A 342 -5.26 -42.09 -12.20
C GLY A 342 -4.82 -42.66 -10.86
N PHE A 343 -5.43 -43.75 -10.41
CA PHE A 343 -5.03 -44.39 -9.17
C PHE A 343 -3.79 -45.29 -9.31
N ASP A 344 -3.42 -45.64 -10.55
CA ASP A 344 -2.23 -46.45 -10.78
C ASP A 344 -1.02 -45.52 -10.81
N ALA A 345 -0.01 -45.86 -10.02
CA ALA A 345 1.15 -44.98 -9.89
C ALA A 345 1.91 -44.72 -11.19
N ASP A 346 1.88 -45.66 -12.12
CA ASP A 346 2.62 -45.50 -13.39
C ASP A 346 1.93 -44.59 -14.40
N THR A 347 0.65 -44.30 -14.18
CA THR A 347 -0.08 -43.43 -15.09
C THR A 347 0.51 -42.00 -15.10
N GLU A 348 0.73 -41.47 -16.29
CA GLU A 348 1.22 -40.12 -16.49
C GLU A 348 0.11 -39.22 -16.99
N MET A 349 -0.91 -39.79 -17.65
CA MET A 349 -2.01 -38.98 -18.17
C MET A 349 -3.28 -39.82 -18.12
N GLY A 350 -4.31 -39.24 -17.51
CA GLY A 350 -5.58 -39.89 -17.41
C GLY A 350 -6.48 -39.62 -18.60
N PRO A 351 -7.77 -39.95 -18.47
CA PRO A 351 -8.74 -39.72 -19.54
C PRO A 351 -9.21 -38.26 -19.55
N VAL A 352 -9.99 -37.91 -20.57
CA VAL A 352 -10.64 -36.62 -20.62
C VAL A 352 -11.99 -36.80 -19.87
N ILE A 353 -12.66 -35.69 -19.62
CA ILE A 353 -13.71 -35.67 -18.60
C ILE A 353 -15.05 -36.33 -18.94
N SER A 354 -15.47 -36.29 -20.19
CA SER A 354 -16.79 -36.75 -20.59
C SER A 354 -16.86 -37.14 -22.07
N THR A 355 -17.93 -37.84 -22.44
CA THR A 355 -18.13 -38.26 -23.82
C THR A 355 -18.24 -37.03 -24.72
N GLU A 356 -18.99 -36.04 -24.25
N GLU A 356 -18.99 -36.04 -24.25
CA GLU A 356 -19.19 -34.80 -25.01
CA GLU A 356 -19.19 -34.79 -25.01
C GLU A 356 -17.86 -34.08 -25.23
C GLU A 356 -17.86 -34.08 -25.23
N HIS A 357 -17.03 -34.03 -24.20
CA HIS A 357 -15.76 -33.36 -24.32
C HIS A 357 -14.81 -34.09 -25.27
N ARG A 358 -14.74 -35.41 -25.15
CA ARG A 358 -13.91 -36.18 -26.07
C ARG A 358 -14.39 -36.04 -27.51
N ASN A 359 -15.70 -36.05 -27.72
CA ASN A 359 -16.23 -35.86 -29.05
C ASN A 359 -15.80 -34.50 -29.62
N LYS A 360 -15.85 -33.46 -28.79
CA LYS A 360 -15.42 -32.13 -29.22
C LYS A 360 -13.95 -32.16 -29.65
N ILE A 361 -13.12 -32.82 -28.86
CA ILE A 361 -11.68 -32.93 -29.19
C ILE A 361 -11.52 -33.67 -30.52
N GLU A 362 -12.23 -34.78 -30.66
CA GLU A 362 -12.17 -35.55 -31.90
C GLU A 362 -12.56 -34.70 -33.11
N SER A 363 -13.61 -33.90 -32.96
CA SER A 363 -14.07 -33.07 -34.08
C SER A 363 -13.00 -32.06 -34.50
N TYR A 364 -12.18 -31.63 -33.54
CA TYR A 364 -11.09 -30.70 -33.91
C TYR A 364 -10.01 -31.34 -34.77
N MET A 365 -9.82 -32.64 -34.64
CA MET A 365 -8.84 -33.32 -35.48
C MET A 365 -9.25 -33.22 -36.95
N ASP A 366 -10.55 -33.40 -37.20
CA ASP A 366 -11.12 -33.30 -38.55
C ASP A 366 -10.91 -31.89 -39.08
N VAL A 367 -11.21 -30.90 -38.23
CA VAL A 367 -11.02 -29.50 -38.60
C VAL A 367 -9.56 -29.26 -38.98
N ALA A 368 -8.63 -29.73 -38.14
CA ALA A 368 -7.22 -29.50 -38.38
C ALA A 368 -6.75 -30.07 -39.73
N LYS A 369 -7.14 -31.30 -40.02
CA LYS A 369 -6.74 -31.91 -41.30
C LYS A 369 -7.36 -31.17 -42.48
N ALA A 370 -8.65 -30.85 -42.38
CA ALA A 370 -9.34 -30.13 -43.43
C ALA A 370 -8.72 -28.75 -43.76
N GLU A 371 -8.16 -28.07 -42.75
N GLU A 371 -8.16 -28.07 -42.75
CA GLU A 371 -7.54 -26.76 -43.03
CA GLU A 371 -7.54 -26.76 -43.03
C GLU A 371 -6.06 -26.88 -43.39
C GLU A 371 -6.06 -26.88 -43.39
N GLY A 372 -5.56 -28.11 -43.48
CA GLY A 372 -4.19 -28.34 -43.95
C GLY A 372 -3.10 -28.60 -42.97
N ALA A 373 -3.45 -28.83 -41.71
CA ALA A 373 -2.44 -29.14 -40.71
C ALA A 373 -2.16 -30.63 -40.72
N THR A 374 -1.05 -31.02 -40.11
CA THR A 374 -0.62 -32.41 -40.03
C THR A 374 -0.76 -32.95 -38.61
N ILE A 375 -1.40 -34.12 -38.47
N ILE A 375 -1.39 -34.13 -38.46
CA ILE A 375 -1.47 -34.78 -37.17
CA ILE A 375 -1.45 -34.78 -37.16
C ILE A 375 -0.19 -35.62 -37.13
C ILE A 375 -0.18 -35.62 -37.12
N ALA A 376 0.85 -35.10 -36.48
CA ALA A 376 2.15 -35.75 -36.47
C ALA A 376 2.18 -37.01 -35.60
N VAL A 377 1.37 -37.02 -34.56
CA VAL A 377 1.27 -38.17 -33.67
C VAL A 377 -0.03 -38.04 -32.88
N GLY A 378 -0.63 -39.17 -32.50
CA GLY A 378 -1.84 -39.14 -31.71
C GLY A 378 -3.08 -38.87 -32.57
N GLY A 379 -4.00 -38.08 -32.04
CA GLY A 379 -5.18 -37.68 -32.79
C GLY A 379 -6.31 -38.68 -32.85
N LYS A 380 -6.31 -39.66 -31.94
CA LYS A 380 -7.36 -40.64 -31.88
C LYS A 380 -7.43 -41.26 -30.49
N ARG A 381 -8.44 -42.08 -30.27
CA ARG A 381 -8.58 -42.83 -29.01
C ARG A 381 -7.58 -43.96 -29.05
N PRO A 382 -7.01 -44.30 -27.90
CA PRO A 382 -6.06 -45.41 -27.86
C PRO A 382 -6.78 -46.74 -27.98
N ASP A 383 -6.09 -47.74 -28.51
N ASP A 383 -6.08 -47.73 -28.52
CA ASP A 383 -6.66 -49.07 -28.76
CA ASP A 383 -6.65 -49.06 -28.79
C ASP A 383 -6.47 -50.06 -27.63
C ASP A 383 -6.44 -50.07 -27.65
N ARG A 384 -5.49 -49.82 -26.76
CA ARG A 384 -5.18 -50.77 -25.70
C ARG A 384 -6.43 -51.17 -24.93
N ASP A 385 -6.52 -52.47 -24.64
N ASP A 385 -6.51 -52.46 -24.63
CA ASP A 385 -7.69 -53.07 -24.00
CA ASP A 385 -7.69 -53.05 -24.00
C ASP A 385 -8.12 -52.44 -22.65
C ASP A 385 -8.12 -52.44 -22.66
N ASP A 386 -7.17 -52.14 -21.79
CA ASP A 386 -7.51 -51.52 -20.48
C ASP A 386 -7.96 -50.06 -20.59
N LEU A 387 -7.85 -49.47 -21.77
CA LEU A 387 -8.29 -48.10 -21.98
C LEU A 387 -9.64 -48.02 -22.71
N LYS A 388 -10.14 -49.14 -23.24
CA LYS A 388 -11.35 -49.07 -24.05
C LYS A 388 -12.60 -48.63 -23.35
N ASP A 389 -12.73 -48.89 -22.06
CA ASP A 389 -13.94 -48.46 -21.35
C ASP A 389 -13.92 -47.01 -20.88
N GLY A 390 -12.74 -46.38 -20.92
CA GLY A 390 -12.56 -45.01 -20.46
C GLY A 390 -12.58 -43.99 -21.56
N LEU A 391 -12.58 -42.72 -21.15
CA LEU A 391 -12.68 -41.60 -22.07
C LEU A 391 -11.30 -41.10 -22.44
N PHE A 392 -10.48 -42.01 -22.96
CA PHE A 392 -9.12 -41.67 -23.30
C PHE A 392 -9.00 -41.10 -24.69
N PHE A 393 -7.99 -40.25 -24.84
CA PHE A 393 -7.63 -39.65 -26.12
C PHE A 393 -6.11 -39.49 -26.10
N GLU A 394 -5.47 -39.92 -27.18
CA GLU A 394 -4.03 -39.93 -27.25
C GLU A 394 -3.43 -38.54 -27.22
N PRO A 395 -2.29 -38.39 -26.56
CA PRO A 395 -1.59 -37.11 -26.62
C PRO A 395 -1.18 -36.87 -28.07
N THR A 396 -1.46 -35.66 -28.53
CA THR A 396 -1.38 -35.32 -29.92
C THR A 396 -0.49 -34.13 -30.20
N VAL A 397 0.26 -34.21 -31.30
CA VAL A 397 1.07 -33.08 -31.78
C VAL A 397 0.60 -32.75 -33.18
N ILE A 398 0.26 -31.49 -33.40
CA ILE A 398 -0.17 -31.00 -34.69
C ILE A 398 0.91 -30.08 -35.25
N THR A 399 1.39 -30.40 -36.44
CA THR A 399 2.44 -29.62 -37.08
C THR A 399 1.95 -29.01 -38.41
N ASN A 400 2.83 -28.22 -39.04
CA ASN A 400 2.53 -27.59 -40.32
C ASN A 400 1.23 -26.80 -40.26
N CYS A 401 1.15 -25.94 -39.25
CA CYS A 401 -0.03 -25.12 -39.08
C CYS A 401 0.38 -23.68 -39.00
N ASP A 402 -0.60 -22.78 -39.01
CA ASP A 402 -0.33 -21.37 -38.95
C ASP A 402 -1.47 -20.67 -38.22
N THR A 403 -1.20 -19.42 -37.86
CA THR A 403 -2.08 -18.62 -37.04
C THR A 403 -3.49 -18.39 -37.62
N SER A 404 -3.66 -18.56 -38.94
CA SER A 404 -4.99 -18.42 -39.55
C SER A 404 -5.93 -19.59 -39.24
N MET A 405 -5.39 -20.72 -38.79
CA MET A 405 -6.19 -21.90 -38.61
C MET A 405 -7.00 -21.96 -37.32
N ARG A 406 -8.18 -22.56 -37.42
CA ARG A 406 -9.02 -22.77 -36.24
C ARG A 406 -8.30 -23.57 -35.18
N ILE A 407 -7.54 -24.59 -35.60
CA ILE A 407 -6.86 -25.48 -34.64
C ILE A 407 -5.82 -24.71 -33.80
N VAL A 408 -5.26 -23.64 -34.36
CA VAL A 408 -4.32 -22.78 -33.63
C VAL A 408 -5.06 -21.73 -32.77
N GLN A 409 -6.08 -21.12 -33.33
CA GLN A 409 -6.82 -20.05 -32.63
C GLN A 409 -7.75 -20.48 -31.49
N GLU A 410 -8.35 -21.66 -31.60
CA GLU A 410 -9.38 -22.02 -30.66
C GLU A 410 -8.87 -22.93 -29.55
N GLU A 411 -9.46 -22.80 -28.38
CA GLU A 411 -9.08 -23.59 -27.22
C GLU A 411 -9.72 -24.97 -27.33
N VAL A 412 -8.91 -25.99 -27.58
CA VAL A 412 -9.38 -27.36 -27.69
C VAL A 412 -9.56 -27.98 -26.29
N PHE A 413 -8.70 -27.63 -25.36
CA PHE A 413 -8.86 -28.07 -23.96
C PHE A 413 -8.75 -29.59 -23.84
N GLY A 414 -7.81 -30.16 -24.59
CA GLY A 414 -7.57 -31.59 -24.64
C GLY A 414 -6.06 -31.82 -24.76
N PRO A 415 -5.64 -33.07 -24.86
CA PRO A 415 -4.19 -33.38 -24.88
C PRO A 415 -3.61 -33.20 -26.28
N VAL A 416 -3.60 -31.94 -26.68
CA VAL A 416 -3.26 -31.55 -28.01
C VAL A 416 -2.43 -30.28 -28.00
N VAL A 417 -1.33 -30.28 -28.75
CA VAL A 417 -0.54 -29.08 -28.94
C VAL A 417 -0.32 -28.84 -30.43
N THR A 418 -0.15 -27.56 -30.79
CA THR A 418 0.23 -27.19 -32.14
C THR A 418 1.67 -26.66 -32.04
N VAL A 419 2.41 -26.77 -33.14
CA VAL A 419 3.76 -26.24 -33.23
C VAL A 419 3.88 -25.31 -34.44
N GLU A 420 4.26 -24.06 -34.19
CA GLU A 420 4.53 -23.06 -35.22
C GLU A 420 5.95 -22.61 -35.04
N GLY A 421 6.61 -22.26 -36.14
CA GLY A 421 7.93 -21.68 -36.07
C GLY A 421 7.89 -20.16 -36.09
N PHE A 422 8.96 -19.54 -35.62
CA PHE A 422 9.12 -18.10 -35.75
C PHE A 422 10.58 -17.81 -36.02
N GLU A 423 10.85 -16.68 -36.65
CA GLU A 423 12.22 -16.34 -37.01
C GLU A 423 12.87 -15.44 -35.96
N THR A 424 12.17 -14.39 -35.56
CA THR A 424 12.73 -13.37 -34.69
C THR A 424 11.92 -13.21 -33.43
N GLU A 425 12.53 -12.55 -32.46
CA GLU A 425 11.89 -12.19 -31.21
C GLU A 425 10.60 -11.41 -31.50
N GLN A 426 10.65 -10.48 -32.44
CA GLN A 426 9.48 -9.68 -32.80
C GLN A 426 8.35 -10.57 -33.34
N GLU A 427 8.69 -11.54 -34.18
CA GLU A 427 7.69 -12.45 -34.73
C GLU A 427 7.10 -13.35 -33.63
N ALA A 428 7.90 -13.81 -32.67
CA ALA A 428 7.39 -14.64 -31.59
C ALA A 428 6.32 -13.90 -30.81
N ILE A 429 6.59 -12.62 -30.53
CA ILE A 429 5.67 -11.76 -29.77
C ILE A 429 4.37 -11.54 -30.54
N GLN A 430 4.50 -11.22 -31.81
CA GLN A 430 3.34 -11.02 -32.70
C GLN A 430 2.46 -12.25 -32.75
N LEU A 431 3.05 -13.41 -32.97
CA LEU A 431 2.27 -14.65 -33.05
C LEU A 431 1.62 -14.97 -31.71
N ALA A 432 2.39 -14.84 -30.63
CA ALA A 432 1.90 -15.17 -29.30
C ALA A 432 0.71 -14.32 -28.92
N ASN A 433 0.73 -13.05 -29.27
CA ASN A 433 -0.38 -12.15 -28.98
C ASN A 433 -1.53 -12.23 -30.02
N ASP A 434 -1.34 -13.02 -31.07
CA ASP A 434 -2.35 -13.12 -32.14
C ASP A 434 -3.35 -14.21 -31.79
N SER A 435 -4.16 -13.88 -30.79
CA SER A 435 -5.30 -14.69 -30.35
C SER A 435 -6.25 -13.79 -29.61
N ILE A 436 -7.46 -14.28 -29.38
CA ILE A 436 -8.42 -13.51 -28.62
C ILE A 436 -8.18 -13.61 -27.10
N TYR A 437 -7.28 -14.49 -26.70
N TYR A 437 -7.28 -14.49 -26.70
N TYR A 437 -7.28 -14.49 -26.70
CA TYR A 437 -7.03 -14.79 -25.30
CA TYR A 437 -7.03 -14.79 -25.30
CA TYR A 437 -7.03 -14.79 -25.30
C TYR A 437 -5.85 -14.05 -24.68
C TYR A 437 -5.85 -14.05 -24.68
C TYR A 437 -5.85 -14.05 -24.68
N GLY A 438 -5.64 -14.22 -23.38
CA GLY A 438 -4.54 -13.55 -22.69
C GLY A 438 -4.34 -14.03 -21.25
N LEU A 439 -4.38 -15.34 -21.03
CA LEU A 439 -4.30 -15.86 -19.68
C LEU A 439 -2.85 -16.06 -19.15
N ALA A 440 -2.08 -16.89 -19.85
CA ALA A 440 -0.75 -17.22 -19.40
C ALA A 440 0.11 -17.70 -20.54
N GLY A 441 1.42 -17.71 -20.29
CA GLY A 441 2.34 -18.20 -21.26
C GLY A 441 3.74 -18.25 -20.74
N ALA A 442 4.65 -18.84 -21.51
CA ALA A 442 6.05 -18.98 -21.11
C ALA A 442 7.04 -18.58 -22.19
N VAL A 443 8.23 -18.21 -21.73
CA VAL A 443 9.34 -17.94 -22.61
C VAL A 443 10.52 -18.75 -22.09
N PHE A 444 11.10 -19.55 -22.96
CA PHE A 444 12.29 -20.37 -22.64
C PHE A 444 13.47 -19.82 -23.42
N SER A 445 14.49 -19.35 -22.68
CA SER A 445 15.70 -18.84 -23.24
C SER A 445 16.71 -18.70 -22.12
N LYS A 446 17.97 -19.02 -22.41
CA LYS A 446 19.02 -18.81 -21.42
C LYS A 446 19.34 -17.33 -21.35
N ASP A 447 18.94 -16.56 -22.36
CA ASP A 447 19.18 -15.08 -22.38
C ASP A 447 18.04 -14.47 -21.60
N ILE A 448 18.26 -14.23 -20.30
CA ILE A 448 17.20 -13.74 -19.41
C ILE A 448 16.72 -12.34 -19.81
N GLY A 449 17.65 -11.48 -20.24
CA GLY A 449 17.30 -10.15 -20.73
C GLY A 449 16.29 -10.24 -21.87
N LYS A 450 16.52 -11.13 -22.80
CA LYS A 450 15.60 -11.34 -23.93
C LYS A 450 14.26 -11.88 -23.44
N ALA A 451 14.29 -12.84 -22.53
CA ALA A 451 13.07 -13.40 -22.01
C ALA A 451 12.23 -12.30 -21.31
N GLN A 452 12.89 -11.41 -20.57
N GLN A 452 12.88 -11.40 -20.56
CA GLN A 452 12.22 -10.30 -19.89
CA GLN A 452 12.19 -10.28 -19.88
C GLN A 452 11.61 -9.32 -20.89
C GLN A 452 11.59 -9.32 -20.90
N ARG A 453 12.32 -9.03 -21.98
CA ARG A 453 11.81 -8.14 -23.03
C ARG A 453 10.53 -8.72 -23.63
N VAL A 454 10.57 -10.00 -23.91
CA VAL A 454 9.41 -10.70 -24.46
C VAL A 454 8.26 -10.71 -23.45
N ALA A 455 8.55 -11.07 -22.21
CA ALA A 455 7.55 -11.10 -21.14
C ALA A 455 6.82 -9.76 -21.02
N ASN A 456 7.55 -8.67 -21.14
N ASN A 456 7.56 -8.67 -21.13
CA ASN A 456 6.93 -7.35 -21.04
CA ASN A 456 6.97 -7.35 -21.03
C ASN A 456 5.95 -7.03 -22.16
C ASN A 456 5.96 -7.03 -22.16
N LYS A 457 6.13 -7.66 -23.31
CA LYS A 457 5.27 -7.40 -24.48
C LYS A 457 4.12 -8.39 -24.65
N LEU A 458 4.13 -9.50 -23.95
CA LEU A 458 3.03 -10.46 -24.07
C LEU A 458 1.83 -9.98 -23.27
N LYS A 459 0.66 -9.99 -23.90
CA LYS A 459 -0.58 -9.58 -23.26
C LYS A 459 -1.18 -10.78 -22.55
N LEU A 460 -0.60 -11.08 -21.39
CA LEU A 460 -0.94 -12.26 -20.61
C LEU A 460 -0.89 -11.93 -19.13
N GLY A 461 -1.83 -12.46 -18.37
CA GLY A 461 -1.90 -12.23 -16.92
C GLY A 461 -0.72 -12.79 -16.14
N THR A 462 -0.18 -13.91 -16.62
CA THR A 462 0.99 -14.54 -16.01
C THR A 462 1.97 -14.94 -17.11
N VAL A 463 3.23 -14.61 -16.92
CA VAL A 463 4.29 -15.02 -17.84
C VAL A 463 5.36 -15.72 -17.04
N TRP A 464 5.69 -16.94 -17.44
CA TRP A 464 6.76 -17.70 -16.84
C TRP A 464 8.01 -17.60 -17.71
N ILE A 465 9.15 -17.34 -17.07
CA ILE A 465 10.43 -17.36 -17.73
C ILE A 465 11.12 -18.64 -17.30
N ASN A 466 11.39 -19.49 -18.27
CA ASN A 466 11.99 -20.81 -18.02
C ASN A 466 11.25 -21.70 -17.05
N ASP A 467 9.93 -21.69 -17.17
CA ASP A 467 9.07 -22.57 -16.39
C ASP A 467 7.73 -22.65 -17.12
N PHE A 468 6.88 -23.57 -16.67
CA PHE A 468 5.50 -23.63 -17.20
C PHE A 468 4.63 -24.18 -16.09
N HIS A 469 3.49 -23.50 -15.84
CA HIS A 469 2.41 -23.86 -14.92
C HIS A 469 2.35 -23.19 -13.52
N PRO A 470 3.46 -22.71 -12.96
CA PRO A 470 3.31 -22.29 -11.58
C PRO A 470 2.39 -21.11 -11.25
N TYR A 471 1.53 -21.32 -10.24
N TYR A 471 1.59 -21.28 -10.21
CA TYR A 471 0.64 -20.31 -9.69
CA TYR A 471 0.76 -20.20 -9.69
C TYR A 471 0.69 -20.50 -8.17
C TYR A 471 0.76 -20.45 -8.18
N PHE A 472 0.36 -19.45 -7.42
CA PHE A 472 0.33 -19.55 -6.00
C PHE A 472 -0.52 -18.42 -5.43
N ALA A 473 -1.02 -18.66 -4.22
CA ALA A 473 -1.94 -17.75 -3.56
C ALA A 473 -1.38 -16.31 -3.40
N GLN A 474 -0.06 -16.20 -3.32
CA GLN A 474 0.54 -14.90 -3.10
C GLN A 474 0.45 -13.93 -4.29
N ALA A 475 0.17 -14.43 -5.48
CA ALA A 475 0.16 -13.63 -6.68
C ALA A 475 -1.14 -13.73 -7.48
N PRO A 476 -1.62 -12.59 -8.01
CA PRO A 476 -2.87 -12.63 -8.77
C PRO A 476 -2.79 -13.38 -10.09
N TRP A 477 -3.90 -13.96 -10.47
CA TRP A 477 -4.05 -14.82 -11.65
C TRP A 477 -5.29 -14.40 -12.40
N GLY A 478 -5.18 -14.22 -13.70
CA GLY A 478 -6.32 -13.87 -14.50
C GLY A 478 -5.95 -13.42 -15.89
N GLY A 479 -6.94 -13.07 -16.67
CA GLY A 479 -6.64 -12.87 -18.09
C GLY A 479 -6.80 -11.50 -18.68
N TYR A 480 -5.94 -11.17 -19.65
CA TYR A 480 -6.15 -10.04 -20.51
C TYR A 480 -7.17 -10.49 -21.56
N LYS A 481 -7.77 -9.53 -22.25
CA LYS A 481 -8.61 -9.80 -23.41
C LYS A 481 -9.77 -10.77 -23.08
N GLN A 482 -10.01 -11.77 -23.90
CA GLN A 482 -11.16 -12.64 -23.69
C GLN A 482 -10.93 -13.76 -22.69
N SER A 483 -9.77 -13.75 -22.04
CA SER A 483 -9.50 -14.73 -20.99
C SER A 483 -10.16 -14.40 -19.67
N GLY A 484 -10.69 -13.19 -19.52
CA GLY A 484 -11.45 -12.88 -18.32
C GLY A 484 -11.60 -11.44 -17.96
N ILE A 485 -12.16 -11.24 -16.76
CA ILE A 485 -12.33 -9.92 -16.15
C ILE A 485 -11.97 -10.13 -14.68
N GLY A 486 -11.05 -9.32 -14.19
CA GLY A 486 -10.66 -9.41 -12.78
C GLY A 486 -9.53 -10.36 -12.50
N ARG A 487 -9.27 -10.57 -11.19
CA ARG A 487 -8.22 -11.47 -10.76
C ARG A 487 -8.67 -12.33 -9.61
N GLU A 488 -8.07 -13.50 -9.54
CA GLU A 488 -8.21 -14.39 -8.38
C GLU A 488 -6.80 -14.54 -7.79
N LEU A 489 -6.77 -14.85 -6.52
CA LEU A 489 -5.52 -15.01 -5.74
C LEU A 489 -4.85 -13.67 -5.48
N GLY A 490 -3.95 -13.65 -4.50
CA GLY A 490 -3.27 -12.45 -4.14
C GLY A 490 -4.17 -11.41 -3.49
N LYS A 491 -3.60 -10.25 -3.21
N LYS A 491 -3.60 -10.25 -3.21
CA LYS A 491 -4.35 -9.15 -2.63
CA LYS A 491 -4.36 -9.16 -2.63
C LYS A 491 -5.43 -8.69 -3.59
C LYS A 491 -5.43 -8.69 -3.59
N GLU A 492 -5.14 -8.71 -4.90
CA GLU A 492 -6.15 -8.34 -5.89
C GLU A 492 -7.35 -9.27 -5.91
N GLY A 493 -7.10 -10.54 -5.68
CA GLY A 493 -8.14 -11.54 -5.55
C GLY A 493 -9.07 -11.22 -4.39
N LEU A 494 -8.50 -10.87 -3.24
CA LEU A 494 -9.29 -10.44 -2.09
C LEU A 494 -10.16 -9.21 -2.39
N GLU A 495 -9.61 -8.27 -3.15
N GLU A 495 -9.61 -8.27 -3.15
CA GLU A 495 -10.29 -7.02 -3.50
CA GLU A 495 -10.31 -7.03 -3.50
C GLU A 495 -11.58 -7.21 -4.30
C GLU A 495 -11.58 -7.21 -4.29
N GLU A 496 -11.70 -8.31 -5.04
CA GLU A 496 -12.96 -8.59 -5.76
C GLU A 496 -14.09 -8.72 -4.73
N TYR A 497 -13.76 -9.19 -3.53
CA TYR A 497 -14.76 -9.43 -2.50
C TYR A 497 -14.97 -8.26 -1.51
N LEU A 498 -14.42 -7.10 -1.84
CA LEU A 498 -14.58 -5.90 -1.05
C LEU A 498 -15.23 -4.79 -1.87
N VAL A 499 -15.83 -3.83 -1.18
CA VAL A 499 -16.37 -2.63 -1.79
C VAL A 499 -15.89 -1.44 -0.97
N SER A 500 -15.57 -0.34 -1.64
CA SER A 500 -15.13 0.90 -0.99
C SER A 500 -16.25 1.87 -0.67
N LYS A 501 -16.25 2.42 0.54
CA LYS A 501 -17.19 3.46 0.93
C LYS A 501 -16.40 4.67 1.44
N HIS A 502 -16.63 5.83 0.82
CA HIS A 502 -16.03 7.08 1.25
C HIS A 502 -16.94 7.74 2.26
N ILE A 503 -16.49 7.86 3.52
CA ILE A 503 -17.26 8.54 4.56
C ILE A 503 -16.57 9.87 4.81
N LEU A 504 -17.28 10.96 4.51
N LEU A 504 -17.28 10.96 4.51
CA LEU A 504 -16.76 12.31 4.64
CA LEU A 504 -16.77 12.31 4.63
C LEU A 504 -17.55 13.05 5.70
C LEU A 504 -17.55 13.05 5.70
N THR A 505 -16.87 13.43 6.77
CA THR A 505 -17.48 14.15 7.87
C THR A 505 -17.08 15.62 7.84
N ASN A 506 -18.06 16.50 7.82
CA ASN A 506 -17.78 17.92 7.88
C ASN A 506 -17.72 18.26 9.35
N THR A 507 -16.53 18.57 9.84
CA THR A 507 -16.36 18.81 11.28
C THR A 507 -16.63 20.23 11.74
N ASN A 508 -16.98 21.11 10.82
CA ASN A 508 -17.37 22.47 11.20
C ASN A 508 -18.40 22.96 10.18
N PRO A 509 -19.57 22.33 10.17
CA PRO A 509 -20.51 22.62 9.08
C PRO A 509 -21.10 24.02 9.18
N GLN A 510 -21.13 24.71 8.05
CA GLN A 510 -21.67 26.06 7.98
C GLN A 510 -22.72 26.13 6.90
N LEU A 511 -23.68 27.04 7.03
CA LEU A 511 -24.67 27.21 5.99
C LEU A 511 -23.98 27.67 4.73
N VAL A 512 -24.43 27.15 3.60
CA VAL A 512 -23.89 27.56 2.32
C VAL A 512 -24.56 28.85 1.85
N ASN A 513 -25.85 29.02 2.15
CA ASN A 513 -26.61 30.23 1.75
C ASN A 513 -26.57 30.51 0.26
N TRP A 514 -26.69 29.46 -0.53
CA TRP A 514 -26.74 29.61 -1.99
C TRP A 514 -28.13 30.14 -2.37
N PHE A 515 -29.15 29.52 -1.80
CA PHE A 515 -30.54 29.84 -2.11
C PHE A 515 -31.08 30.94 -1.17
N SER A 516 -31.76 31.94 -1.74
CA SER A 516 -32.35 33.08 -1.02
C SER A 516 -33.16 32.69 0.22
N LYS A 517 -33.02 33.55 1.22
CA LYS A 517 -33.58 33.40 2.54
C LYS A 517 -34.78 34.34 2.69
N LEU B 25 -16.71 31.12 -29.01
CA LEU B 25 -17.26 30.22 -30.06
C LEU B 25 -16.75 30.52 -31.48
N LYS B 26 -16.33 31.76 -31.76
CA LYS B 26 -15.85 32.07 -33.10
C LYS B 26 -14.55 31.36 -33.47
N HIS B 27 -13.79 30.89 -32.47
CA HIS B 27 -12.54 30.17 -32.72
C HIS B 27 -12.61 28.68 -32.38
N LEU B 28 -13.71 28.23 -31.77
CA LEU B 28 -13.79 26.84 -31.35
C LEU B 28 -13.95 25.88 -32.53
N SER B 29 -13.24 24.75 -32.48
N SER B 29 -13.25 24.75 -32.48
CA SER B 29 -13.34 23.74 -33.54
CA SER B 29 -13.34 23.73 -33.51
C SER B 29 -14.77 23.19 -33.59
C SER B 29 -14.77 23.19 -33.59
N GLN B 30 -15.19 22.81 -34.79
CA GLN B 30 -16.51 22.25 -35.03
C GLN B 30 -16.41 20.77 -35.39
N ARG B 31 -15.20 20.22 -35.33
CA ARG B 31 -14.91 18.88 -35.81
C ARG B 31 -14.55 17.84 -34.76
N GLN B 32 -14.52 16.59 -35.22
CA GLN B 32 -14.03 15.48 -34.43
C GLN B 32 -12.50 15.53 -34.48
N TYR B 33 -11.85 14.76 -33.60
CA TYR B 33 -10.38 14.69 -33.57
C TYR B 33 -9.98 13.23 -33.60
N ILE B 34 -9.45 12.81 -34.74
CA ILE B 34 -9.15 11.41 -34.95
C ILE B 34 -7.74 11.27 -35.51
N ASP B 35 -6.95 10.48 -34.80
CA ASP B 35 -5.59 10.16 -35.22
C ASP B 35 -4.77 11.41 -35.55
N GLY B 36 -4.79 12.39 -34.66
CA GLY B 36 -4.00 13.61 -34.80
C GLY B 36 -4.53 14.70 -35.72
N GLU B 37 -5.73 14.51 -36.25
CA GLU B 37 -6.33 15.47 -37.16
C GLU B 37 -7.77 15.83 -36.79
N TRP B 38 -8.10 17.11 -36.96
CA TRP B 38 -9.46 17.59 -36.80
C TRP B 38 -10.15 17.23 -38.11
N VAL B 39 -11.20 16.45 -38.04
CA VAL B 39 -11.88 15.97 -39.23
C VAL B 39 -13.40 16.03 -39.10
N GLU B 40 -14.05 16.24 -40.24
N GLU B 40 -14.05 16.24 -40.24
CA GLU B 40 -15.50 16.26 -40.27
CA GLU B 40 -15.50 16.26 -40.27
C GLU B 40 -16.02 14.83 -40.12
C GLU B 40 -16.02 14.83 -40.12
N SER B 41 -17.33 14.70 -40.06
CA SER B 41 -17.95 13.39 -40.08
C SER B 41 -17.67 12.81 -41.46
N ALA B 42 -17.53 11.49 -41.53
CA ALA B 42 -17.33 10.81 -42.82
C ALA B 42 -18.44 11.15 -43.80
N ASN B 43 -19.65 11.42 -43.31
CA ASN B 43 -20.78 11.78 -44.23
C ASN B 43 -21.10 13.27 -44.23
N LYS B 44 -20.24 14.08 -43.61
CA LYS B 44 -20.43 15.52 -43.52
C LYS B 44 -21.63 15.99 -42.70
N ASN B 45 -22.29 15.09 -41.99
CA ASN B 45 -23.45 15.52 -41.24
C ASN B 45 -23.04 16.40 -40.07
N THR B 46 -23.96 17.26 -39.66
CA THR B 46 -23.73 18.11 -38.51
C THR B 46 -24.91 18.10 -37.56
N ARG B 47 -24.71 18.69 -36.39
CA ARG B 47 -25.73 18.80 -35.36
C ARG B 47 -25.70 20.20 -34.76
N ASP B 48 -26.86 20.76 -34.50
CA ASP B 48 -26.94 22.06 -33.85
C ASP B 48 -26.99 21.88 -32.34
N ILE B 49 -26.14 22.64 -31.66
CA ILE B 49 -26.05 22.62 -30.22
C ILE B 49 -26.84 23.80 -29.70
N ILE B 50 -27.60 23.56 -28.64
CA ILE B 50 -28.56 24.47 -28.11
C ILE B 50 -28.19 24.96 -26.73
N ASN B 51 -28.57 26.19 -26.42
CA ASN B 51 -28.46 26.77 -25.07
C ASN B 51 -29.84 26.59 -24.42
N PRO B 52 -29.91 25.82 -23.32
CA PRO B 52 -31.23 25.55 -22.70
C PRO B 52 -31.93 26.77 -22.12
N TYR B 53 -31.19 27.85 -21.85
CA TYR B 53 -31.79 29.06 -21.30
C TYR B 53 -32.77 29.72 -22.27
N ASN B 54 -32.46 29.68 -23.55
CA ASN B 54 -33.32 30.32 -24.55
C ASN B 54 -33.64 29.44 -25.76
N GLN B 55 -33.17 28.21 -25.73
CA GLN B 55 -33.38 27.23 -26.82
C GLN B 55 -32.84 27.72 -28.17
N GLU B 56 -31.87 28.62 -28.14
CA GLU B 56 -31.25 29.11 -29.36
C GLU B 56 -30.10 28.22 -29.75
N VAL B 57 -29.91 28.07 -31.05
CA VAL B 57 -28.76 27.35 -31.55
C VAL B 57 -27.53 28.21 -31.28
N ILE B 58 -26.53 27.65 -30.60
CA ILE B 58 -25.31 28.37 -30.28
C ILE B 58 -24.09 27.90 -31.06
N PHE B 59 -24.16 26.71 -31.67
CA PHE B 59 -23.02 26.20 -32.39
C PHE B 59 -23.45 25.01 -33.21
N THR B 60 -22.64 24.68 -34.20
CA THR B 60 -22.91 23.54 -35.07
C THR B 60 -21.66 22.71 -35.18
N VAL B 61 -21.78 21.40 -34.88
CA VAL B 61 -20.65 20.49 -34.90
C VAL B 61 -20.87 19.26 -35.79
N SER B 62 -19.77 18.58 -36.11
CA SER B 62 -19.84 17.35 -36.89
C SER B 62 -20.62 16.29 -36.12
N GLU B 63 -21.40 15.49 -36.86
CA GLU B 63 -22.15 14.38 -36.28
C GLU B 63 -21.53 13.14 -36.93
N GLY B 64 -20.59 12.50 -36.20
CA GLY B 64 -19.84 11.37 -36.69
C GLY B 64 -20.58 10.06 -36.96
N THR B 65 -19.94 9.19 -37.73
CA THR B 65 -20.52 7.91 -38.07
C THR B 65 -19.87 6.77 -37.29
N LYS B 66 -20.49 5.59 -37.36
CA LYS B 66 -19.88 4.41 -36.75
C LYS B 66 -18.50 4.09 -37.35
N GLU B 67 -18.30 4.41 -38.63
CA GLU B 67 -17.02 4.14 -39.26
C GLU B 67 -15.95 5.10 -38.70
N ASP B 68 -16.36 6.34 -38.39
CA ASP B 68 -15.45 7.29 -37.76
C ASP B 68 -15.00 6.71 -36.40
N ALA B 69 -15.97 6.19 -35.63
CA ALA B 69 -15.66 5.61 -34.31
C ALA B 69 -14.70 4.43 -34.46
N GLU B 70 -14.95 3.56 -35.43
N GLU B 70 -14.96 3.56 -35.44
CA GLU B 70 -14.05 2.42 -35.68
CA GLU B 70 -14.06 2.43 -35.67
C GLU B 70 -12.66 2.90 -36.04
C GLU B 70 -12.66 2.91 -36.04
N ARG B 71 -12.56 3.93 -36.89
CA ARG B 71 -11.23 4.44 -37.28
C ARG B 71 -10.47 4.98 -36.06
N ALA B 72 -11.19 5.65 -35.17
CA ALA B 72 -10.58 6.20 -33.96
C ALA B 72 -10.08 5.08 -33.07
N ILE B 73 -10.88 4.04 -32.90
CA ILE B 73 -10.45 2.88 -32.08
C ILE B 73 -9.22 2.21 -32.68
N LEU B 74 -9.21 2.01 -33.99
CA LEU B 74 -8.03 1.41 -34.63
C LEU B 74 -6.80 2.29 -34.51
N ALA B 75 -6.98 3.61 -34.55
CA ALA B 75 -5.88 4.56 -34.39
C ALA B 75 -5.34 4.48 -32.95
N ALA B 76 -6.25 4.41 -32.00
CA ALA B 76 -5.87 4.24 -30.59
C ALA B 76 -5.11 2.93 -30.35
N ARG B 77 -5.56 1.84 -30.96
CA ARG B 77 -4.82 0.58 -30.90
C ARG B 77 -3.40 0.70 -31.53
N ARG B 78 -3.30 1.30 -32.71
CA ARG B 78 -2.00 1.44 -33.38
C ARG B 78 -1.06 2.27 -32.51
N ALA B 79 -1.57 3.37 -31.96
CA ALA B 79 -0.77 4.23 -31.07
C ALA B 79 -0.35 3.46 -29.84
N PHE B 80 -1.27 2.70 -29.25
CA PHE B 80 -0.91 1.89 -28.08
C PHE B 80 0.24 0.94 -28.39
N GLU B 81 0.13 0.21 -29.48
CA GLU B 81 1.12 -0.78 -29.86
C GLU B 81 2.47 -0.14 -30.25
N SER B 82 2.46 1.11 -30.72
CA SER B 82 3.71 1.81 -31.10
C SER B 82 4.55 2.07 -29.85
N GLY B 83 3.90 2.18 -28.71
CA GLY B 83 4.55 2.43 -27.45
C GLY B 83 4.97 3.87 -27.19
N GLU B 84 4.69 4.79 -28.12
CA GLU B 84 5.13 6.18 -27.94
C GLU B 84 4.58 6.82 -26.64
N TRP B 85 3.37 6.45 -26.25
CA TRP B 85 2.80 6.92 -24.98
C TRP B 85 2.82 5.83 -23.91
N SER B 86 2.46 4.62 -24.28
CA SER B 86 2.39 3.50 -23.32
C SER B 86 3.75 3.11 -22.74
N GLN B 87 4.85 3.39 -23.45
CA GLN B 87 6.20 3.10 -22.95
C GLN B 87 6.97 4.37 -22.58
N GLU B 88 6.32 5.53 -22.63
CA GLU B 88 6.89 6.75 -22.15
C GLU B 88 7.09 6.56 -20.63
N THR B 89 8.04 7.25 -20.02
CA THR B 89 8.24 7.12 -18.55
C THR B 89 6.99 7.67 -17.83
N ALA B 90 6.63 7.07 -16.69
CA ALA B 90 5.47 7.54 -15.92
C ALA B 90 5.69 9.00 -15.49
N GLU B 91 6.92 9.35 -15.13
CA GLU B 91 7.23 10.72 -14.74
C GLU B 91 6.90 11.71 -15.85
N THR B 92 7.28 11.38 -17.08
CA THR B 92 7.02 12.26 -18.20
C THR B 92 5.50 12.31 -18.52
N ARG B 93 4.81 11.18 -18.39
CA ARG B 93 3.36 11.18 -18.57
C ARG B 93 2.73 12.11 -17.54
N GLY B 94 3.20 12.04 -16.31
CA GLY B 94 2.70 12.94 -15.26
C GLY B 94 2.92 14.41 -15.60
N LYS B 95 4.06 14.75 -16.17
CA LYS B 95 4.34 16.15 -16.57
C LYS B 95 3.34 16.62 -17.64
N LYS B 96 3.01 15.74 -18.57
CA LYS B 96 2.04 16.10 -19.63
C LYS B 96 0.64 16.28 -19.06
N VAL B 97 0.24 15.41 -18.12
CA VAL B 97 -1.06 15.51 -17.49
C VAL B 97 -1.12 16.81 -16.67
N ARG B 98 -0.01 17.16 -16.01
N ARG B 98 -0.01 17.16 -16.01
CA ARG B 98 0.08 18.42 -15.29
CA ARG B 98 0.07 18.42 -15.30
C ARG B 98 -0.10 19.61 -16.25
C ARG B 98 -0.10 19.61 -16.25
N ALA B 99 0.49 19.51 -17.43
CA ALA B 99 0.37 20.58 -18.44
C ALA B 99 -1.10 20.76 -18.84
N ILE B 100 -1.83 19.66 -18.97
CA ILE B 100 -3.27 19.80 -19.22
C ILE B 100 -3.93 20.54 -18.04
N ALA B 101 -3.63 20.12 -16.81
CA ALA B 101 -4.21 20.81 -15.66
C ALA B 101 -3.97 22.33 -15.74
N ASP B 102 -2.76 22.72 -16.10
CA ASP B 102 -2.43 24.14 -16.14
C ASP B 102 -3.23 24.87 -17.23
N LYS B 103 -3.44 24.22 -18.35
CA LYS B 103 -4.24 24.83 -19.44
C LYS B 103 -5.67 25.03 -18.99
N ILE B 104 -6.22 24.10 -18.22
CA ILE B 104 -7.56 24.26 -17.65
C ILE B 104 -7.65 25.53 -16.82
N LYS B 105 -6.69 25.75 -15.95
CA LYS B 105 -6.68 26.91 -15.08
C LYS B 105 -6.50 28.20 -15.90
N GLU B 106 -5.59 28.15 -16.87
CA GLU B 106 -5.34 29.30 -17.74
C GLU B 106 -6.63 29.73 -18.45
N HIS B 107 -7.41 28.74 -18.90
CA HIS B 107 -8.65 28.99 -19.65
C HIS B 107 -9.92 28.80 -18.83
N ARG B 108 -9.77 28.92 -17.51
CA ARG B 108 -10.88 28.73 -16.57
C ARG B 108 -12.14 29.52 -16.90
N GLU B 109 -11.97 30.81 -17.17
CA GLU B 109 -13.11 31.67 -17.41
C GLU B 109 -13.88 31.27 -18.67
N ALA B 110 -13.17 31.09 -19.79
CA ALA B 110 -13.80 30.76 -21.05
C ALA B 110 -14.43 29.38 -21.00
N LEU B 111 -13.76 28.44 -20.33
CA LEU B 111 -14.31 27.09 -20.15
C LEU B 111 -15.59 27.12 -19.32
N ALA B 112 -15.59 27.87 -18.22
CA ALA B 112 -16.78 27.99 -17.39
C ALA B 112 -17.94 28.60 -18.17
N ARG B 113 -17.66 29.64 -18.95
N ARG B 113 -17.65 29.64 -18.96
CA ARG B 113 -18.68 30.28 -19.75
CA ARG B 113 -18.65 30.30 -19.77
C ARG B 113 -19.25 29.35 -20.79
C ARG B 113 -19.27 29.37 -20.77
N LEU B 114 -18.39 28.56 -21.44
N LEU B 114 -18.41 28.58 -21.41
CA LEU B 114 -18.86 27.59 -22.43
CA LEU B 114 -18.84 27.64 -22.39
C LEU B 114 -19.73 26.55 -21.76
C LEU B 114 -19.72 26.55 -21.76
N GLU B 115 -19.33 26.10 -20.58
CA GLU B 115 -20.10 25.08 -19.87
C GLU B 115 -21.49 25.60 -19.48
N THR B 116 -21.56 26.85 -19.04
CA THR B 116 -22.84 27.46 -18.68
C THR B 116 -23.71 27.69 -19.90
N LEU B 117 -23.06 28.07 -20.99
CA LEU B 117 -23.77 28.29 -22.25
C LEU B 117 -24.39 26.98 -22.74
N ASP B 118 -23.62 25.90 -22.68
CA ASP B 118 -24.02 24.59 -23.20
C ASP B 118 -25.00 23.87 -22.28
N THR B 119 -24.82 23.95 -20.96
CA THR B 119 -25.61 23.15 -20.02
C THR B 119 -26.65 23.92 -19.19
N GLY B 120 -26.52 25.23 -19.17
CA GLY B 120 -27.45 26.09 -18.47
C GLY B 120 -27.19 26.39 -17.00
N LYS B 121 -26.29 25.66 -16.36
CA LYS B 121 -26.10 25.88 -14.94
C LYS B 121 -25.42 27.22 -14.67
N THR B 122 -25.47 27.66 -13.43
CA THR B 122 -24.92 28.96 -13.09
C THR B 122 -23.44 29.03 -13.34
N LEU B 123 -22.98 30.24 -13.67
N LEU B 123 -22.97 30.24 -13.64
CA LEU B 123 -21.58 30.47 -13.91
CA LEU B 123 -21.56 30.46 -13.84
C LEU B 123 -20.77 30.11 -12.67
C LEU B 123 -20.75 30.04 -12.60
N GLU B 124 -21.30 30.40 -11.49
N GLU B 124 -21.30 30.36 -11.42
CA GLU B 124 -20.61 30.01 -10.24
CA GLU B 124 -20.69 30.01 -10.13
C GLU B 124 -20.42 28.49 -10.12
C GLU B 124 -20.44 28.50 -10.09
N GLU B 125 -21.44 27.73 -10.49
CA GLU B 125 -21.30 26.30 -10.52
C GLU B 125 -20.26 25.87 -11.55
N SER B 126 -20.27 26.49 -12.74
CA SER B 126 -19.28 26.18 -13.76
C SER B 126 -17.84 26.47 -13.28
N TYR B 127 -17.64 27.59 -12.58
N TYR B 127 -17.64 27.57 -12.57
CA TYR B 127 -16.31 27.89 -12.03
CA TYR B 127 -16.32 27.87 -12.02
C TYR B 127 -15.86 26.79 -11.08
C TYR B 127 -15.87 26.77 -11.08
N ALA B 128 -16.78 26.34 -10.21
CA ALA B 128 -16.49 25.26 -9.27
C ALA B 128 -16.04 24.00 -10.01
N ASP B 129 -16.77 23.66 -11.08
CA ASP B 129 -16.37 22.58 -11.95
C ASP B 129 -14.92 22.76 -12.44
N MET B 130 -14.59 23.93 -12.96
CA MET B 130 -13.24 24.13 -13.50
C MET B 130 -12.15 24.04 -12.43
N ASP B 131 -12.45 24.44 -11.20
CA ASP B 131 -11.49 24.26 -10.12
C ASP B 131 -11.30 22.77 -9.84
N ASP B 132 -12.40 22.02 -9.82
CA ASP B 132 -12.36 20.59 -9.59
C ASP B 132 -11.60 19.88 -10.72
N ILE B 133 -11.85 20.30 -11.97
CA ILE B 133 -11.22 19.71 -13.12
C ILE B 133 -9.70 19.92 -13.05
N HIS B 134 -9.28 21.14 -12.74
CA HIS B 134 -7.84 21.41 -12.60
C HIS B 134 -7.26 20.44 -11.57
N ASN B 135 -7.94 20.30 -10.44
CA ASN B 135 -7.48 19.45 -9.37
C ASN B 135 -7.47 17.97 -9.70
N VAL B 136 -8.38 17.53 -10.56
CA VAL B 136 -8.44 16.15 -11.00
C VAL B 136 -7.22 15.83 -11.87
N PHE B 137 -6.98 16.68 -12.87
CA PHE B 137 -5.78 16.50 -13.68
C PHE B 137 -4.51 16.61 -12.79
N MET B 138 -4.48 17.56 -11.85
N MET B 138 -4.47 17.56 -11.86
CA MET B 138 -3.26 17.70 -11.01
CA MET B 138 -3.27 17.69 -11.01
C MET B 138 -3.03 16.46 -10.14
C MET B 138 -3.03 16.47 -10.13
N TYR B 139 -4.11 15.90 -9.60
CA TYR B 139 -4.00 14.72 -8.73
C TYR B 139 -3.42 13.52 -9.50
N PHE B 140 -3.99 13.21 -10.65
CA PHE B 140 -3.54 12.12 -11.47
C PHE B 140 -2.15 12.35 -12.04
N ALA B 141 -1.80 13.59 -12.36
CA ALA B 141 -0.44 13.92 -12.77
C ALA B 141 0.55 13.52 -11.69
N GLY B 142 0.20 13.85 -10.44
CA GLY B 142 1.05 13.52 -9.30
C GLY B 142 1.05 12.04 -9.01
N LEU B 143 0.00 11.33 -9.36
CA LEU B 143 -0.06 9.91 -9.08
C LEU B 143 0.68 9.03 -10.10
N ALA B 144 0.88 9.56 -11.30
CA ALA B 144 1.31 8.77 -12.45
C ALA B 144 2.52 7.91 -12.21
N ASP B 145 3.50 8.44 -11.48
CA ASP B 145 4.74 7.74 -11.28
C ASP B 145 4.98 7.19 -9.88
N LYS B 146 3.90 6.97 -9.13
CA LYS B 146 4.01 6.54 -7.76
C LYS B 146 3.85 5.01 -7.48
N ASP B 147 3.53 4.17 -8.47
N ASP B 147 3.60 4.19 -8.51
CA ASP B 147 3.33 2.70 -8.16
CA ASP B 147 3.51 2.72 -8.33
C ASP B 147 3.37 1.79 -9.40
C ASP B 147 4.46 2.07 -9.32
N GLY B 148 4.50 1.14 -9.65
N GLY B 148 3.89 1.10 -10.02
CA GLY B 148 4.67 0.31 -10.85
CA GLY B 148 4.63 0.30 -10.95
C GLY B 148 4.38 -1.18 -10.67
C GLY B 148 4.38 -1.18 -10.68
N GLY B 149 3.99 -1.54 -9.46
CA GLY B 149 3.71 -2.94 -9.10
C GLY B 149 4.41 -3.38 -7.83
N GLU B 150 4.54 -4.68 -7.66
CA GLU B 150 5.16 -5.23 -6.43
C GLU B 150 6.08 -6.39 -6.64
N MET B 151 6.96 -6.56 -5.66
CA MET B 151 7.82 -7.72 -5.61
C MET B 151 7.11 -8.67 -4.64
N ILE B 152 7.03 -9.93 -5.02
CA ILE B 152 6.34 -10.92 -4.21
C ILE B 152 7.36 -11.88 -3.64
N ASP B 153 7.25 -12.20 -2.36
CA ASP B 153 8.14 -13.18 -1.74
C ASP B 153 7.55 -14.53 -2.19
N SER B 154 8.23 -15.16 -3.15
CA SER B 154 7.68 -16.37 -3.76
C SER B 154 7.76 -17.56 -2.82
N PRO B 155 6.71 -18.39 -2.81
CA PRO B 155 6.72 -19.60 -2.02
C PRO B 155 7.51 -20.72 -2.69
N ILE B 156 8.02 -20.50 -3.91
CA ILE B 156 8.78 -21.51 -4.63
C ILE B 156 10.27 -21.12 -4.57
N PRO B 157 11.10 -21.97 -3.96
CA PRO B 157 12.55 -21.65 -3.90
C PRO B 157 13.11 -21.47 -5.30
N ASP B 158 14.10 -20.59 -5.39
CA ASP B 158 14.78 -20.32 -6.65
C ASP B 158 13.84 -19.78 -7.73
N THR B 159 12.96 -18.87 -7.34
CA THR B 159 12.13 -18.15 -8.31
C THR B 159 12.05 -16.70 -7.88
N GLU B 160 11.85 -15.83 -8.84
CA GLU B 160 11.63 -14.41 -8.58
C GLU B 160 10.24 -14.13 -9.08
N SER B 161 9.45 -13.44 -8.27
CA SER B 161 8.06 -13.17 -8.59
C SER B 161 7.80 -11.66 -8.50
N LYS B 162 7.29 -11.09 -9.57
CA LYS B 162 6.91 -9.72 -9.53
C LYS B 162 5.59 -9.48 -10.25
N ILE B 163 4.86 -8.47 -9.77
CA ILE B 163 3.65 -8.04 -10.41
C ILE B 163 3.93 -6.69 -11.01
N VAL B 164 3.79 -6.58 -12.32
N VAL B 164 3.81 -6.57 -12.33
CA VAL B 164 3.99 -5.30 -12.99
CA VAL B 164 3.98 -5.27 -12.98
C VAL B 164 2.62 -4.75 -13.37
C VAL B 164 2.62 -4.74 -13.36
N LYS B 165 2.42 -3.45 -13.19
CA LYS B 165 1.16 -2.83 -13.54
C LYS B 165 1.37 -2.14 -14.89
N GLU B 166 0.55 -2.48 -15.89
CA GLU B 166 0.66 -1.91 -17.21
C GLU B 166 -0.61 -1.13 -17.52
N PRO B 167 -0.56 -0.20 -18.49
CA PRO B 167 -1.85 0.39 -18.91
C PRO B 167 -2.76 -0.70 -19.43
N VAL B 168 -4.06 -0.58 -19.13
CA VAL B 168 -5.04 -1.60 -19.51
C VAL B 168 -5.09 -1.73 -21.02
N GLY B 169 -4.86 -0.63 -21.72
CA GLY B 169 -4.78 -0.63 -23.18
C GLY B 169 -5.56 0.48 -23.84
N VAL B 170 -6.46 0.09 -24.76
CA VAL B 170 -7.33 1.00 -25.47
C VAL B 170 -8.63 1.13 -24.66
N VAL B 171 -9.01 2.37 -24.39
CA VAL B 171 -10.19 2.62 -23.58
C VAL B 171 -11.18 3.52 -24.33
N THR B 172 -12.45 3.20 -24.22
CA THR B 172 -13.49 4.08 -24.77
C THR B 172 -14.22 4.71 -23.58
N GLN B 173 -14.54 5.99 -23.73
CA GLN B 173 -15.06 6.80 -22.68
C GLN B 173 -16.27 7.59 -23.16
N ILE B 174 -17.39 7.41 -22.47
CA ILE B 174 -18.66 8.02 -22.85
C ILE B 174 -19.22 8.78 -21.67
N THR B 175 -19.39 10.09 -21.86
CA THR B 175 -19.74 11.00 -20.81
C THR B 175 -21.15 11.61 -20.93
N PRO B 176 -21.71 12.08 -19.80
CA PRO B 176 -23.06 12.57 -19.77
C PRO B 176 -23.19 14.08 -20.01
N TRP B 177 -24.42 14.55 -20.17
CA TRP B 177 -24.66 15.97 -20.43
C TRP B 177 -24.67 16.87 -19.22
N ASN B 178 -24.74 16.32 -18.00
CA ASN B 178 -24.93 17.22 -16.86
C ASN B 178 -23.67 18.01 -16.45
N TYR B 179 -22.56 17.30 -16.36
CA TYR B 179 -21.27 17.93 -16.07
C TYR B 179 -20.30 17.40 -17.09
N PRO B 180 -20.42 17.87 -18.33
CA PRO B 180 -19.59 17.32 -19.40
C PRO B 180 -18.07 17.31 -19.17
N LEU B 181 -17.47 18.47 -18.93
CA LEU B 181 -16.02 18.49 -18.78
C LEU B 181 -15.57 17.84 -17.49
N LEU B 182 -16.35 18.02 -16.43
CA LEU B 182 -15.99 17.37 -15.16
C LEU B 182 -15.90 15.86 -15.31
N GLN B 183 -16.96 15.24 -15.83
CA GLN B 183 -16.96 13.81 -16.01
C GLN B 183 -15.90 13.38 -17.04
N ALA B 184 -15.67 14.18 -18.07
CA ALA B 184 -14.59 13.89 -19.00
C ALA B 184 -13.23 13.82 -18.27
N SER B 185 -12.95 14.77 -17.39
CA SER B 185 -11.67 14.80 -16.70
C SER B 185 -11.44 13.54 -15.84
N TRP B 186 -12.51 13.05 -15.22
CA TRP B 186 -12.42 11.86 -14.37
C TRP B 186 -11.96 10.64 -15.13
N LYS B 187 -12.20 10.64 -16.44
CA LYS B 187 -11.82 9.54 -17.30
C LYS B 187 -10.49 9.78 -18.02
N ILE B 188 -10.32 10.96 -18.58
CA ILE B 188 -9.12 11.28 -19.33
C ILE B 188 -7.88 11.27 -18.46
N ALA B 189 -7.96 11.87 -17.29
CA ALA B 189 -6.74 12.03 -16.50
C ALA B 189 -6.07 10.69 -16.15
N PRO B 190 -6.82 9.72 -15.57
CA PRO B 190 -6.16 8.45 -15.28
C PRO B 190 -5.75 7.69 -16.54
N ALA B 191 -6.52 7.77 -17.61
CA ALA B 191 -6.14 7.08 -18.84
C ALA B 191 -4.80 7.58 -19.35
N LEU B 192 -4.62 8.90 -19.41
CA LEU B 192 -3.37 9.43 -19.88
C LEU B 192 -2.21 9.17 -18.88
N ALA B 193 -2.47 9.31 -17.58
CA ALA B 193 -1.41 9.11 -16.59
C ALA B 193 -0.85 7.70 -16.66
N THR B 194 -1.70 6.71 -16.90
CA THR B 194 -1.27 5.31 -16.92
C THR B 194 -0.66 4.88 -18.25
N GLY B 195 -0.88 5.64 -19.33
CA GLY B 195 -0.30 5.31 -20.63
C GLY B 195 -1.26 4.66 -21.63
N CYS B 196 -2.55 4.77 -21.37
CA CYS B 196 -3.55 4.22 -22.26
C CYS B 196 -3.74 5.09 -23.48
N SER B 197 -4.40 4.52 -24.50
CA SER B 197 -4.90 5.32 -25.60
C SER B 197 -6.40 5.38 -25.39
N LEU B 198 -7.02 6.51 -25.77
CA LEU B 198 -8.44 6.71 -25.52
C LEU B 198 -9.24 7.26 -26.71
N VAL B 199 -10.50 6.86 -26.73
CA VAL B 199 -11.51 7.42 -27.64
C VAL B 199 -12.68 7.90 -26.78
N MET B 200 -12.95 9.21 -26.81
CA MET B 200 -14.02 9.77 -25.99
C MET B 200 -15.16 10.27 -26.85
N LYS B 201 -16.37 10.09 -26.37
CA LYS B 201 -17.56 10.64 -27.02
C LYS B 201 -18.41 11.33 -25.97
N PRO B 202 -18.47 12.66 -26.02
CA PRO B 202 -19.30 13.39 -25.06
C PRO B 202 -20.76 13.29 -25.43
N SER B 203 -21.64 13.76 -24.56
CA SER B 203 -23.07 13.72 -24.87
C SER B 203 -23.31 14.50 -26.12
N GLU B 204 -24.18 14.00 -26.97
CA GLU B 204 -24.43 14.64 -28.23
C GLU B 204 -24.98 16.05 -28.09
N ILE B 205 -25.67 16.33 -26.98
CA ILE B 205 -26.24 17.63 -26.80
C ILE B 205 -25.32 18.66 -26.10
N THR B 206 -24.20 18.20 -25.53
CA THR B 206 -23.26 19.10 -24.80
C THR B 206 -21.78 18.82 -25.10
N PRO B 207 -21.32 19.05 -26.33
CA PRO B 207 -19.95 18.72 -26.69
C PRO B 207 -18.91 19.84 -26.53
N LEU B 208 -19.35 21.05 -26.20
CA LEU B 208 -18.49 22.23 -26.37
C LEU B 208 -17.23 22.27 -25.58
N THR B 209 -17.32 22.07 -24.27
CA THR B 209 -16.13 22.06 -23.45
C THR B 209 -15.21 20.87 -23.72
N THR B 210 -15.78 19.77 -24.23
CA THR B 210 -14.99 18.59 -24.53
C THR B 210 -14.19 18.85 -25.79
N ILE B 211 -14.79 19.50 -26.79
CA ILE B 211 -14.02 19.94 -27.96
C ILE B 211 -12.90 20.84 -27.50
N ARG B 212 -13.22 21.78 -26.62
CA ARG B 212 -12.18 22.72 -26.17
C ARG B 212 -11.03 22.01 -25.45
N VAL B 213 -11.33 21.08 -24.56
CA VAL B 213 -10.27 20.39 -23.87
C VAL B 213 -9.40 19.56 -24.82
N PHE B 214 -9.98 19.02 -25.88
CA PHE B 214 -9.17 18.35 -26.89
C PHE B 214 -8.22 19.32 -27.62
N GLU B 215 -8.67 20.54 -27.89
CA GLU B 215 -7.79 21.58 -28.46
C GLU B 215 -6.62 21.82 -27.51
N LEU B 216 -6.93 21.88 -26.21
CA LEU B 216 -5.90 22.13 -25.21
C LEU B 216 -4.91 20.97 -25.06
N MET B 217 -5.42 19.73 -25.13
CA MET B 217 -4.55 18.58 -25.07
C MET B 217 -3.65 18.53 -26.28
N GLU B 218 -4.19 18.88 -27.43
CA GLU B 218 -3.37 18.91 -28.64
C GLU B 218 -2.22 19.90 -28.50
N GLU B 219 -2.48 21.04 -27.86
CA GLU B 219 -1.41 22.03 -27.63
C GLU B 219 -0.30 21.46 -26.75
N VAL B 220 -0.67 20.65 -25.78
CA VAL B 220 0.31 20.01 -24.88
C VAL B 220 1.17 19.04 -25.70
N GLY B 221 0.51 18.27 -26.55
CA GLY B 221 1.21 17.39 -27.46
C GLY B 221 1.23 15.94 -27.02
N PHE B 222 0.53 15.08 -27.78
CA PHE B 222 0.50 13.65 -27.49
C PHE B 222 0.74 12.89 -28.79
N PRO B 223 1.32 11.68 -28.70
CA PRO B 223 1.51 10.97 -29.95
C PRO B 223 0.19 10.75 -30.70
N LYS B 224 0.29 10.76 -32.02
N LYS B 224 0.28 10.77 -32.03
CA LYS B 224 -0.83 10.57 -32.91
CA LYS B 224 -0.85 10.56 -32.91
C LYS B 224 -1.63 9.31 -32.54
C LYS B 224 -1.64 9.32 -32.53
N GLY B 225 -2.94 9.47 -32.33
CA GLY B 225 -3.82 8.32 -31.98
C GLY B 225 -4.02 8.06 -30.49
N THR B 226 -3.20 8.69 -29.65
CA THR B 226 -3.31 8.51 -28.20
C THR B 226 -4.64 9.02 -27.67
N ILE B 227 -5.07 10.16 -28.21
CA ILE B 227 -6.37 10.76 -27.83
C ILE B 227 -7.23 10.95 -29.09
N ASN B 228 -8.51 10.62 -28.99
CA ASN B 228 -9.44 10.75 -30.11
C ASN B 228 -10.80 11.17 -29.56
N LEU B 229 -11.46 12.07 -30.28
CA LEU B 229 -12.76 12.63 -29.91
C LEU B 229 -13.77 12.35 -31.02
N ILE B 230 -14.80 11.62 -30.68
CA ILE B 230 -15.90 11.30 -31.61
C ILE B 230 -17.08 12.12 -31.13
N LEU B 231 -17.85 12.67 -32.07
CA LEU B 231 -18.98 13.50 -31.73
C LEU B 231 -20.26 12.93 -32.31
N GLY B 232 -21.30 12.93 -31.49
CA GLY B 232 -22.61 12.60 -31.96
C GLY B 232 -23.33 11.52 -31.21
N ALA B 233 -24.41 11.08 -31.82
CA ALA B 233 -25.19 10.02 -31.30
C ALA B 233 -25.60 9.26 -32.56
N GLY B 234 -24.64 9.13 -33.48
CA GLY B 234 -24.86 8.43 -34.74
C GLY B 234 -25.28 7.00 -34.52
N SER B 235 -25.94 6.43 -35.52
N SER B 235 -25.96 6.44 -35.51
CA SER B 235 -26.42 5.06 -35.40
CA SER B 235 -26.42 5.07 -35.40
C SER B 235 -25.22 4.15 -35.18
C SER B 235 -25.22 4.15 -35.18
N GLU B 236 -25.34 3.33 -34.14
CA GLU B 236 -24.35 2.35 -33.79
C GLU B 236 -23.03 2.91 -33.30
N VAL B 237 -22.89 4.24 -33.12
CA VAL B 237 -21.64 4.82 -32.61
C VAL B 237 -21.33 4.29 -31.24
N GLY B 238 -22.32 4.34 -30.36
CA GLY B 238 -22.21 3.76 -29.04
C GLY B 238 -21.91 2.28 -29.06
N ASP B 239 -22.60 1.55 -29.93
CA ASP B 239 -22.35 0.12 -30.04
C ASP B 239 -20.94 -0.23 -30.46
N VAL B 240 -20.38 0.57 -31.37
CA VAL B 240 -18.99 0.34 -31.78
C VAL B 240 -18.06 0.62 -30.60
N MET B 241 -18.32 1.69 -29.86
CA MET B 241 -17.44 2.05 -28.76
C MET B 241 -17.47 1.05 -27.62
N SER B 242 -18.59 0.37 -27.45
CA SER B 242 -18.70 -0.62 -26.37
C SER B 242 -18.44 -2.04 -26.82
N GLY B 243 -18.58 -2.32 -28.11
CA GLY B 243 -18.49 -3.68 -28.60
C GLY B 243 -17.31 -4.04 -29.49
N HIS B 244 -16.41 -3.10 -29.72
CA HIS B 244 -15.31 -3.37 -30.65
C HIS B 244 -14.29 -4.28 -29.98
N LYS B 245 -13.76 -5.22 -30.76
CA LYS B 245 -12.78 -6.19 -30.22
C LYS B 245 -11.44 -5.59 -29.77
N GLU B 246 -11.11 -4.40 -30.27
CA GLU B 246 -9.85 -3.76 -29.91
C GLU B 246 -9.88 -2.92 -28.62
N VAL B 247 -11.04 -2.86 -27.98
CA VAL B 247 -11.21 -2.12 -26.75
C VAL B 247 -10.93 -2.99 -25.55
N ASP B 248 -10.16 -2.47 -24.57
CA ASP B 248 -9.84 -3.21 -23.37
C ASP B 248 -10.67 -2.78 -22.15
N LEU B 249 -11.19 -1.56 -22.20
CA LEU B 249 -12.05 -1.04 -21.12
C LEU B 249 -13.05 -0.08 -21.73
N VAL B 250 -14.32 -0.24 -21.35
CA VAL B 250 -15.37 0.72 -21.70
C VAL B 250 -15.80 1.42 -20.41
N SER B 251 -15.68 2.74 -20.39
CA SER B 251 -16.03 3.53 -19.20
C SER B 251 -17.18 4.45 -19.55
N PHE B 252 -18.32 4.22 -18.93
CA PHE B 252 -19.57 4.94 -19.24
C PHE B 252 -20.20 5.56 -18.01
N THR B 253 -20.56 6.83 -18.13
CA THR B 253 -21.32 7.53 -17.13
C THR B 253 -22.60 8.04 -17.80
N GLY B 254 -23.74 7.68 -17.23
CA GLY B 254 -25.03 8.03 -17.81
C GLY B 254 -26.19 7.28 -17.20
N SER B 255 -27.22 7.06 -18.01
CA SER B 255 -28.44 6.45 -17.52
C SER B 255 -28.33 4.95 -17.36
N ILE B 256 -29.12 4.42 -16.44
CA ILE B 256 -29.08 3.01 -16.13
C ILE B 256 -29.40 2.14 -17.33
N GLU B 257 -30.43 2.50 -18.10
N GLU B 257 -30.44 2.49 -18.09
CA GLU B 257 -30.81 1.70 -19.27
CA GLU B 257 -30.80 1.63 -19.22
C GLU B 257 -29.67 1.59 -20.26
C GLU B 257 -29.69 1.58 -20.28
N THR B 258 -29.04 2.72 -20.55
CA THR B 258 -27.95 2.74 -21.51
C THR B 258 -26.73 1.99 -20.98
N GLY B 259 -26.47 2.14 -19.68
CA GLY B 259 -25.36 1.43 -19.03
C GLY B 259 -25.50 -0.07 -19.17
N LYS B 260 -26.70 -0.58 -18.93
CA LYS B 260 -26.93 -2.01 -19.04
C LYS B 260 -26.65 -2.51 -20.46
N HIS B 261 -27.10 -1.72 -21.45
CA HIS B 261 -26.91 -2.07 -22.86
C HIS B 261 -25.43 -2.10 -23.21
N ILE B 262 -24.72 -1.09 -22.74
N ILE B 262 -24.72 -1.07 -22.74
CA ILE B 262 -23.28 -1.01 -22.90
CA ILE B 262 -23.28 -0.98 -22.91
C ILE B 262 -22.56 -2.21 -22.30
C ILE B 262 -22.55 -2.20 -22.31
N MET B 263 -22.94 -2.60 -21.09
CA MET B 263 -22.33 -3.78 -20.45
C MET B 263 -22.57 -5.06 -21.23
N LYS B 264 -23.80 -5.25 -21.72
CA LYS B 264 -24.13 -6.40 -22.54
C LYS B 264 -23.32 -6.45 -23.82
N ASN B 265 -23.08 -5.29 -24.43
N ASN B 265 -23.08 -5.30 -24.42
CA ASN B 265 -22.27 -5.22 -25.65
CA ASN B 265 -22.27 -5.19 -25.60
C ASN B 265 -20.80 -5.53 -25.33
C ASN B 265 -20.81 -5.54 -25.32
N ALA B 266 -20.31 -4.99 -24.23
CA ALA B 266 -18.92 -5.22 -23.79
C ALA B 266 -18.66 -6.71 -23.55
N ALA B 267 -19.70 -7.43 -23.11
CA ALA B 267 -19.58 -8.84 -22.89
C ALA B 267 -19.17 -9.63 -24.13
N ASN B 268 -19.51 -9.10 -25.31
CA ASN B 268 -19.18 -9.82 -26.55
C ASN B 268 -17.71 -10.09 -26.74
N ASN B 269 -16.87 -9.28 -26.10
CA ASN B 269 -15.42 -9.45 -26.13
C ASN B 269 -14.82 -9.57 -24.74
N VAL B 270 -15.65 -9.84 -23.72
CA VAL B 270 -15.25 -10.00 -22.33
C VAL B 270 -14.46 -8.73 -21.93
N THR B 271 -14.97 -7.57 -22.32
CA THR B 271 -14.30 -6.32 -22.08
C THR B 271 -14.59 -5.74 -20.68
N ASN B 272 -13.55 -5.29 -19.99
CA ASN B 272 -13.73 -4.63 -18.71
C ASN B 272 -14.72 -3.50 -18.84
N ILE B 273 -15.60 -3.36 -17.85
N ILE B 273 -15.57 -3.35 -17.83
CA ILE B 273 -16.52 -2.21 -17.81
CA ILE B 273 -16.54 -2.28 -17.82
C ILE B 273 -16.44 -1.46 -16.51
C ILE B 273 -16.48 -1.47 -16.52
N ALA B 274 -16.56 -0.14 -16.63
CA ALA B 274 -16.65 0.76 -15.48
C ALA B 274 -17.89 1.61 -15.77
N LEU B 275 -18.85 1.58 -14.86
CA LEU B 275 -20.13 2.26 -15.04
C LEU B 275 -20.50 3.12 -13.84
N GLU B 276 -20.99 4.32 -14.13
N GLU B 276 -20.99 4.33 -14.12
CA GLU B 276 -21.49 5.21 -13.10
CA GLU B 276 -21.54 5.20 -13.07
C GLU B 276 -22.85 5.61 -13.61
C GLU B 276 -22.87 5.63 -13.61
N LEU B 277 -23.89 5.13 -12.94
N LEU B 277 -23.93 5.16 -12.92
CA LEU B 277 -25.23 5.31 -13.39
CA LEU B 277 -25.29 5.26 -13.44
C LEU B 277 -25.79 6.24 -12.31
C LEU B 277 -26.44 5.97 -12.70
N GLY B 278 -27.07 6.46 -12.25
N GLY B 278 -26.16 6.91 -11.81
CA GLY B 278 -27.57 7.42 -11.26
CA GLY B 278 -27.24 7.61 -11.14
C GLY B 278 -27.67 6.91 -9.84
C GLY B 278 -27.56 7.00 -9.80
N GLY B 279 -28.53 7.58 -9.10
CA GLY B 279 -28.89 7.13 -7.78
C GLY B 279 -30.22 7.70 -7.32
N LYS B 280 -30.65 7.20 -6.17
CA LYS B 280 -31.83 7.68 -5.48
C LYS B 280 -31.19 7.97 -4.13
N ASN B 281 -30.61 9.16 -4.04
CA ASN B 281 -29.72 9.46 -2.90
C ASN B 281 -30.46 10.04 -1.71
N PRO B 282 -30.36 9.35 -0.57
CA PRO B 282 -31.05 9.79 0.62
C PRO B 282 -30.33 10.90 1.38
N ASN B 283 -31.13 11.80 1.94
CA ASN B 283 -30.70 12.90 2.76
C ASN B 283 -31.45 12.72 4.05
N ILE B 284 -30.75 12.14 5.02
CA ILE B 284 -31.34 11.73 6.30
C ILE B 284 -31.15 12.80 7.36
N ILE B 285 -32.26 13.36 7.83
CA ILE B 285 -32.22 14.44 8.80
C ILE B 285 -32.86 14.02 10.11
N PHE B 286 -32.04 13.89 11.15
CA PHE B 286 -32.51 13.53 12.47
C PHE B 286 -33.03 14.77 13.21
N ASP B 287 -33.84 14.51 14.23
CA ASP B 287 -34.40 15.61 15.01
C ASP B 287 -33.33 16.37 15.79
N ASP B 288 -32.13 15.78 15.95
CA ASP B 288 -31.04 16.49 16.62
C ASP B 288 -30.00 17.06 15.63
N ALA B 289 -30.39 17.17 14.37
CA ALA B 289 -29.59 17.92 13.40
C ALA B 289 -29.63 19.41 13.73
N ASP B 290 -28.62 20.13 13.25
CA ASP B 290 -28.61 21.58 13.24
C ASP B 290 -29.69 21.89 12.21
N PHE B 291 -30.82 22.40 12.68
CA PHE B 291 -32.00 22.56 11.85
C PHE B 291 -31.81 23.47 10.64
N GLU B 292 -31.28 24.67 10.86
CA GLU B 292 -31.11 25.57 9.71
C GLU B 292 -30.05 25.05 8.73
N LEU B 293 -29.05 24.32 9.23
CA LEU B 293 -28.07 23.68 8.36
C LEU B 293 -28.75 22.63 7.50
N ALA B 294 -29.58 21.82 8.12
CA ALA B 294 -30.28 20.76 7.39
C ALA B 294 -31.20 21.33 6.31
N VAL B 295 -31.86 22.44 6.61
CA VAL B 295 -32.72 23.06 5.60
C VAL B 295 -31.87 23.57 4.46
N ASP B 296 -30.79 24.27 4.78
CA ASP B 296 -29.88 24.82 3.78
C ASP B 296 -29.38 23.71 2.88
N GLN B 297 -28.90 22.63 3.49
CA GLN B 297 -28.33 21.54 2.73
C GLN B 297 -29.36 20.66 2.01
N ALA B 298 -30.60 20.67 2.49
CA ALA B 298 -31.67 19.99 1.77
C ALA B 298 -31.95 20.71 0.45
N LEU B 299 -31.95 22.05 0.50
CA LEU B 299 -32.12 22.85 -0.70
C LEU B 299 -30.95 22.56 -1.66
N ASN B 300 -29.74 22.58 -1.12
CA ASN B 300 -28.57 22.38 -1.95
C ASN B 300 -28.58 21.01 -2.58
N GLY B 301 -28.92 20.00 -1.78
CA GLY B 301 -28.98 18.64 -2.25
C GLY B 301 -30.00 18.46 -3.32
N GLY B 302 -31.12 19.14 -3.19
CA GLY B 302 -32.20 18.97 -4.16
C GLY B 302 -32.10 19.76 -5.45
N TYR B 303 -31.51 20.95 -5.37
CA TYR B 303 -31.65 21.92 -6.45
C TYR B 303 -30.41 22.46 -7.14
N PHE B 304 -29.21 22.12 -6.67
CA PHE B 304 -28.03 22.43 -7.46
C PHE B 304 -28.21 21.78 -8.82
N HIS B 305 -27.84 22.52 -9.87
CA HIS B 305 -28.00 22.12 -11.28
C HIS B 305 -29.40 21.63 -11.58
N ALA B 306 -30.38 22.27 -10.95
CA ALA B 306 -31.79 21.90 -11.12
C ALA B 306 -32.00 20.40 -10.85
N GLY B 307 -31.25 19.87 -9.89
CA GLY B 307 -31.37 18.47 -9.50
C GLY B 307 -30.84 17.45 -10.51
N GLN B 308 -30.15 17.92 -11.55
CA GLN B 308 -29.62 17.06 -12.62
C GLN B 308 -28.22 16.55 -12.26
N VAL B 309 -28.14 15.91 -11.09
CA VAL B 309 -26.89 15.46 -10.50
C VAL B 309 -27.10 13.99 -10.14
N CYS B 310 -26.14 13.15 -10.51
N CYS B 310 -26.14 13.15 -10.51
CA CYS B 310 -26.19 11.71 -10.24
CA CYS B 310 -26.22 11.71 -10.24
C CYS B 310 -26.41 11.47 -8.75
C CYS B 310 -26.41 11.46 -8.74
N SER B 311 -25.77 12.30 -7.93
CA SER B 311 -25.85 12.24 -6.46
C SER B 311 -26.80 13.27 -5.82
N ALA B 312 -27.74 13.82 -6.60
CA ALA B 312 -28.73 14.79 -6.05
C ALA B 312 -29.43 14.14 -4.87
N GLY B 313 -29.66 14.93 -3.82
CA GLY B 313 -30.40 14.47 -2.66
C GLY B 313 -31.90 14.58 -2.91
N SER B 314 -32.42 13.74 -3.80
CA SER B 314 -33.84 13.78 -4.17
C SER B 314 -34.75 13.13 -3.14
N ARG B 315 -34.20 12.28 -2.28
CA ARG B 315 -35.02 11.55 -1.33
C ARG B 315 -34.71 11.99 0.11
N ILE B 316 -35.48 12.94 0.61
CA ILE B 316 -35.30 13.44 1.96
C ILE B 316 -36.04 12.53 2.92
N LEU B 317 -35.33 12.09 3.96
CA LEU B 317 -35.89 11.27 5.02
C LEU B 317 -35.71 12.10 6.29
N VAL B 318 -36.82 12.51 6.92
CA VAL B 318 -36.76 13.39 8.09
C VAL B 318 -37.46 12.77 9.28
N GLN B 319 -36.88 12.93 10.47
CA GLN B 319 -37.47 12.32 11.64
C GLN B 319 -38.85 12.92 11.89
N ASN B 320 -39.81 12.05 12.24
CA ASN B 320 -41.19 12.45 12.42
C ASN B 320 -41.43 13.64 13.34
N SER B 321 -40.67 13.70 14.43
CA SER B 321 -40.80 14.77 15.39
C SER B 321 -40.58 16.17 14.83
N ILE B 322 -39.76 16.30 13.81
CA ILE B 322 -39.50 17.61 13.22
C ILE B 322 -39.98 17.72 11.78
N LYS B 323 -40.72 16.72 11.31
CA LYS B 323 -41.13 16.67 9.92
C LYS B 323 -41.99 17.86 9.50
N ASP B 324 -42.99 18.21 10.29
CA ASP B 324 -43.87 19.33 9.92
C ASP B 324 -43.11 20.65 9.85
N LYS B 325 -42.28 20.89 10.86
CA LYS B 325 -41.44 22.08 10.90
C LYS B 325 -40.51 22.12 9.69
N PHE B 326 -39.90 20.97 9.39
CA PHE B 326 -38.96 20.87 8.30
C PHE B 326 -39.64 21.15 6.95
N GLU B 327 -40.77 20.49 6.69
CA GLU B 327 -41.50 20.74 5.45
C GLU B 327 -41.90 22.21 5.26
N GLN B 328 -42.38 22.86 6.32
CA GLN B 328 -42.78 24.26 6.20
C GLN B 328 -41.57 25.14 5.89
N ALA B 329 -40.46 24.89 6.56
CA ALA B 329 -39.26 25.67 6.34
C ALA B 329 -38.71 25.45 4.93
N LEU B 330 -38.74 24.21 4.46
CA LEU B 330 -38.21 23.88 3.14
C LEU B 330 -39.05 24.54 2.05
N ILE B 331 -40.36 24.34 2.14
CA ILE B 331 -41.32 24.91 1.18
C ILE B 331 -41.20 26.44 1.10
N ASP B 332 -41.14 27.10 2.25
CA ASP B 332 -41.01 28.55 2.27
C ASP B 332 -39.75 29.01 1.54
N ARG B 333 -38.65 28.26 1.69
CA ARG B 333 -37.39 28.59 1.02
C ARG B 333 -37.47 28.29 -0.47
N VAL B 334 -38.14 27.20 -0.83
CA VAL B 334 -38.25 26.82 -2.24
C VAL B 334 -38.96 27.91 -3.03
N LYS B 335 -39.96 28.54 -2.42
CA LYS B 335 -40.71 29.62 -3.08
C LYS B 335 -39.82 30.82 -3.42
N LYS B 336 -38.69 30.97 -2.73
CA LYS B 336 -37.79 32.08 -2.97
C LYS B 336 -36.65 31.79 -3.93
N ILE B 337 -36.49 30.55 -4.39
CA ILE B 337 -35.37 30.21 -5.26
C ILE B 337 -35.44 31.05 -6.55
N LYS B 338 -34.32 31.67 -6.92
CA LYS B 338 -34.26 32.55 -8.08
C LYS B 338 -33.84 31.80 -9.35
N LEU B 339 -34.78 31.70 -10.27
CA LEU B 339 -34.53 31.07 -11.56
C LEU B 339 -34.13 32.12 -12.56
N GLY B 340 -33.27 31.74 -13.50
CA GLY B 340 -32.85 32.65 -14.54
C GLY B 340 -31.66 32.19 -15.33
N ASN B 341 -31.08 33.14 -16.04
CA ASN B 341 -29.93 32.94 -16.90
C ASN B 341 -28.71 32.63 -16.03
N GLY B 342 -28.01 31.56 -16.36
CA GLY B 342 -26.82 31.17 -15.61
C GLY B 342 -25.75 32.24 -15.59
N PHE B 343 -25.77 33.14 -16.58
CA PHE B 343 -24.80 34.23 -16.64
C PHE B 343 -25.14 35.40 -15.70
N ASP B 344 -26.36 35.48 -15.23
CA ASP B 344 -26.77 36.58 -14.34
C ASP B 344 -26.38 36.26 -12.90
N ALA B 345 -25.75 37.24 -12.25
CA ALA B 345 -25.20 37.06 -10.90
C ALA B 345 -26.22 36.67 -9.85
N ASP B 346 -27.47 37.08 -9.99
CA ASP B 346 -28.47 36.75 -9.00
C ASP B 346 -29.12 35.36 -9.21
N THR B 347 -28.88 34.69 -10.34
CA THR B 347 -29.50 33.38 -10.59
C THR B 347 -28.99 32.31 -9.63
N GLU B 348 -29.92 31.57 -9.04
CA GLU B 348 -29.61 30.46 -8.15
C GLU B 348 -29.83 29.10 -8.79
N MET B 349 -30.72 29.03 -9.78
CA MET B 349 -31.01 27.77 -10.45
C MET B 349 -31.36 28.05 -11.90
N GLY B 350 -30.67 27.36 -12.80
CA GLY B 350 -30.89 27.51 -14.23
C GLY B 350 -31.98 26.57 -14.74
N PRO B 351 -32.07 26.41 -16.05
CA PRO B 351 -33.06 25.53 -16.67
C PRO B 351 -32.61 24.08 -16.68
N VAL B 352 -33.50 23.19 -17.10
CA VAL B 352 -33.15 21.78 -17.29
C VAL B 352 -32.61 21.68 -18.73
N ILE B 353 -32.07 20.52 -19.08
CA ILE B 353 -31.19 20.44 -20.24
C ILE B 353 -31.82 20.43 -21.62
N SER B 354 -33.01 19.83 -21.76
CA SER B 354 -33.63 19.65 -23.05
C SER B 354 -35.13 19.52 -22.92
N THR B 355 -35.81 19.62 -24.06
CA THR B 355 -37.27 19.48 -24.09
C THR B 355 -37.69 18.08 -23.66
N GLU B 356 -36.97 17.06 -24.12
CA GLU B 356 -37.25 15.68 -23.76
C GLU B 356 -37.10 15.46 -22.25
N HIS B 357 -36.06 16.05 -21.67
CA HIS B 357 -35.83 15.88 -20.27
C HIS B 357 -36.88 16.59 -19.42
N ARG B 358 -37.20 17.83 -19.78
CA ARG B 358 -38.28 18.53 -19.09
C ARG B 358 -39.62 17.78 -19.21
N ASN B 359 -39.92 17.24 -20.40
CA ASN B 359 -41.15 16.47 -20.56
C ASN B 359 -41.17 15.26 -19.64
N LYS B 360 -40.02 14.59 -19.47
CA LYS B 360 -39.93 13.45 -18.57
C LYS B 360 -40.21 13.87 -17.11
N ILE B 361 -39.61 14.98 -16.70
CA ILE B 361 -39.86 15.52 -15.37
C ILE B 361 -41.34 15.85 -15.20
N GLU B 362 -41.92 16.54 -16.18
CA GLU B 362 -43.35 16.85 -16.14
C GLU B 362 -44.22 15.60 -15.99
N SER B 363 -43.89 14.53 -16.72
CA SER B 363 -44.70 13.31 -16.67
C SER B 363 -44.63 12.67 -15.27
N TYR B 364 -43.51 12.85 -14.57
CA TYR B 364 -43.40 12.32 -13.22
C TYR B 364 -44.32 13.01 -12.23
N MET B 365 -44.66 14.28 -12.49
CA MET B 365 -45.59 14.98 -11.63
C MET B 365 -46.94 14.29 -11.67
N ASP B 366 -47.38 13.93 -12.90
CA ASP B 366 -48.64 13.22 -13.10
C ASP B 366 -48.61 11.89 -12.36
N VAL B 367 -47.51 11.16 -12.52
CA VAL B 367 -47.34 9.87 -11.85
C VAL B 367 -47.46 10.05 -10.34
N ALA B 368 -46.77 11.05 -9.81
CA ALA B 368 -46.79 11.31 -8.36
C ALA B 368 -48.21 11.57 -7.83
N LYS B 369 -48.96 12.43 -8.51
CA LYS B 369 -50.32 12.72 -8.08
C LYS B 369 -51.21 11.48 -8.18
N ALA B 370 -51.10 10.76 -9.29
CA ALA B 370 -51.91 9.54 -9.49
C ALA B 370 -51.67 8.47 -8.44
N GLU B 371 -50.44 8.35 -7.93
CA GLU B 371 -50.18 7.35 -6.88
C GLU B 371 -50.44 7.88 -5.46
N GLY B 372 -50.91 9.12 -5.37
CA GLY B 372 -51.34 9.65 -4.08
C GLY B 372 -50.41 10.60 -3.35
N ALA B 373 -49.36 11.07 -4.01
CA ALA B 373 -48.46 12.03 -3.39
C ALA B 373 -48.99 13.45 -3.62
N THR B 374 -48.49 14.38 -2.83
CA THR B 374 -48.89 15.78 -2.90
C THR B 374 -47.80 16.65 -3.47
N ILE B 375 -48.14 17.49 -4.45
CA ILE B 375 -47.15 18.45 -4.97
C ILE B 375 -47.30 19.67 -4.07
N ALA B 376 -46.42 19.79 -3.08
CA ALA B 376 -46.56 20.84 -2.08
C ALA B 376 -46.22 22.22 -2.61
N VAL B 377 -45.29 22.27 -3.56
CA VAL B 377 -44.88 23.53 -4.18
C VAL B 377 -44.16 23.19 -5.49
N GLY B 378 -44.25 24.08 -6.46
CA GLY B 378 -43.61 23.84 -7.75
C GLY B 378 -44.43 22.90 -8.63
N GLY B 379 -43.74 22.04 -9.36
CA GLY B 379 -44.38 21.02 -10.17
C GLY B 379 -44.89 21.47 -11.52
N LYS B 380 -44.39 22.60 -12.00
CA LYS B 380 -44.76 23.10 -13.30
C LYS B 380 -43.70 24.06 -13.82
N ARG B 381 -43.86 24.48 -15.07
CA ARG B 381 -42.97 25.46 -15.67
C ARG B 381 -43.33 26.81 -15.12
N PRO B 382 -42.32 27.67 -14.89
CA PRO B 382 -42.61 29.01 -14.40
C PRO B 382 -43.22 29.87 -15.51
N ASP B 383 -44.01 30.86 -15.09
CA ASP B 383 -44.74 31.74 -16.00
C ASP B 383 -44.01 33.02 -16.37
N ARG B 384 -43.07 33.42 -15.55
CA ARG B 384 -42.40 34.70 -15.73
C ARG B 384 -41.87 34.85 -17.14
N ASP B 385 -42.05 36.05 -17.69
CA ASP B 385 -41.74 36.35 -19.08
C ASP B 385 -40.31 36.03 -19.54
N ASP B 386 -39.33 36.37 -18.70
CA ASP B 386 -37.94 36.11 -19.07
C ASP B 386 -37.57 34.62 -19.02
N LEU B 387 -38.47 33.79 -18.50
CA LEU B 387 -38.23 32.34 -18.41
C LEU B 387 -39.02 31.55 -19.46
N LYS B 388 -39.93 32.21 -20.15
CA LYS B 388 -40.83 31.52 -21.09
C LYS B 388 -40.14 30.81 -22.28
N ASP B 389 -39.04 31.36 -22.79
CA ASP B 389 -38.35 30.75 -23.91
C ASP B 389 -37.39 29.63 -23.51
N GLY B 390 -37.08 29.54 -22.22
CA GLY B 390 -36.13 28.54 -21.72
C GLY B 390 -36.77 27.27 -21.21
N LEU B 391 -35.94 26.27 -20.93
CA LEU B 391 -36.39 24.98 -20.46
C LEU B 391 -36.43 24.94 -18.93
N PHE B 392 -37.17 25.89 -18.35
CA PHE B 392 -37.27 25.96 -16.91
C PHE B 392 -38.37 25.09 -16.35
N PHE B 393 -38.11 24.66 -15.11
CA PHE B 393 -39.07 23.88 -14.34
C PHE B 393 -38.88 24.30 -12.89
N GLU B 394 -39.99 24.57 -12.21
CA GLU B 394 -39.93 25.09 -10.84
C GLU B 394 -39.38 24.09 -9.86
N PRO B 395 -38.59 24.59 -8.87
CA PRO B 395 -38.13 23.70 -7.82
C PRO B 395 -39.37 23.19 -7.12
N THR B 396 -39.39 21.89 -6.90
CA THR B 396 -40.57 21.19 -6.45
C THR B 396 -40.34 20.36 -5.21
N VAL B 397 -41.34 20.37 -4.32
CA VAL B 397 -41.31 19.53 -3.13
C VAL B 397 -42.54 18.63 -3.18
N ILE B 398 -42.33 17.33 -3.03
CA ILE B 398 -43.39 16.34 -3.04
C ILE B 398 -43.50 15.72 -1.67
N THR B 399 -44.68 15.82 -1.07
CA THR B 399 -44.91 15.32 0.28
C THR B 399 -45.95 14.20 0.27
N ASN B 400 -46.21 13.64 1.45
CA ASN B 400 -47.20 12.58 1.63
C ASN B 400 -46.96 11.43 0.68
N CYS B 401 -45.73 10.95 0.68
N CYS B 401 -45.73 10.95 0.68
CA CYS B 401 -45.36 9.84 -0.19
CA CYS B 401 -45.36 9.83 -0.18
C CYS B 401 -44.73 8.74 0.64
C CYS B 401 -44.73 8.74 0.65
N ASP B 402 -44.50 7.60 0.01
CA ASP B 402 -43.91 6.46 0.69
C ASP B 402 -43.07 5.65 -0.28
N THR B 403 -42.28 4.75 0.29
CA THR B 403 -41.30 3.96 -0.44
C THR B 403 -41.87 3.08 -1.55
N SER B 404 -43.17 2.78 -1.51
CA SER B 404 -43.78 1.98 -2.57
C SER B 404 -43.97 2.76 -3.87
N MET B 405 -43.91 4.09 -3.81
CA MET B 405 -44.25 4.93 -4.96
C MET B 405 -43.13 5.08 -5.99
N ARG B 406 -43.53 5.17 -7.25
CA ARG B 406 -42.58 5.37 -8.33
C ARG B 406 -41.83 6.68 -8.16
N ILE B 407 -42.52 7.72 -7.68
CA ILE B 407 -41.89 9.03 -7.50
C ILE B 407 -40.73 8.97 -6.47
N VAL B 408 -40.83 8.07 -5.50
CA VAL B 408 -39.75 7.86 -4.51
C VAL B 408 -38.65 6.91 -5.03
N GLN B 409 -39.03 5.82 -5.68
CA GLN B 409 -38.07 4.83 -6.15
C GLN B 409 -37.26 5.21 -7.40
N GLU B 410 -37.83 5.98 -8.31
CA GLU B 410 -37.19 6.23 -9.59
C GLU B 410 -36.45 7.54 -9.63
N GLU B 411 -35.35 7.56 -10.38
CA GLU B 411 -34.54 8.75 -10.47
C GLU B 411 -35.18 9.72 -11.47
N VAL B 412 -35.72 10.83 -10.98
CA VAL B 412 -36.35 11.86 -11.81
C VAL B 412 -35.29 12.77 -12.44
N PHE B 413 -34.21 13.04 -11.71
CA PHE B 413 -33.11 13.82 -12.26
C PHE B 413 -33.52 15.26 -12.67
N GLY B 414 -34.34 15.88 -11.81
CA GLY B 414 -34.86 17.23 -12.03
C GLY B 414 -34.94 17.95 -10.69
N PRO B 415 -35.47 19.18 -10.67
CA PRO B 415 -35.45 19.97 -9.44
C PRO B 415 -36.64 19.58 -8.59
N VAL B 416 -36.57 18.34 -8.11
CA VAL B 416 -37.64 17.72 -7.41
C VAL B 416 -37.13 16.91 -6.24
N VAL B 417 -37.72 17.11 -5.07
CA VAL B 417 -37.39 16.28 -3.91
C VAL B 417 -38.67 15.68 -3.35
N THR B 418 -38.56 14.50 -2.77
CA THR B 418 -39.64 13.89 -2.00
C THR B 418 -39.27 13.98 -0.53
N VAL B 419 -40.29 13.99 0.34
CA VAL B 419 -40.08 14.01 1.78
C VAL B 419 -40.85 12.86 2.42
N GLU B 420 -40.12 11.97 3.13
CA GLU B 420 -40.70 10.86 3.86
C GLU B 420 -40.25 11.03 5.29
N GLY B 421 -41.12 10.63 6.22
CA GLY B 421 -40.77 10.65 7.63
C GLY B 421 -40.26 9.29 8.10
N PHE B 422 -39.47 9.29 9.19
CA PHE B 422 -39.07 8.03 9.83
C PHE B 422 -39.14 8.25 11.35
N GLU B 423 -39.34 7.16 12.09
CA GLU B 423 -39.45 7.25 13.52
C GLU B 423 -38.12 7.03 14.24
N THR B 424 -37.40 5.99 13.84
CA THR B 424 -36.18 5.59 14.49
C THR B 424 -35.01 5.52 13.52
N GLU B 425 -33.82 5.46 14.10
CA GLU B 425 -32.58 5.29 13.38
C GLU B 425 -32.66 4.06 12.50
N GLN B 426 -33.19 2.97 13.03
CA GLN B 426 -33.30 1.72 12.28
C GLN B 426 -34.21 1.91 11.04
N GLU B 427 -35.31 2.65 11.22
CA GLU B 427 -36.23 2.88 10.12
C GLU B 427 -35.57 3.77 9.06
N ALA B 428 -34.80 4.77 9.48
CA ALA B 428 -34.12 5.64 8.52
C ALA B 428 -33.21 4.83 7.61
N ILE B 429 -32.47 3.90 8.20
CA ILE B 429 -31.54 3.03 7.46
C ILE B 429 -32.28 2.11 6.47
N GLN B 430 -33.33 1.49 6.97
CA GLN B 430 -34.15 0.60 6.15
C GLN B 430 -34.71 1.36 4.94
N LEU B 431 -35.30 2.52 5.16
CA LEU B 431 -35.87 3.29 4.06
C LEU B 431 -34.79 3.75 3.09
N ALA B 432 -33.68 4.24 3.62
CA ALA B 432 -32.61 4.76 2.80
C ALA B 432 -32.02 3.69 1.87
N ASN B 433 -31.92 2.45 2.36
CA ASN B 433 -31.40 1.34 1.57
C ASN B 433 -32.45 0.69 0.70
N ASP B 434 -33.70 1.12 0.83
CA ASP B 434 -34.80 0.51 0.10
C ASP B 434 -34.95 1.19 -1.27
N SER B 435 -33.96 0.92 -2.13
CA SER B 435 -33.94 1.35 -3.52
C SER B 435 -32.99 0.43 -4.28
N ILE B 436 -33.04 0.49 -5.61
CA ILE B 436 -32.12 -0.30 -6.44
C ILE B 436 -30.73 0.33 -6.53
N TYR B 437 -30.62 1.58 -6.06
CA TYR B 437 -29.39 2.36 -6.21
C TYR B 437 -28.47 2.33 -5.00
N GLY B 438 -27.31 2.97 -5.12
CA GLY B 438 -26.34 2.98 -4.02
C GLY B 438 -25.16 3.90 -4.24
N LEU B 439 -25.43 5.11 -4.74
CA LEU B 439 -24.37 6.02 -5.08
C LEU B 439 -23.87 6.88 -3.93
N ALA B 440 -24.75 7.69 -3.35
CA ALA B 440 -24.34 8.62 -2.28
C ALA B 440 -25.48 9.00 -1.40
N GLY B 441 -25.16 9.57 -0.25
CA GLY B 441 -26.20 10.05 0.64
C GLY B 441 -25.62 10.76 1.81
N ALA B 442 -26.50 11.34 2.63
CA ALA B 442 -26.05 12.10 3.80
C ALA B 442 -26.81 11.78 5.06
N VAL B 443 -26.18 12.08 6.19
CA VAL B 443 -26.81 11.98 7.49
C VAL B 443 -26.52 13.28 8.23
N PHE B 444 -27.58 13.94 8.72
CA PHE B 444 -27.48 15.16 9.49
C PHE B 444 -27.92 14.86 10.91
N SER B 445 -26.99 15.07 11.83
CA SER B 445 -27.23 14.92 13.25
C SER B 445 -26.06 15.53 13.99
N LYS B 446 -26.35 16.18 15.10
CA LYS B 446 -25.27 16.70 15.96
C LYS B 446 -24.63 15.55 16.74
N ASP B 447 -25.32 14.41 16.83
CA ASP B 447 -24.79 13.21 17.48
C ASP B 447 -23.92 12.47 16.44
N ILE B 448 -22.63 12.74 16.47
CA ILE B 448 -21.69 12.22 15.47
C ILE B 448 -21.59 10.70 15.55
N GLY B 449 -21.64 10.16 16.77
CA GLY B 449 -21.63 8.71 16.94
C GLY B 449 -22.79 8.06 16.20
N LYS B 450 -23.97 8.65 16.34
CA LYS B 450 -25.16 8.13 15.65
C LYS B 450 -24.99 8.24 14.15
N ALA B 451 -24.50 9.39 13.69
CA ALA B 451 -24.30 9.60 12.27
C ALA B 451 -23.33 8.55 11.69
N GLN B 452 -22.25 8.24 12.43
CA GLN B 452 -21.28 7.23 12.02
C GLN B 452 -21.92 5.84 11.97
N ARG B 453 -22.77 5.50 12.93
CA ARG B 453 -23.47 4.20 12.91
C ARG B 453 -24.31 4.07 11.68
N VAL B 454 -25.05 5.13 11.37
CA VAL B 454 -25.91 5.13 10.20
C VAL B 454 -25.05 5.02 8.94
N ALA B 455 -23.98 5.82 8.84
CA ALA B 455 -23.10 5.80 7.69
C ALA B 455 -22.57 4.39 7.40
N ASN B 456 -22.21 3.66 8.46
N ASN B 456 -22.22 3.66 8.45
CA ASN B 456 -21.71 2.32 8.30
CA ASN B 456 -21.72 2.31 8.27
C ASN B 456 -22.71 1.32 7.72
C ASN B 456 -22.72 1.31 7.72
N LYS B 457 -24.00 1.58 7.91
CA LYS B 457 -25.06 0.69 7.45
C LYS B 457 -25.66 1.06 6.09
N LEU B 458 -25.39 2.27 5.61
CA LEU B 458 -25.94 2.67 4.30
C LEU B 458 -25.13 2.03 3.17
N LYS B 459 -25.81 1.39 2.22
CA LYS B 459 -25.17 0.77 1.05
C LYS B 459 -24.99 1.81 -0.06
N LEU B 460 -23.98 2.66 0.15
CA LEU B 460 -23.71 3.82 -0.68
C LEU B 460 -22.20 3.99 -0.82
N GLY B 461 -21.77 4.33 -2.03
CA GLY B 461 -20.35 4.56 -2.29
C GLY B 461 -19.75 5.71 -1.52
N THR B 462 -20.55 6.75 -1.29
CA THR B 462 -20.11 7.93 -0.54
C THR B 462 -21.20 8.30 0.47
N VAL B 463 -20.80 8.52 1.72
CA VAL B 463 -21.72 8.99 2.72
C VAL B 463 -21.14 10.28 3.34
N TRP B 464 -21.93 11.34 3.33
CA TRP B 464 -21.56 12.58 3.97
C TRP B 464 -22.23 12.70 5.35
N ILE B 465 -21.46 13.11 6.35
CA ILE B 465 -21.98 13.39 7.68
C ILE B 465 -21.98 14.92 7.82
N ASN B 466 -23.17 15.47 8.01
CA ASN B 466 -23.37 16.91 8.13
C ASN B 466 -22.83 17.71 6.95
N ASP B 467 -23.00 17.15 5.75
CA ASP B 467 -22.69 17.85 4.51
C ASP B 467 -23.52 17.20 3.38
N PHE B 468 -23.49 17.81 2.21
CA PHE B 468 -24.13 17.22 1.04
C PHE B 468 -23.37 17.71 -0.18
N HIS B 469 -23.02 16.77 -1.06
CA HIS B 469 -22.37 16.97 -2.38
C HIS B 469 -20.87 16.76 -2.54
N PRO B 470 -20.08 16.95 -1.48
CA PRO B 470 -18.66 16.91 -1.78
C PRO B 470 -18.01 15.64 -2.34
N TYR B 471 -17.22 15.84 -3.40
N TYR B 471 -17.22 15.84 -3.39
N TYR B 471 -17.22 15.84 -3.40
CA TYR B 471 -16.42 14.79 -4.01
CA TYR B 471 -16.41 14.79 -4.00
CA TYR B 471 -16.42 14.79 -4.01
C TYR B 471 -15.09 15.44 -4.38
C TYR B 471 -15.09 15.43 -4.38
C TYR B 471 -15.10 15.43 -4.39
N PHE B 472 -14.04 14.63 -4.49
CA PHE B 472 -12.73 15.18 -4.86
C PHE B 472 -11.82 14.08 -5.36
N ALA B 473 -10.82 14.49 -6.14
CA ALA B 473 -9.93 13.57 -6.79
C ALA B 473 -9.23 12.58 -5.85
N GLN B 474 -9.07 12.98 -4.59
CA GLN B 474 -8.33 12.14 -3.67
C GLN B 474 -9.07 10.89 -3.21
N ALA B 475 -10.39 10.85 -3.38
CA ALA B 475 -11.20 9.77 -2.88
C ALA B 475 -12.05 9.12 -3.95
N PRO B 476 -12.16 7.79 -3.91
CA PRO B 476 -12.97 7.11 -4.92
C PRO B 476 -14.47 7.37 -4.83
N TRP B 477 -15.12 7.35 -6.00
CA TRP B 477 -16.54 7.68 -6.15
C TRP B 477 -17.18 6.64 -7.04
N GLY B 478 -18.31 6.11 -6.59
CA GLY B 478 -19.01 5.14 -7.40
C GLY B 478 -20.12 4.46 -6.66
N GLY B 479 -20.81 3.54 -7.31
CA GLY B 479 -21.99 3.02 -6.67
C GLY B 479 -22.04 1.57 -6.28
N TYR B 480 -22.75 1.30 -5.17
CA TYR B 480 -23.18 -0.06 -4.85
C TYR B 480 -24.38 -0.37 -5.75
N LYS B 481 -24.72 -1.64 -5.88
CA LYS B 481 -25.97 -2.05 -6.51
C LYS B 481 -26.10 -1.53 -7.94
N GLN B 482 -27.23 -0.98 -8.33
CA GLN B 482 -27.42 -0.57 -9.70
C GLN B 482 -26.88 0.80 -10.04
N SER B 483 -26.21 1.43 -9.09
CA SER B 483 -25.58 2.73 -9.36
C SER B 483 -24.27 2.59 -10.14
N GLY B 484 -23.73 1.38 -10.28
CA GLY B 484 -22.57 1.21 -11.12
C GLY B 484 -21.70 0.01 -10.87
N ILE B 485 -20.54 0.02 -11.53
CA ILE B 485 -19.50 -1.00 -11.39
C ILE B 485 -18.19 -0.24 -11.45
N GLY B 486 -17.36 -0.45 -10.44
CA GLY B 486 -16.06 0.21 -10.36
C GLY B 486 -16.06 1.54 -9.66
N ARG B 487 -14.91 2.20 -9.71
CA ARG B 487 -14.77 3.51 -9.12
C ARG B 487 -14.05 4.45 -10.03
N GLU B 488 -14.37 5.75 -9.87
CA GLU B 488 -13.61 6.84 -10.50
C GLU B 488 -13.03 7.66 -9.37
N LEU B 489 -11.93 8.34 -9.68
CA LEU B 489 -11.18 9.16 -8.75
C LEU B 489 -10.39 8.32 -7.77
N GLY B 490 -9.42 8.94 -7.12
CA GLY B 490 -8.60 8.23 -6.16
C GLY B 490 -7.66 7.21 -6.80
N LYS B 491 -6.92 6.51 -5.95
CA LYS B 491 -6.06 5.45 -6.42
C LYS B 491 -6.88 4.34 -7.09
N GLU B 492 -8.08 4.05 -6.56
N GLU B 492 -8.07 4.06 -6.56
CA GLU B 492 -8.95 3.04 -7.19
CA GLU B 492 -8.94 3.04 -7.12
C GLU B 492 -9.37 3.42 -8.58
C GLU B 492 -9.39 3.43 -8.55
N GLY B 493 -9.63 4.71 -8.77
CA GLY B 493 -9.95 5.20 -10.11
C GLY B 493 -8.83 4.94 -11.10
N LEU B 494 -7.58 5.20 -10.68
CA LEU B 494 -6.44 4.95 -11.51
C LEU B 494 -6.32 3.47 -11.87
N GLU B 495 -6.63 2.61 -10.91
N GLU B 495 -6.62 2.60 -10.91
CA GLU B 495 -6.53 1.17 -11.09
CA GLU B 495 -6.52 1.16 -11.11
C GLU B 495 -7.45 0.61 -12.18
C GLU B 495 -7.44 0.61 -12.18
N GLU B 496 -8.54 1.29 -12.49
CA GLU B 496 -9.40 0.85 -13.60
C GLU B 496 -8.60 0.88 -14.91
N TYR B 497 -7.63 1.78 -15.00
CA TYR B 497 -6.81 1.96 -16.19
C TYR B 497 -5.49 1.19 -16.20
N LEU B 498 -5.33 0.28 -15.25
CA LEU B 498 -4.16 -0.59 -15.16
C LEU B 498 -4.55 -2.05 -15.27
N VAL B 499 -3.61 -2.88 -15.68
CA VAL B 499 -3.77 -4.33 -15.66
C VAL B 499 -2.52 -4.91 -14.99
N SER B 500 -2.70 -5.95 -14.19
CA SER B 500 -1.62 -6.65 -13.49
C SER B 500 -1.07 -7.84 -14.28
N LYS B 501 0.25 -7.95 -14.33
CA LYS B 501 0.91 -9.08 -14.95
C LYS B 501 1.89 -9.69 -13.93
N HIS B 502 1.76 -10.99 -13.67
CA HIS B 502 2.67 -11.72 -12.84
C HIS B 502 3.77 -12.31 -13.70
N ILE B 503 5.01 -11.85 -13.51
CA ILE B 503 6.15 -12.40 -14.21
C ILE B 503 6.94 -13.22 -13.19
N LEU B 504 7.00 -14.53 -13.45
N LEU B 504 7.01 -14.53 -13.46
CA LEU B 504 7.68 -15.48 -12.56
CA LEU B 504 7.68 -15.47 -12.57
C LEU B 504 8.88 -16.09 -13.30
C LEU B 504 8.88 -16.09 -13.30
N THR B 505 10.06 -15.84 -12.76
CA THR B 505 11.29 -16.35 -13.33
C THR B 505 11.83 -17.50 -12.49
N ASN B 506 12.08 -18.64 -13.11
CA ASN B 506 12.66 -19.76 -12.39
C ASN B 506 14.15 -19.58 -12.57
N THR B 507 14.85 -19.27 -11.48
CA THR B 507 16.28 -19.01 -11.57
C THR B 507 17.15 -20.25 -11.47
N ASN B 508 16.57 -21.42 -11.33
CA ASN B 508 17.34 -22.66 -11.37
C ASN B 508 16.48 -23.76 -11.96
N PRO B 509 16.12 -23.60 -13.24
CA PRO B 509 15.17 -24.53 -13.81
C PRO B 509 15.71 -25.95 -13.93
N GLN B 510 14.90 -26.91 -13.54
CA GLN B 510 15.25 -28.31 -13.63
C GLN B 510 14.14 -29.08 -14.35
N LEU B 511 14.52 -30.16 -15.04
N LEU B 511 14.52 -30.15 -15.03
CA LEU B 511 13.53 -30.99 -15.70
CA LEU B 511 13.53 -30.99 -15.70
C LEU B 511 12.62 -31.59 -14.65
C LEU B 511 12.62 -31.58 -14.64
N VAL B 512 11.32 -31.64 -14.96
CA VAL B 512 10.35 -32.24 -14.06
C VAL B 512 10.34 -33.76 -14.23
N ASN B 513 10.57 -34.25 -15.44
CA ASN B 513 10.60 -35.68 -15.73
C ASN B 513 9.33 -36.42 -15.28
N TRP B 514 8.19 -35.81 -15.54
CA TRP B 514 6.90 -36.45 -15.28
C TRP B 514 6.61 -37.49 -16.36
N PHE B 515 6.81 -37.09 -17.61
CA PHE B 515 6.53 -37.96 -18.75
C PHE B 515 7.77 -38.79 -19.15
N SER B 516 7.57 -40.09 -19.40
CA SER B 516 8.63 -41.05 -19.75
C SER B 516 9.56 -40.61 -20.88
N LYS B 517 10.83 -40.98 -20.71
CA LYS B 517 11.91 -40.74 -21.65
C LYS B 517 12.17 -42.04 -22.41
N MET C 22 29.26 35.68 -10.72
CA MET C 22 29.60 37.05 -10.20
C MET C 22 28.48 38.06 -10.46
N GLU C 23 27.67 37.82 -11.51
CA GLU C 23 26.56 38.69 -11.88
C GLU C 23 25.46 38.52 -10.85
N LEU C 24 25.16 37.26 -10.58
CA LEU C 24 24.06 36.89 -9.69
C LEU C 24 24.40 37.26 -8.25
N LEU C 25 25.69 37.17 -7.92
CA LEU C 25 26.14 37.54 -6.58
C LEU C 25 25.83 38.97 -6.14
N LYS C 26 25.72 39.91 -7.07
CA LYS C 26 25.43 41.29 -6.64
C LYS C 26 24.03 41.46 -6.02
N HIS C 27 23.11 40.53 -6.29
CA HIS C 27 21.76 40.60 -5.74
C HIS C 27 21.46 39.51 -4.69
N LEU C 28 22.40 38.60 -4.46
CA LEU C 28 22.15 37.51 -3.53
C LEU C 28 22.20 37.95 -2.07
N SER C 29 21.28 37.43 -1.26
N SER C 29 21.28 37.43 -1.26
CA SER C 29 21.26 37.75 0.15
CA SER C 29 21.26 37.73 0.15
C SER C 29 22.54 37.24 0.83
C SER C 29 22.54 37.24 0.83
N GLN C 30 22.98 37.95 1.87
CA GLN C 30 24.17 37.58 2.63
C GLN C 30 23.80 37.10 4.02
N ARG C 31 22.51 37.05 4.31
CA ARG C 31 22.02 36.83 5.64
C ARG C 31 21.34 35.48 5.85
N GLN C 32 21.10 35.21 7.13
CA GLN C 32 20.30 34.08 7.59
C GLN C 32 18.83 34.47 7.40
N TYR C 33 17.96 33.48 7.47
CA TYR C 33 16.53 33.68 7.32
C TYR C 33 15.88 33.02 8.50
N ILE C 34 15.42 33.85 9.44
CA ILE C 34 14.84 33.34 10.65
C ILE C 34 13.49 33.98 10.90
N ASP C 35 12.48 33.13 11.07
CA ASP C 35 11.13 33.58 11.39
C ASP C 35 10.61 34.68 10.44
N GLY C 36 10.74 34.43 9.15
CA GLY C 36 10.22 35.34 8.12
C GLY C 36 11.07 36.54 7.77
N GLU C 37 12.24 36.67 8.37
CA GLU C 37 13.11 37.83 8.15
C GLU C 37 14.53 37.43 7.82
N TRP C 38 15.14 38.19 6.92
CA TRP C 38 16.57 38.04 6.61
C TRP C 38 17.30 38.84 7.70
N VAL C 39 18.16 38.17 8.45
CA VAL C 39 18.84 38.76 9.58
C VAL C 39 20.30 38.39 9.64
N GLU C 40 21.10 39.31 10.17
CA GLU C 40 22.52 39.07 10.35
C GLU C 40 22.71 38.10 11.52
N SER C 41 23.95 37.73 11.77
CA SER C 41 24.27 36.95 12.95
C SER C 41 24.05 37.82 14.15
N ALA C 42 23.60 37.23 15.25
CA ALA C 42 23.39 38.00 16.51
C ALA C 42 24.66 38.75 16.93
N ASN C 43 25.84 38.22 16.60
CA ASN C 43 27.10 38.91 16.94
C ASN C 43 27.75 39.63 15.77
N LYS C 44 27.05 39.71 14.65
CA LYS C 44 27.55 40.35 13.43
C LYS C 44 28.75 39.65 12.77
N ASN C 45 29.08 38.45 13.20
CA ASN C 45 30.20 37.75 12.59
C ASN C 45 29.87 37.37 11.16
N THR C 46 30.92 37.28 10.34
CA THR C 46 30.74 36.88 8.94
C THR C 46 31.79 35.85 8.55
N ARG C 47 31.59 35.26 7.38
CA ARG C 47 32.50 34.27 6.81
C ARG C 47 32.70 34.54 5.33
N ASP C 48 33.94 34.43 4.87
CA ASP C 48 34.23 34.58 3.45
C ASP C 48 34.12 33.23 2.74
N ILE C 49 33.37 33.21 1.65
CA ILE C 49 33.14 32.03 0.86
C ILE C 49 34.12 32.09 -0.29
N ILE C 50 34.70 30.92 -0.57
N ILE C 50 34.70 30.92 -0.57
CA ILE C 50 35.76 30.76 -1.55
CA ILE C 50 35.75 30.75 -1.54
C ILE C 50 35.33 29.95 -2.77
C ILE C 50 35.33 29.96 -2.76
N ASN C 51 35.93 30.26 -3.91
CA ASN C 51 35.80 29.48 -5.15
C ASN C 51 37.02 28.54 -5.20
N PRO C 52 36.80 27.21 -5.17
CA PRO C 52 37.97 26.30 -5.15
C PRO C 52 38.85 26.27 -6.40
N TYR C 53 38.35 26.79 -7.51
CA TYR C 53 39.13 26.84 -8.73
C TYR C 53 40.32 27.81 -8.64
N ASN C 54 40.15 28.91 -7.92
CA ASN C 54 41.21 29.91 -7.79
C ASN C 54 41.48 30.39 -6.36
N GLN C 55 40.75 29.82 -5.40
CA GLN C 55 40.87 30.17 -3.99
C GLN C 55 40.59 31.64 -3.69
N GLU C 56 39.83 32.29 -4.56
CA GLU C 56 39.45 33.66 -4.36
C GLU C 56 38.17 33.75 -3.53
N VAL C 57 38.10 34.80 -2.71
CA VAL C 57 36.88 35.07 -1.96
C VAL C 57 35.83 35.54 -2.97
N ILE C 58 34.68 34.90 -3.00
CA ILE C 58 33.62 35.28 -3.94
C ILE C 58 32.43 35.96 -3.25
N PHE C 59 32.29 35.80 -1.93
CA PHE C 59 31.13 36.32 -1.24
C PHE C 59 31.38 36.31 0.25
N THR C 60 30.65 37.13 0.98
CA THR C 60 30.75 37.17 2.44
C THR C 60 29.36 37.06 3.04
N VAL C 61 29.18 36.09 3.95
CA VAL C 61 27.86 35.81 4.56
C VAL C 61 27.91 35.88 6.08
N SER C 62 26.73 35.98 6.69
CA SER C 62 26.62 35.95 8.13
C SER C 62 27.09 34.61 8.67
N GLU C 63 27.72 34.65 9.83
CA GLU C 63 28.16 33.46 10.55
C GLU C 63 27.36 33.46 11.85
N GLY C 64 26.27 32.71 11.86
CA GLY C 64 25.34 32.69 12.97
C GLY C 64 25.81 32.10 14.28
N THR C 65 25.09 32.42 15.34
CA THR C 65 25.43 31.95 16.68
C THR C 65 24.48 30.86 17.13
N LYS C 66 24.84 30.19 18.22
CA LYS C 66 23.98 29.18 18.78
C LYS C 66 22.62 29.77 19.22
N GLU C 67 22.60 31.03 19.62
CA GLU C 67 21.36 31.68 20.02
C GLU C 67 20.46 31.92 18.79
N ASP C 68 21.08 32.23 17.65
CA ASP C 68 20.34 32.35 16.40
C ASP C 68 19.66 30.99 16.09
N ALA C 69 20.42 29.90 16.20
CA ALA C 69 19.88 28.57 15.91
C ALA C 69 18.71 28.24 16.86
N GLU C 70 18.88 28.55 18.14
CA GLU C 70 17.82 28.33 19.09
C GLU C 70 16.58 29.16 18.72
N ARG C 71 16.77 30.41 18.32
CA ARG C 71 15.62 31.26 17.96
C ARG C 71 14.88 30.68 16.75
N ALA C 72 15.62 30.14 15.80
CA ALA C 72 15.03 29.53 14.61
C ALA C 72 14.22 28.31 14.99
N ILE C 73 14.76 27.47 15.85
CA ILE C 73 14.06 26.29 16.29
C ILE C 73 12.77 26.68 17.04
N LEU C 74 12.85 27.68 17.92
CA LEU C 74 11.64 28.12 18.64
C LEU C 74 10.60 28.71 17.69
N ALA C 75 11.06 29.42 16.67
CA ALA C 75 10.17 29.95 15.63
C ALA C 75 9.49 28.82 14.87
N ALA C 76 10.27 27.81 14.50
CA ALA C 76 9.74 26.63 13.82
C ALA C 76 8.68 25.90 14.68
N ARG C 77 8.95 25.78 15.96
CA ARG C 77 7.99 25.20 16.89
C ARG C 77 6.71 26.05 17.00
N ARG C 78 6.86 27.37 17.15
CA ARG C 78 5.68 28.24 17.23
C ARG C 78 4.83 28.08 15.94
N ALA C 79 5.50 28.11 14.79
CA ALA C 79 4.83 27.99 13.50
C ALA C 79 4.12 26.63 13.42
N PHE C 80 4.81 25.58 13.84
CA PHE C 80 4.21 24.25 13.80
C PHE C 80 2.91 24.22 14.63
N GLU C 81 3.00 24.72 15.86
CA GLU C 81 1.84 24.74 16.75
C GLU C 81 0.69 25.66 16.27
N SER C 82 0.99 26.71 15.51
CA SER C 82 -0.06 27.63 14.98
C SER C 82 -0.94 26.86 13.96
N GLY C 83 -0.39 25.83 13.36
CA GLY C 83 -1.09 25.00 12.37
C GLY C 83 -1.22 25.60 10.98
N GLU C 84 -0.67 26.80 10.76
CA GLU C 84 -0.83 27.46 9.46
C GLU C 84 -0.31 26.62 8.28
N TRP C 85 0.74 25.87 8.52
CA TRP C 85 1.29 24.98 7.50
C TRP C 85 0.94 23.51 7.81
N SER C 86 1.09 23.11 9.08
CA SER C 86 0.86 21.73 9.47
C SER C 86 -0.59 21.30 9.30
N GLN C 87 -1.53 22.24 9.35
CA GLN C 87 -2.95 21.93 9.12
C GLN C 87 -3.44 22.43 7.77
N GLU C 88 -2.56 22.96 6.92
CA GLU C 88 -2.91 23.31 5.56
C GLU C 88 -3.28 21.99 4.85
N THR C 89 -4.11 22.04 3.82
CA THR C 89 -4.48 20.77 3.15
C THR C 89 -3.26 20.21 2.43
N ALA C 90 -3.14 18.88 2.38
CA ALA C 90 -2.00 18.26 1.71
C ALA C 90 -1.95 18.68 0.24
N GLU C 91 -3.10 18.81 -0.38
CA GLU C 91 -3.16 19.24 -1.77
C GLU C 91 -2.52 20.62 -1.95
N THR C 92 -2.82 21.55 -1.05
CA THR C 92 -2.29 22.89 -1.17
C THR C 92 -0.80 22.87 -0.89
N ARG C 93 -0.39 22.06 0.08
CA ARG C 93 1.05 21.95 0.35
C ARG C 93 1.76 21.45 -0.89
N GLY C 94 1.18 20.46 -1.56
CA GLY C 94 1.73 19.95 -2.80
C GLY C 94 1.89 21.05 -3.86
N LYS C 95 0.90 21.90 -3.97
CA LYS C 95 0.94 22.99 -4.97
C LYS C 95 2.12 23.93 -4.69
N LYS C 96 2.36 24.22 -3.40
CA LYS C 96 3.45 25.10 -3.01
C LYS C 96 4.79 24.46 -3.31
N VAL C 97 4.92 23.17 -3.06
CA VAL C 97 6.16 22.45 -3.33
C VAL C 97 6.39 22.42 -4.85
N ARG C 98 5.31 22.27 -5.62
N ARG C 98 5.31 22.27 -5.62
CA ARG C 98 5.41 22.34 -7.07
CA ARG C 98 5.39 22.32 -7.07
C ARG C 98 5.91 23.71 -7.53
C ARG C 98 5.90 23.70 -7.53
N ALA C 99 5.43 24.76 -6.88
CA ALA C 99 5.85 26.12 -7.22
C ALA C 99 7.35 26.31 -6.98
N ILE C 100 7.88 25.70 -5.92
CA ILE C 100 9.31 25.72 -5.72
C ILE C 100 9.98 25.00 -6.90
N ALA C 101 9.50 23.80 -7.25
CA ALA C 101 10.09 23.08 -8.39
C ALA C 101 10.16 23.95 -9.65
N ASP C 102 9.09 24.66 -9.93
CA ASP C 102 9.03 25.48 -11.13
C ASP C 102 10.07 26.63 -11.07
N LYS C 103 10.26 27.20 -9.90
CA LYS C 103 11.26 28.25 -9.72
C LYS C 103 12.68 27.75 -9.95
N ILE C 104 12.96 26.53 -9.53
CA ILE C 104 14.24 25.92 -9.77
C ILE C 104 14.52 25.84 -11.29
N LYS C 105 13.54 25.38 -12.05
CA LYS C 105 13.69 25.29 -13.49
C LYS C 105 13.84 26.67 -14.13
N GLU C 106 13.04 27.62 -13.68
CA GLU C 106 13.08 28.97 -14.19
C GLU C 106 14.49 29.57 -14.03
N HIS C 107 15.11 29.32 -12.88
CA HIS C 107 16.43 29.85 -12.53
C HIS C 107 17.58 28.86 -12.71
N ARG C 108 17.34 27.85 -13.54
CA ARG C 108 18.28 26.75 -13.77
C ARG C 108 19.70 27.19 -14.11
N GLU C 109 19.82 28.14 -15.04
N GLU C 109 19.82 28.14 -15.04
CA GLU C 109 21.12 28.60 -15.50
CA GLU C 109 21.13 28.61 -15.50
C GLU C 109 21.91 29.30 -14.39
C GLU C 109 21.91 29.30 -14.39
N ALA C 110 21.29 30.26 -13.73
CA ALA C 110 21.95 31.00 -12.66
C ALA C 110 22.28 30.10 -11.47
N LEU C 111 21.37 29.18 -11.15
CA LEU C 111 21.60 28.25 -10.04
C LEU C 111 22.76 27.32 -10.36
N ALA C 112 22.82 26.82 -11.58
CA ALA C 112 23.93 25.93 -11.99
C ALA C 112 25.27 26.66 -11.94
N ARG C 113 25.30 27.89 -12.42
CA ARG C 113 26.51 28.70 -12.36
C ARG C 113 26.95 28.94 -10.91
N LEU C 114 26.01 29.26 -10.06
CA LEU C 114 26.33 29.53 -8.67
C LEU C 114 26.89 28.28 -8.00
N GLU C 115 26.30 27.12 -8.33
CA GLU C 115 26.77 25.85 -7.73
C GLU C 115 28.22 25.51 -8.20
N THR C 116 28.51 25.73 -9.47
CA THR C 116 29.87 25.52 -10.02
C THR C 116 30.87 26.52 -9.40
N LEU C 117 30.41 27.74 -9.19
CA LEU C 117 31.26 28.77 -8.59
C LEU C 117 31.63 28.41 -7.15
N ASP C 118 30.62 27.95 -6.40
CA ASP C 118 30.80 27.63 -4.99
C ASP C 118 31.54 26.29 -4.77
N THR C 119 31.24 25.28 -5.58
CA THR C 119 31.73 23.90 -5.35
C THR C 119 32.80 23.39 -6.29
N GLY C 120 32.98 24.08 -7.42
CA GLY C 120 34.00 23.76 -8.37
C GLY C 120 33.67 22.74 -9.44
N LYS C 121 32.56 22.01 -9.31
CA LYS C 121 32.30 20.95 -10.30
C LYS C 121 31.91 21.53 -11.63
N THR C 122 31.92 20.70 -12.68
CA THR C 122 31.66 21.20 -14.01
C THR C 122 30.25 21.78 -14.13
N LEU C 123 30.13 22.77 -15.01
CA LEU C 123 28.85 23.38 -15.26
C LEU C 123 27.85 22.32 -15.75
N GLU C 124 28.29 21.40 -16.59
CA GLU C 124 27.40 20.32 -17.04
C GLU C 124 26.88 19.48 -15.88
N GLU C 125 27.75 19.18 -14.90
CA GLU C 125 27.29 18.46 -13.72
C GLU C 125 26.28 19.31 -12.95
N SER C 126 26.54 20.62 -12.85
CA SER C 126 25.62 21.48 -12.13
C SER C 126 24.23 21.55 -12.82
N TYR C 127 24.20 21.58 -14.14
CA TYR C 127 22.94 21.56 -14.85
C TYR C 127 22.19 20.30 -14.53
N ALA C 128 22.90 19.17 -14.51
CA ALA C 128 22.27 17.88 -14.18
C ALA C 128 21.64 17.93 -12.79
N ASP C 129 22.39 18.48 -11.82
CA ASP C 129 21.87 18.68 -10.50
C ASP C 129 20.55 19.44 -10.56
N MET C 130 20.53 20.57 -11.27
CA MET C 130 19.32 21.40 -11.29
C MET C 130 18.13 20.64 -11.92
N ASP C 131 18.39 19.81 -12.91
CA ASP C 131 17.30 18.99 -13.49
C ASP C 131 16.80 17.99 -12.44
N ASP C 132 17.71 17.36 -11.72
CA ASP C 132 17.35 16.45 -10.65
C ASP C 132 16.55 17.16 -9.55
N ILE C 133 17.01 18.35 -9.15
CA ILE C 133 16.39 19.11 -8.08
C ILE C 133 14.95 19.45 -8.47
N HIS C 134 14.75 19.87 -9.71
CA HIS C 134 13.40 20.14 -10.16
C HIS C 134 12.55 18.89 -9.99
N ASN C 135 13.07 17.77 -10.43
CA ASN C 135 12.32 16.50 -10.34
C ASN C 135 12.06 16.01 -8.92
N VAL C 136 12.97 16.31 -7.98
CA VAL C 136 12.79 15.97 -6.59
C VAL C 136 11.63 16.74 -6.00
N PHE C 137 11.66 18.07 -6.14
CA PHE C 137 10.54 18.87 -5.68
C PHE C 137 9.23 18.41 -6.40
N MET C 138 9.27 18.14 -7.70
CA MET C 138 8.04 17.74 -8.41
C MET C 138 7.49 16.41 -7.91
N TYR C 139 8.39 15.48 -7.59
CA TYR C 139 7.97 14.16 -7.09
C TYR C 139 7.23 14.29 -5.75
N PHE C 140 7.86 14.99 -4.79
CA PHE C 140 7.26 15.23 -3.51
C PHE C 140 5.99 16.07 -3.56
N ALA C 141 5.94 17.04 -4.46
CA ALA C 141 4.72 17.83 -4.66
C ALA C 141 3.57 16.89 -5.02
N GLY C 142 3.85 15.97 -5.94
CA GLY C 142 2.82 15.00 -6.36
C GLY C 142 2.51 13.96 -5.32
N LEU C 143 3.44 13.73 -4.38
CA LEU C 143 3.18 12.73 -3.35
C LEU C 143 2.42 13.26 -2.15
N ALA C 144 2.43 14.57 -1.97
CA ALA C 144 1.95 15.19 -0.73
C ALA C 144 0.56 14.73 -0.26
N ASP C 145 -0.35 14.60 -1.20
CA ASP C 145 -1.73 14.31 -0.85
C ASP C 145 -2.17 12.90 -1.14
N LYS C 146 -1.22 11.97 -1.25
CA LYS C 146 -1.59 10.62 -1.66
C LYS C 146 -1.74 9.57 -0.53
N ASP C 147 -1.52 9.91 0.74
N ASP C 147 -1.61 9.96 0.74
CA ASP C 147 -1.66 8.85 1.80
CA ASP C 147 -1.86 9.02 1.84
C ASP C 147 -1.76 9.42 3.22
C ASP C 147 -2.81 9.71 2.80
N GLY C 148 -2.97 9.52 3.76
N GLY C 148 -2.39 9.69 4.05
CA GLY C 148 -3.21 10.13 5.07
CA GLY C 148 -3.17 10.19 5.13
C GLY C 148 -3.24 9.16 6.23
C GLY C 148 -3.23 9.17 6.25
N GLY C 149 -3.05 7.89 5.93
CA GLY C 149 -3.10 6.82 6.92
C GLY C 149 -3.99 5.65 6.53
N GLU C 150 -4.42 4.87 7.52
N GLU C 150 -4.41 4.86 7.52
CA GLU C 150 -5.17 3.64 7.27
CA GLU C 150 -5.13 3.61 7.26
C GLU C 150 -6.36 3.45 8.18
C GLU C 150 -6.35 3.43 8.18
N MET C 151 -7.33 2.69 7.70
CA MET C 151 -8.43 2.25 8.52
C MET C 151 -8.03 0.80 8.89
N ILE C 152 -8.18 0.44 10.14
CA ILE C 152 -7.79 -0.90 10.61
C ILE C 152 -9.06 -1.65 10.99
N ASP C 153 -9.17 -2.91 10.56
CA ASP C 153 -10.31 -3.73 10.98
C ASP C 153 -9.96 -4.16 12.42
N SER C 154 -10.65 -3.58 13.39
CA SER C 154 -10.28 -3.76 14.80
C SER C 154 -10.68 -5.16 15.31
N PRO C 155 -9.81 -5.78 16.10
CA PRO C 155 -10.13 -7.07 16.70
C PRO C 155 -11.03 -6.94 17.93
N ILE C 156 -11.38 -5.72 18.31
CA ILE C 156 -12.30 -5.49 19.45
C ILE C 156 -13.68 -5.09 18.92
N PRO C 157 -14.72 -5.85 19.24
CA PRO C 157 -16.04 -5.47 18.80
C PRO C 157 -16.41 -4.07 19.29
N ASP C 158 -17.17 -3.37 18.48
CA ASP C 158 -17.68 -2.05 18.80
C ASP C 158 -16.54 -1.06 19.05
N THR C 159 -15.56 -1.10 18.17
CA THR C 159 -14.50 -0.08 18.19
C THR C 159 -14.19 0.27 16.75
N GLU C 160 -13.71 1.50 16.54
CA GLU C 160 -13.23 1.94 15.25
C GLU C 160 -11.75 2.25 15.43
N SER C 161 -10.93 1.80 14.51
CA SER C 161 -9.48 1.95 14.62
C SER C 161 -8.92 2.58 13.38
N LYS C 162 -8.20 3.66 13.54
CA LYS C 162 -7.57 4.27 12.40
C LYS C 162 -6.19 4.76 12.74
N ILE C 163 -5.33 4.76 11.73
N ILE C 163 -5.33 4.75 11.72
CA ILE C 163 -3.98 5.27 11.87
CA ILE C 163 -3.98 5.27 11.87
C ILE C 163 -3.91 6.54 11.03
C ILE C 163 -3.92 6.54 11.04
N VAL C 164 -3.61 7.66 11.67
N VAL C 164 -3.63 7.67 11.68
CA VAL C 164 -3.50 8.92 10.97
CA VAL C 164 -3.50 8.93 10.95
C VAL C 164 -2.03 9.29 10.87
C VAL C 164 -2.03 9.29 10.87
N LYS C 165 -1.59 9.76 9.71
CA LYS C 165 -0.19 10.14 9.55
C LYS C 165 -0.12 11.65 9.64
N GLU C 166 0.71 12.15 10.54
CA GLU C 166 0.84 13.56 10.76
C GLU C 166 2.25 13.97 10.47
N PRO C 167 2.50 15.28 10.26
CA PRO C 167 3.90 15.67 10.14
C PRO C 167 4.64 15.38 11.43
N VAL C 168 5.90 14.99 11.33
CA VAL C 168 6.68 14.57 12.50
C VAL C 168 6.85 15.72 13.45
N GLY C 169 6.91 16.93 12.89
CA GLY C 169 6.97 18.14 13.68
C GLY C 169 8.02 19.14 13.22
N VAL C 170 8.91 19.50 14.14
CA VAL C 170 10.00 20.40 13.87
C VAL C 170 11.23 19.58 13.49
N VAL C 171 11.84 19.92 12.35
CA VAL C 171 12.96 19.17 11.83
C VAL C 171 14.19 20.05 11.58
N THR C 172 15.36 19.54 11.97
CA THR C 172 16.60 20.25 11.69
C THR C 172 17.30 19.45 10.59
N GLN C 173 17.87 20.18 9.65
CA GLN C 173 18.43 19.63 8.43
C GLN C 173 19.81 20.21 8.17
N ILE C 174 20.81 19.34 8.12
CA ILE C 174 22.20 19.73 7.95
C ILE C 174 22.74 19.04 6.71
N THR C 175 23.20 19.84 5.75
CA THR C 175 23.61 19.36 4.45
C THR C 175 25.12 19.50 4.22
N PRO C 176 25.65 18.70 3.26
CA PRO C 176 27.06 18.67 3.00
C PRO C 176 27.49 19.64 1.90
N TRP C 177 28.80 19.80 1.76
CA TRP C 177 29.34 20.70 0.74
C TRP C 177 29.42 20.16 -0.68
N ASN C 178 29.25 18.85 -0.88
CA ASN C 178 29.52 18.33 -2.22
C ASN C 178 28.45 18.66 -3.28
N TYR C 179 27.20 18.45 -2.89
CA TYR C 179 26.07 18.79 -3.75
C TYR C 179 25.09 19.56 -2.83
N PRO C 180 25.41 20.83 -2.56
CA PRO C 180 24.62 21.58 -1.59
C PRO C 180 23.12 21.68 -1.89
N LEU C 181 22.76 22.15 -3.06
CA LEU C 181 21.34 22.32 -3.33
C LEU C 181 20.66 20.98 -3.56
N LEU C 182 21.35 20.05 -4.17
CA LEU C 182 20.75 18.72 -4.37
C LEU C 182 20.36 18.07 -3.06
N GLN C 183 21.32 17.99 -2.13
CA GLN C 183 21.04 17.39 -0.82
C GLN C 183 20.03 18.23 -0.04
N ALA C 184 20.06 19.55 -0.19
CA ALA C 184 19.03 20.38 0.43
C ALA C 184 17.63 19.99 -0.06
N SER C 185 17.47 19.80 -1.38
CA SER C 185 16.16 19.45 -1.94
C SER C 185 15.63 18.12 -1.39
N TRP C 186 16.52 17.16 -1.13
CA TRP C 186 16.09 15.84 -0.65
C TRP C 186 15.44 15.94 0.74
N LYS C 187 15.80 16.99 1.48
CA LYS C 187 15.29 17.23 2.82
C LYS C 187 14.13 18.21 2.85
N ILE C 188 14.30 19.35 2.17
CA ILE C 188 13.26 20.35 2.16
C ILE C 188 11.92 19.84 1.54
N ALA C 189 12.01 19.15 0.42
CA ALA C 189 10.81 18.77 -0.30
C ALA C 189 9.85 17.92 0.53
N PRO C 190 10.32 16.82 1.13
CA PRO C 190 9.38 16.04 1.94
C PRO C 190 8.94 16.78 3.21
N ALA C 191 9.83 17.56 3.83
CA ALA C 191 9.43 18.30 5.02
C ALA C 191 8.27 19.23 4.73
N LEU C 192 8.37 19.98 3.64
CA LEU C 192 7.30 20.91 3.32
C LEU C 192 6.05 20.19 2.84
N ALA C 193 6.23 19.12 2.06
CA ALA C 193 5.06 18.37 1.56
C ALA C 193 4.22 17.81 2.72
N THR C 194 4.86 17.35 3.78
CA THR C 194 4.15 16.71 4.90
C THR C 194 3.60 17.72 5.91
N GLY C 195 4.04 18.97 5.86
CA GLY C 195 3.59 19.98 6.78
C GLY C 195 4.49 20.28 7.98
N CYS C 196 5.75 19.86 7.92
CA CYS C 196 6.69 20.13 9.00
C CYS C 196 7.16 21.57 8.97
N SER C 197 7.79 22.01 10.07
CA SER C 197 8.55 23.24 10.10
C SER C 197 10.00 22.82 10.12
N LEU C 198 10.85 23.57 9.42
CA LEU C 198 12.23 23.21 9.28
C LEU C 198 13.24 24.31 9.56
N VAL C 199 14.40 23.88 10.03
CA VAL C 199 15.57 24.74 10.21
C VAL C 199 16.72 24.06 9.48
N MET C 200 17.24 24.70 8.47
CA MET C 200 18.32 24.13 7.65
C MET C 200 19.62 24.91 7.84
N LYS C 201 20.72 24.16 7.89
CA LYS C 201 22.05 24.76 7.93
C LYS C 201 22.89 24.07 6.86
N PRO C 202 23.26 24.81 5.80
CA PRO C 202 24.11 24.22 4.76
C PRO C 202 25.55 24.23 5.24
N SER C 203 26.42 23.54 4.51
CA SER C 203 27.80 23.50 4.85
C SER C 203 28.34 24.92 4.92
N GLU C 204 29.13 25.19 5.93
CA GLU C 204 29.65 26.54 6.11
C GLU C 204 30.46 27.03 4.93
N ILE C 205 31.05 26.12 4.16
CA ILE C 205 31.88 26.54 3.05
C ILE C 205 31.14 26.67 1.71
N THR C 206 29.91 26.17 1.63
CA THR C 206 29.12 26.22 0.40
C THR C 206 27.64 26.60 0.63
N PRO C 207 27.38 27.85 1.06
CA PRO C 207 26.00 28.24 1.34
C PRO C 207 25.22 28.89 0.19
N LEU C 208 25.86 29.17 -0.93
CA LEU C 208 25.29 30.07 -1.91
C LEU C 208 23.95 29.65 -2.55
N THR C 209 23.88 28.45 -3.11
CA THR C 209 22.64 28.02 -3.71
C THR C 209 21.55 27.78 -2.66
N THR C 210 21.93 27.54 -1.40
CA THR C 210 20.94 27.30 -0.35
C THR C 210 20.31 28.64 0.04
N ILE C 211 21.14 29.69 0.12
CA ILE C 211 20.62 31.02 0.30
C ILE C 211 19.64 31.32 -0.84
N ARG C 212 20.04 31.04 -2.06
CA ARG C 212 19.18 31.34 -3.20
C ARG C 212 17.87 30.58 -3.16
N VAL C 213 17.89 29.30 -2.82
CA VAL C 213 16.63 28.55 -2.76
C VAL C 213 15.73 29.10 -1.65
N PHE C 214 16.29 29.59 -0.55
CA PHE C 214 15.46 30.25 0.47
C PHE C 214 14.78 31.52 -0.08
N GLU C 215 15.51 32.30 -0.88
CA GLU C 215 14.91 33.47 -1.54
C GLU C 215 13.72 33.01 -2.40
N LEU C 216 13.92 31.91 -3.13
CA LEU C 216 12.85 31.39 -4.02
C LEU C 216 11.67 30.85 -3.23
N MET C 217 11.94 30.20 -2.10
CA MET C 217 10.84 29.69 -1.28
C MET C 217 10.04 30.85 -0.69
N GLU C 218 10.74 31.91 -0.32
CA GLU C 218 10.08 33.09 0.20
C GLU C 218 9.11 33.66 -0.85
N GLU C 219 9.50 33.62 -2.12
CA GLU C 219 8.66 34.13 -3.17
C GLU C 219 7.38 33.32 -3.31
N VAL C 220 7.48 32.04 -3.07
CA VAL C 220 6.31 31.15 -3.11
C VAL C 220 5.40 31.47 -1.94
N GLY C 221 5.98 31.64 -0.77
CA GLY C 221 5.24 32.08 0.40
C GLY C 221 4.91 30.98 1.36
N PHE C 222 5.50 31.04 2.55
CA PHE C 222 5.20 30.08 3.61
C PHE C 222 4.95 30.81 4.93
N PRO C 223 4.15 30.22 5.82
CA PRO C 223 3.90 30.95 7.04
C PRO C 223 5.20 31.21 7.81
N LYS C 224 5.23 32.34 8.49
CA LYS C 224 6.36 32.78 9.27
C LYS C 224 6.85 31.70 10.21
N GLY C 225 8.13 31.34 10.09
CA GLY C 225 8.73 30.29 10.94
C GLY C 225 8.73 28.88 10.37
N THR C 226 7.96 28.64 9.32
CA THR C 226 7.89 27.32 8.70
C THR C 226 9.23 26.90 8.12
N ILE C 227 9.94 27.88 7.54
CA ILE C 227 11.27 27.64 6.99
C ILE C 227 12.27 28.60 7.63
N ASN C 228 13.44 28.10 7.97
CA ASN C 228 14.49 28.91 8.56
C ASN C 228 15.82 28.43 8.05
N LEU C 229 16.71 29.38 7.78
CA LEU C 229 18.06 29.11 7.30
C LEU C 229 19.10 29.69 8.26
N ILE C 230 19.94 28.81 8.79
CA ILE C 230 21.01 29.21 9.70
C ILE C 230 22.28 29.05 8.90
N LEU C 231 23.23 29.97 9.05
CA LEU C 231 24.46 29.89 8.31
C LEU C 231 25.65 29.83 9.27
N GLY C 232 26.58 28.97 8.95
CA GLY C 232 27.84 28.91 9.65
C GLY C 232 28.26 27.58 10.22
N ALA C 233 29.27 27.65 11.08
CA ALA C 233 29.77 26.51 11.76
C ALA C 233 30.12 27.06 13.11
N GLY C 234 29.26 27.94 13.62
CA GLY C 234 29.45 28.62 14.90
C GLY C 234 29.56 27.69 16.08
N SER C 235 30.17 28.17 17.15
CA SER C 235 30.36 27.33 18.31
C SER C 235 29.01 26.82 18.80
N GLU C 236 28.90 25.51 18.92
CA GLU C 236 27.71 24.86 19.43
C GLU C 236 26.47 24.99 18.52
N VAL C 237 26.61 25.56 17.31
CA VAL C 237 25.43 25.63 16.39
C VAL C 237 24.91 24.26 16.05
N GLY C 238 25.81 23.36 15.64
CA GLY C 238 25.46 21.98 15.36
C GLY C 238 24.86 21.30 16.56
N ASP C 239 25.44 21.55 17.73
CA ASP C 239 24.93 20.93 18.95
C ASP C 239 23.51 21.37 19.25
N VAL C 240 23.21 22.64 19.02
CA VAL C 240 21.87 23.12 19.27
C VAL C 240 20.90 22.45 18.29
N MET C 241 21.30 22.34 17.03
CA MET C 241 20.41 21.79 16.01
C MET C 241 20.15 20.29 16.20
N SER C 242 21.06 19.59 16.84
CA SER C 242 20.88 18.17 17.09
C SER C 242 20.39 17.86 18.49
N GLY C 243 20.59 18.78 19.44
CA GLY C 243 20.27 18.50 20.84
C GLY C 243 19.14 19.29 21.47
N HIS C 244 18.47 20.13 20.70
CA HIS C 244 17.40 20.96 21.27
C HIS C 244 16.14 20.12 21.53
N LYS C 245 15.49 20.38 22.67
CA LYS C 245 14.34 19.60 23.08
C LYS C 245 13.12 19.77 22.17
N GLU C 246 13.05 20.88 21.45
CA GLU C 246 11.91 21.14 20.56
C GLU C 246 12.01 20.51 19.18
N VAL C 247 13.09 19.78 18.93
CA VAL C 247 13.30 19.14 17.63
C VAL C 247 12.72 17.73 17.65
N ASP C 248 11.99 17.35 16.61
CA ASP C 248 11.38 16.01 16.52
C ASP C 248 12.16 15.07 15.61
N LEU C 249 12.93 15.63 14.68
CA LEU C 249 13.77 14.86 13.78
C LEU C 249 15.00 15.68 13.41
N VAL C 250 16.17 15.05 13.52
CA VAL C 250 17.42 15.62 13.02
C VAL C 250 17.80 14.83 11.77
N SER C 251 17.96 15.51 10.63
CA SER C 251 18.36 14.86 9.38
C SER C 251 19.70 15.42 8.94
N PHE C 252 20.71 14.56 8.94
CA PHE C 252 22.08 14.97 8.69
C PHE C 252 22.72 14.14 7.60
N THR C 253 23.35 14.84 6.65
CA THR C 253 24.15 14.24 5.62
C THR C 253 25.56 14.81 5.73
N GLY C 254 26.53 13.92 5.86
CA GLY C 254 27.92 14.34 6.03
C GLY C 254 28.83 13.22 6.45
N SER C 255 29.87 13.57 7.20
CA SER C 255 30.91 12.61 7.58
C SER C 255 30.47 11.72 8.72
N ILE C 256 31.02 10.53 8.76
CA ILE C 256 30.67 9.58 9.75
C ILE C 256 30.94 10.08 11.18
N GLU C 257 32.08 10.70 11.42
CA GLU C 257 32.41 11.14 12.79
C GLU C 257 31.40 12.18 13.29
N THR C 258 31.01 13.12 12.43
CA THR C 258 30.04 14.13 12.82
C THR C 258 28.66 13.50 13.01
N GLY C 259 28.30 12.56 12.14
CA GLY C 259 27.01 11.87 12.22
C GLY C 259 26.86 11.15 13.54
N LYS C 260 27.90 10.48 13.98
CA LYS C 260 27.86 9.78 15.27
C LYS C 260 27.66 10.76 16.43
N HIS C 261 28.34 11.91 16.37
CA HIS C 261 28.22 12.95 17.37
C HIS C 261 26.80 13.47 17.43
N ILE C 262 26.26 13.75 16.25
N ILE C 262 26.27 13.76 16.25
CA ILE C 262 24.90 14.21 16.11
CA ILE C 262 24.91 14.22 16.11
C ILE C 262 23.89 13.21 16.71
C ILE C 262 23.89 13.21 16.71
N MET C 263 24.07 11.93 16.42
CA MET C 263 23.17 10.91 16.95
C MET C 263 23.25 10.85 18.48
N LYS C 264 24.46 10.95 19.03
CA LYS C 264 24.60 10.96 20.47
C LYS C 264 23.90 12.17 21.11
N ASN C 265 23.98 13.32 20.45
N ASN C 265 23.97 13.30 20.45
CA ASN C 265 23.33 14.53 20.96
CA ASN C 265 23.32 14.52 20.90
C ASN C 265 21.81 14.38 20.87
C ASN C 265 21.81 14.36 20.86
N ALA C 266 21.32 13.80 19.76
CA ALA C 266 19.90 13.58 19.55
C ALA C 266 19.31 12.66 20.62
N ALA C 267 20.14 11.74 21.12
CA ALA C 267 19.72 10.83 22.15
C ALA C 267 19.31 11.54 23.43
N ASN C 268 19.86 12.73 23.70
CA ASN C 268 19.51 13.48 24.90
C ASN C 268 18.00 13.77 25.03
N ASN C 269 17.31 13.85 23.90
CA ASN C 269 15.86 14.03 23.88
C ASN C 269 15.11 12.93 23.13
N VAL C 270 15.78 11.80 22.90
CA VAL C 270 15.23 10.63 22.24
C VAL C 270 14.66 11.06 20.89
N THR C 271 15.44 11.89 20.19
CA THR C 271 15.00 12.47 18.94
C THR C 271 15.27 11.56 17.75
N ASN C 272 14.26 11.38 16.88
CA ASN C 272 14.45 10.65 15.67
C ASN C 272 15.66 11.18 14.90
N ILE C 273 16.45 10.26 14.33
N ILE C 273 16.42 10.26 14.30
CA ILE C 273 17.56 10.65 13.48
CA ILE C 273 17.57 10.61 13.51
C ILE C 273 17.50 9.97 12.12
C ILE C 273 17.53 9.95 12.13
N ALA C 274 17.86 10.73 11.10
CA ALA C 274 17.99 10.23 9.74
C ALA C 274 19.41 10.67 9.37
N LEU C 275 20.28 9.70 9.04
CA LEU C 275 21.66 9.98 8.71
C LEU C 275 22.08 9.37 7.39
N GLU C 276 22.84 10.13 6.59
N GLU C 276 22.89 10.10 6.62
CA GLU C 276 23.44 9.60 5.37
CA GLU C 276 23.48 9.59 5.39
C GLU C 276 24.87 10.03 5.48
C GLU C 276 24.97 9.98 5.51
N LEU C 277 25.70 9.03 5.68
N LEU C 277 25.82 8.97 5.68
CA LEU C 277 27.08 9.25 5.94
CA LEU C 277 27.21 9.23 6.03
C LEU C 277 27.70 8.71 4.64
C LEU C 277 28.35 8.78 5.10
N GLY C 278 28.98 8.53 4.59
N GLY C 278 28.08 8.62 3.80
CA GLY C 278 29.51 8.13 3.30
CA GLY C 278 29.09 8.19 2.84
C GLY C 278 29.36 6.67 2.97
C GLY C 278 29.21 6.68 2.80
N GLY C 279 30.24 6.22 2.09
CA GLY C 279 30.39 4.84 1.82
C GLY C 279 31.78 4.49 1.31
N LYS C 280 32.01 3.19 1.19
CA LYS C 280 33.20 2.63 0.56
C LYS C 280 32.51 1.77 -0.50
N ASN C 281 32.14 2.41 -1.60
CA ASN C 281 31.23 1.78 -2.57
C ASN C 281 31.95 0.93 -3.61
N PRO C 282 31.59 -0.34 -3.66
CA PRO C 282 32.25 -1.27 -4.53
C PRO C 282 31.73 -1.20 -5.95
N ASN C 283 32.66 -1.36 -6.88
CA ASN C 283 32.39 -1.44 -8.31
C ASN C 283 32.95 -2.77 -8.72
N ILE C 284 32.07 -3.77 -8.83
CA ILE C 284 32.42 -5.16 -9.08
C ILE C 284 32.37 -5.48 -10.55
N ILE C 285 33.52 -5.83 -11.12
CA ILE C 285 33.63 -6.06 -12.56
C ILE C 285 34.04 -7.49 -12.81
N PHE C 286 33.11 -8.27 -13.34
CA PHE C 286 33.38 -9.66 -13.69
C PHE C 286 34.08 -9.77 -15.03
N ASP C 287 34.73 -10.91 -15.25
CA ASP C 287 35.41 -11.12 -16.49
C ASP C 287 34.46 -11.23 -17.69
N ASP C 288 33.15 -11.42 -17.44
CA ASP C 288 32.17 -11.42 -18.55
C ASP C 288 31.37 -10.11 -18.61
N ALA C 289 31.86 -9.07 -17.98
CA ALA C 289 31.33 -7.73 -18.23
C ALA C 289 31.61 -7.28 -19.65
N ASP C 290 30.84 -6.32 -20.12
CA ASP C 290 31.13 -5.58 -21.34
C ASP C 290 32.35 -4.75 -20.90
N PHE C 291 33.52 -5.11 -21.42
CA PHE C 291 34.78 -4.56 -20.92
C PHE C 291 34.91 -3.04 -21.10
N GLU C 292 34.65 -2.53 -22.31
CA GLU C 292 34.80 -1.09 -22.50
C GLU C 292 33.75 -0.31 -21.68
N LEU C 293 32.57 -0.89 -21.48
CA LEU C 293 31.55 -0.28 -20.62
C LEU C 293 32.06 -0.21 -19.17
N ALA C 294 32.65 -1.30 -18.70
CA ALA C 294 33.17 -1.34 -17.35
C ALA C 294 34.29 -0.33 -17.13
N VAL C 295 35.14 -0.13 -18.13
CA VAL C 295 36.20 0.84 -18.02
C VAL C 295 35.61 2.23 -17.98
N ASP C 296 34.68 2.51 -18.89
CA ASP C 296 34.02 3.81 -18.92
C ASP C 296 33.35 4.12 -17.58
N GLN C 297 32.62 3.15 -17.07
CA GLN C 297 31.89 3.35 -15.82
C GLN C 297 32.78 3.34 -14.60
N ALA C 298 33.94 2.70 -14.66
CA ALA C 298 34.89 2.76 -13.55
C ALA C 298 35.45 4.19 -13.43
N LEU C 299 35.71 4.82 -14.58
CA LEU C 299 36.16 6.21 -14.58
C LEU C 299 35.04 7.10 -14.01
N ASN C 300 33.82 6.89 -14.50
CA ASN C 300 32.70 7.70 -14.06
C ASN C 300 32.47 7.53 -12.55
N GLY C 301 32.52 6.28 -12.10
CA GLY C 301 32.36 5.98 -10.70
C GLY C 301 33.41 6.63 -9.84
N GLY C 302 34.64 6.67 -10.33
CA GLY C 302 35.74 7.17 -9.53
C GLY C 302 35.90 8.68 -9.51
N TYR C 303 35.57 9.32 -10.63
CA TYR C 303 36.04 10.69 -10.85
C TYR C 303 35.00 11.79 -11.09
N PHE C 304 33.73 11.45 -11.22
CA PHE C 304 32.73 12.51 -11.22
C PHE C 304 32.88 13.30 -9.93
N HIS C 305 32.77 14.63 -10.05
CA HIS C 305 32.98 15.60 -8.93
C HIS C 305 34.26 15.34 -8.17
N ALA C 306 35.31 14.96 -8.90
CA ALA C 306 36.61 14.64 -8.31
C ALA C 306 36.47 13.61 -7.19
N GLY C 307 35.52 12.69 -7.37
CA GLY C 307 35.32 11.61 -6.37
C GLY C 307 34.65 12.01 -5.07
N GLN C 308 34.19 13.25 -5.00
CA GLN C 308 33.59 13.80 -3.78
C GLN C 308 32.08 13.52 -3.79
N VAL C 309 31.75 12.23 -3.86
CA VAL C 309 30.39 11.72 -3.95
C VAL C 309 30.24 10.65 -2.89
N SER C 311 28.40 8.19 -2.80
CA SER C 311 28.36 6.91 -3.50
C SER C 311 29.45 6.71 -4.59
N ALA C 312 30.54 7.47 -4.52
CA ALA C 312 31.63 7.33 -5.49
C ALA C 312 32.08 5.87 -5.49
N GLY C 313 32.41 5.35 -6.67
CA GLY C 313 32.91 3.99 -6.80
C GLY C 313 34.42 3.98 -6.56
N SER C 314 34.83 4.22 -5.31
CA SER C 314 36.23 4.27 -4.95
C SER C 314 36.88 2.89 -4.84
N ARG C 315 36.10 1.84 -4.66
CA ARG C 315 36.67 0.48 -4.43
C ARG C 315 36.33 -0.44 -5.59
N ILE C 316 37.24 -0.53 -6.53
CA ILE C 316 37.02 -1.37 -7.71
C ILE C 316 37.45 -2.78 -7.35
N LEU C 317 36.58 -3.74 -7.62
CA LEU C 317 36.88 -5.14 -7.42
C LEU C 317 36.75 -5.76 -8.81
N VAL C 318 37.87 -6.28 -9.32
CA VAL C 318 37.89 -6.82 -10.69
C VAL C 318 38.35 -8.27 -10.70
N GLN C 319 37.70 -9.07 -11.53
CA GLN C 319 38.04 -10.48 -11.55
C GLN C 319 39.51 -10.66 -11.96
N ASN C 320 40.24 -11.58 -11.30
CA ASN C 320 41.66 -11.77 -11.50
C ASN C 320 42.04 -12.02 -12.95
N SER C 321 41.21 -12.79 -13.64
CA SER C 321 41.47 -13.09 -15.04
C SER C 321 41.63 -11.86 -15.94
N ILE C 322 40.94 -10.77 -15.64
CA ILE C 322 41.02 -9.56 -16.47
C ILE C 322 41.62 -8.38 -15.76
N LYS C 323 42.17 -8.61 -14.59
CA LYS C 323 42.69 -7.53 -13.76
C LYS C 323 43.82 -6.76 -14.41
N ASP C 324 44.77 -7.44 -15.00
CA ASP C 324 45.90 -6.74 -15.67
C ASP C 324 45.44 -5.88 -16.83
N LYS C 325 44.59 -6.45 -17.67
N LYS C 325 44.58 -6.45 -17.66
CA LYS C 325 43.99 -5.75 -18.79
CA LYS C 325 44.00 -5.74 -18.79
C LYS C 325 43.19 -4.53 -18.32
C LYS C 325 43.20 -4.53 -18.31
N PHE C 326 42.41 -4.74 -17.27
CA PHE C 326 41.60 -3.68 -16.72
C PHE C 326 42.45 -2.52 -16.18
N GLU C 327 43.44 -2.85 -15.34
CA GLU C 327 44.31 -1.81 -14.77
C GLU C 327 45.01 -0.99 -15.85
N GLN C 328 45.52 -1.65 -16.88
N GLN C 328 45.52 -1.66 -16.88
CA GLN C 328 46.18 -0.91 -17.94
CA GLN C 328 46.21 -0.92 -17.94
C GLN C 328 45.22 0.00 -18.69
C GLN C 328 45.24 -0.01 -18.71
N ALA C 329 44.04 -0.50 -19.01
CA ALA C 329 43.04 0.29 -19.71
C ALA C 329 42.58 1.50 -18.86
N LEU C 330 42.41 1.28 -17.57
CA LEU C 330 41.95 2.35 -16.66
C LEU C 330 43.03 3.44 -16.52
N ILE C 331 44.24 3.01 -16.23
CA ILE C 331 45.38 3.92 -16.09
C ILE C 331 45.58 4.77 -17.34
N ASP C 332 45.56 4.14 -18.51
N ASP C 332 45.57 4.14 -18.52
CA ASP C 332 45.75 4.87 -19.75
CA ASP C 332 45.74 4.87 -19.77
C ASP C 332 44.67 5.97 -19.93
C ASP C 332 44.67 5.96 -19.93
N ARG C 333 43.44 5.68 -19.52
CA ARG C 333 42.36 6.65 -19.60
C ARG C 333 42.51 7.75 -18.53
N VAL C 334 42.94 7.37 -17.33
CA VAL C 334 43.09 8.33 -16.26
C VAL C 334 44.12 9.42 -16.66
N LYS C 335 45.17 9.04 -17.37
CA LYS C 335 46.18 9.99 -17.84
C LYS C 335 45.61 11.06 -18.75
N LYS C 336 44.48 10.78 -19.39
CA LYS C 336 43.86 11.72 -20.33
C LYS C 336 42.77 12.60 -19.75
N ILE C 337 42.41 12.40 -18.48
CA ILE C 337 41.35 13.18 -17.89
C ILE C 337 41.71 14.66 -17.89
N LYS C 338 40.79 15.50 -18.34
N LYS C 338 40.80 15.51 -18.35
CA LYS C 338 41.04 16.94 -18.44
CA LYS C 338 41.06 16.96 -18.43
C LYS C 338 40.61 17.73 -17.20
C LYS C 338 40.61 17.72 -17.20
N LEU C 339 41.59 18.28 -16.49
CA LEU C 339 41.33 19.08 -15.32
C LEU C 339 41.26 20.56 -15.70
N GLY C 340 40.42 21.32 -15.01
CA GLY C 340 40.33 22.74 -15.25
C GLY C 340 39.15 23.40 -14.58
N ASN C 341 38.86 24.60 -15.05
CA ASN C 341 37.77 25.43 -14.56
C ASN C 341 36.45 24.76 -14.93
N GLY C 342 35.57 24.62 -13.96
CA GLY C 342 34.25 24.05 -14.21
C GLY C 342 33.44 24.81 -15.23
N PHE C 343 33.72 26.11 -15.40
CA PHE C 343 33.02 26.90 -16.39
C PHE C 343 33.50 26.67 -17.82
N ASP C 344 34.68 26.08 -18.00
CA ASP C 344 35.18 25.78 -19.34
C ASP C 344 34.59 24.45 -19.83
N ALA C 345 34.02 24.46 -21.04
CA ALA C 345 33.33 23.27 -21.55
C ALA C 345 34.19 22.01 -21.70
N ASP C 346 35.49 22.19 -21.93
N ASP C 346 35.49 22.19 -21.93
CA ASP C 346 36.37 21.04 -22.09
CA ASP C 346 36.38 21.05 -22.12
C ASP C 346 36.78 20.37 -20.80
C ASP C 346 36.79 20.38 -20.80
N THR C 347 36.55 21.03 -19.67
CA THR C 347 36.90 20.45 -18.37
C THR C 347 36.05 19.22 -18.08
N GLU C 348 36.74 18.15 -17.67
CA GLU C 348 36.08 16.90 -17.29
C GLU C 348 36.07 16.71 -15.78
N MET C 349 37.02 17.31 -15.08
CA MET C 349 37.08 17.20 -13.63
C MET C 349 37.61 18.51 -13.06
N GLY C 350 36.87 19.06 -12.09
CA GLY C 350 37.28 20.28 -11.41
C GLY C 350 38.19 20.02 -10.22
N PRO C 351 38.40 21.04 -9.39
CA PRO C 351 39.19 20.91 -8.18
C PRO C 351 38.41 20.24 -7.04
N VAL C 352 39.13 19.95 -5.95
CA VAL C 352 38.49 19.47 -4.74
C VAL C 352 38.08 20.72 -3.96
N ILE C 353 37.32 20.52 -2.88
CA ILE C 353 36.57 21.62 -2.28
C ILE C 353 37.32 22.65 -1.44
N SER C 354 38.36 22.24 -0.74
CA SER C 354 39.07 23.14 0.18
C SER C 354 40.50 22.67 0.44
N THR C 355 41.28 23.56 1.04
CA THR C 355 42.64 23.26 1.39
C THR C 355 42.68 22.08 2.34
N GLU C 356 41.82 22.11 3.34
CA GLU C 356 41.77 21.08 4.35
C GLU C 356 41.46 19.72 3.72
N HIS C 357 40.52 19.72 2.78
CA HIS C 357 40.14 18.48 2.16
C HIS C 357 41.24 17.93 1.27
N ARG C 358 41.87 18.81 0.47
CA ARG C 358 42.99 18.38 -0.35
C ARG C 358 44.13 17.83 0.50
N ASN C 359 44.41 18.49 1.63
CA ASN C 359 45.46 18.00 2.53
C ASN C 359 45.13 16.59 3.04
N LYS C 360 43.86 16.35 3.38
CA LYS C 360 43.44 15.04 3.85
C LYS C 360 43.67 13.98 2.76
N ILE C 361 43.29 14.31 1.52
CA ILE C 361 43.51 13.41 0.40
C ILE C 361 45.02 13.14 0.25
N GLU C 362 45.81 14.19 0.26
CA GLU C 362 47.26 14.03 0.16
C GLU C 362 47.85 13.10 1.23
N SER C 363 47.39 13.25 2.46
CA SER C 363 47.92 12.43 3.55
C SER C 363 47.60 10.95 3.33
N TYR C 364 46.48 10.65 2.64
CA TYR C 364 46.17 9.28 2.34
C TYR C 364 47.15 8.63 1.39
N MET C 365 47.78 9.42 0.53
CA MET C 365 48.72 8.86 -0.41
C MET C 365 49.91 8.27 0.35
N ASP C 366 50.36 9.02 1.37
CA ASP C 366 51.45 8.57 2.25
C ASP C 366 51.06 7.27 2.95
N VAL C 367 49.85 7.25 3.49
CA VAL C 367 49.34 6.07 4.17
C VAL C 367 49.37 4.88 3.22
N ALA C 368 48.85 5.07 2.00
CA ALA C 368 48.79 3.98 1.04
C ALA C 368 50.16 3.39 0.73
N LYS C 369 51.13 4.24 0.48
CA LYS C 369 52.49 3.75 0.18
C LYS C 369 53.08 3.02 1.37
N ALA C 370 52.96 3.61 2.56
CA ALA C 370 53.50 3.01 3.77
C ALA C 370 52.93 1.63 4.07
N GLU C 371 51.66 1.38 3.72
CA GLU C 371 51.09 0.05 3.99
C GLU C 371 51.31 -0.91 2.83
N GLY C 372 52.03 -0.47 1.80
CA GLY C 372 52.40 -1.37 0.72
C GLY C 372 51.62 -1.34 -0.57
N ALA C 373 50.79 -0.32 -0.76
CA ALA C 373 50.07 -0.15 -2.01
C ALA C 373 50.93 0.64 -3.02
N THR C 374 50.56 0.57 -4.29
CA THR C 374 51.24 1.28 -5.38
C THR C 374 50.37 2.42 -5.93
N ILE C 375 50.95 3.60 -6.07
CA ILE C 375 50.24 4.72 -6.70
C ILE C 375 50.55 4.57 -8.17
N ALA C 376 49.65 3.96 -8.91
CA ALA C 376 49.91 3.63 -10.30
C ALA C 376 49.89 4.84 -11.22
N VAL C 377 49.10 5.85 -10.86
CA VAL C 377 49.02 7.07 -11.62
C VAL C 377 48.42 8.14 -10.73
N GLY C 378 48.79 9.39 -10.94
CA GLY C 378 48.23 10.48 -10.15
C GLY C 378 48.89 10.57 -8.78
N GLY C 379 48.10 10.88 -7.77
CA GLY C 379 48.58 10.92 -6.39
C GLY C 379 49.28 12.19 -5.96
N LYS C 380 49.10 13.27 -6.73
CA LYS C 380 49.68 14.54 -6.39
C LYS C 380 48.91 15.67 -7.03
N ARG C 381 49.29 16.90 -6.70
CA ARG C 381 48.70 18.09 -7.31
C ARG C 381 49.27 18.23 -8.69
N PRO C 382 48.47 18.69 -9.66
CA PRO C 382 48.99 18.89 -11.00
C PRO C 382 49.88 20.14 -11.05
N ASP C 383 50.82 20.13 -12.00
CA ASP C 383 51.81 21.21 -12.16
C ASP C 383 51.42 22.30 -13.13
N ARG C 384 50.51 21.98 -14.04
CA ARG C 384 50.17 22.89 -15.10
C ARG C 384 49.83 24.26 -14.54
N ASP C 385 50.31 25.29 -15.23
CA ASP C 385 50.18 26.67 -14.79
C ASP C 385 48.77 27.16 -14.46
N ASP C 386 47.80 26.82 -15.30
CA ASP C 386 46.43 27.28 -15.08
C ASP C 386 45.74 26.54 -13.91
N LEU C 387 46.38 25.51 -13.37
CA LEU C 387 45.84 24.76 -12.23
C LEU C 387 46.54 25.11 -10.92
N LYS C 388 47.65 25.85 -10.99
CA LYS C 388 48.44 26.11 -9.81
C LYS C 388 47.73 26.89 -8.68
N ASP C 389 46.81 27.78 -9.02
CA ASP C 389 46.13 28.57 -8.00
C ASP C 389 44.91 27.86 -7.37
N GLY C 390 44.47 26.78 -8.01
CA GLY C 390 43.29 26.04 -7.57
C GLY C 390 43.60 24.83 -6.72
N LEU C 391 42.56 24.27 -6.15
CA LEU C 391 42.68 23.14 -5.25
C LEU C 391 42.57 21.80 -6.01
N PHE C 392 43.42 21.65 -7.00
CA PHE C 392 43.39 20.47 -7.84
C PHE C 392 44.21 19.33 -7.24
N PHE C 393 43.75 18.14 -7.55
CA PHE C 393 44.44 16.91 -7.20
C PHE C 393 44.21 15.95 -8.39
N GLU C 394 45.28 15.31 -8.83
CA GLU C 394 45.21 14.44 -10.01
C GLU C 394 44.37 13.21 -9.78
N PRO C 395 43.61 12.80 -10.80
CA PRO C 395 42.88 11.55 -10.68
C PRO C 395 43.92 10.43 -10.49
N THR C 396 43.64 9.58 -9.52
CA THR C 396 44.59 8.63 -9.00
C THR C 396 44.07 7.23 -9.01
N VAL C 397 44.95 6.30 -9.36
CA VAL C 397 44.64 4.87 -9.29
C VAL C 397 45.68 4.23 -8.35
N ILE C 398 45.17 3.49 -7.37
CA ILE C 398 45.99 2.78 -6.40
C ILE C 398 45.84 1.28 -6.60
N THR C 399 46.97 0.61 -6.84
CA THR C 399 46.96 -0.83 -7.12
C THR C 399 47.75 -1.59 -6.07
N ASN C 400 47.77 -2.92 -6.19
CA ASN C 400 48.49 -3.79 -5.28
C ASN C 400 48.09 -3.52 -3.85
N CYS C 401 46.79 -3.52 -3.61
N CYS C 401 46.78 -3.47 -3.62
CA CYS C 401 46.27 -3.30 -2.27
CA CYS C 401 46.26 -3.24 -2.27
C CYS C 401 45.34 -4.42 -1.87
C CYS C 401 45.31 -4.38 -1.88
N ASP C 402 44.93 -4.42 -0.61
CA ASP C 402 44.07 -5.46 -0.11
C ASP C 402 43.18 -4.91 0.98
N THR C 403 42.18 -5.69 1.32
CA THR C 403 41.14 -5.29 2.26
C THR C 403 41.62 -4.89 3.65
N SER C 404 42.80 -5.35 4.06
CA SER C 404 43.32 -4.99 5.37
C SER C 404 43.78 -3.53 5.44
N MET C 405 44.00 -2.90 4.29
CA MET C 405 44.61 -1.58 4.27
C MET C 405 43.67 -0.45 4.56
N ARG C 406 44.21 0.59 5.21
CA ARG C 406 43.43 1.80 5.48
C ARG C 406 42.94 2.44 4.19
N ILE C 407 43.77 2.44 3.15
CA ILE C 407 43.41 3.08 1.89
C ILE C 407 42.18 2.43 1.26
N VAL C 408 42.00 1.14 1.50
CA VAL C 408 40.83 0.40 1.00
C VAL C 408 39.61 0.58 1.92
N GLN C 409 39.82 0.50 3.23
CA GLN C 409 38.70 0.57 4.20
C GLN C 409 38.11 1.97 4.44
N GLU C 410 38.93 3.02 4.34
CA GLU C 410 38.49 4.36 4.70
C GLU C 410 38.03 5.18 3.51
N GLU C 411 37.03 6.02 3.74
CA GLU C 411 36.49 6.87 2.69
C GLU C 411 37.40 8.07 2.50
N VAL C 412 38.12 8.12 1.39
CA VAL C 412 39.01 9.24 1.07
C VAL C 412 38.21 10.42 0.51
N PHE C 413 37.15 10.13 -0.26
CA PHE C 413 36.28 11.20 -0.77
C PHE C 413 37.03 12.20 -1.68
N GLY C 414 37.89 11.65 -2.53
CA GLY C 414 38.70 12.42 -3.47
C GLY C 414 38.79 11.65 -4.78
N PRO C 415 39.57 12.14 -5.74
CA PRO C 415 39.60 11.52 -7.07
C PRO C 415 40.58 10.38 -7.06
N VAL C 416 40.22 9.36 -6.30
CA VAL C 416 41.07 8.24 -6.01
C VAL C 416 40.27 6.95 -6.02
N VAL C 417 40.79 5.94 -6.71
CA VAL C 417 40.21 4.61 -6.66
C VAL C 417 41.29 3.61 -6.28
N THR C 418 40.86 2.54 -5.62
CA THR C 418 41.72 1.38 -5.37
C THR C 418 41.23 0.24 -6.27
N VAL C 419 42.14 -0.66 -6.60
CA VAL C 419 41.80 -1.83 -7.40
C VAL C 419 42.27 -3.09 -6.68
N GLU C 420 41.33 -3.99 -6.41
CA GLU C 420 41.60 -5.29 -5.83
C GLU C 420 41.07 -6.33 -6.77
N GLY C 421 41.73 -7.48 -6.81
CA GLY C 421 41.23 -8.59 -7.58
C GLY C 421 40.41 -9.58 -6.76
N PHE C 422 39.55 -10.34 -7.43
CA PHE C 422 38.83 -11.42 -6.80
C PHE C 422 38.82 -12.60 -7.76
N GLU C 423 38.71 -13.81 -7.22
CA GLU C 423 38.72 -15.01 -8.04
C GLU C 423 37.33 -15.47 -8.45
N THR C 424 36.43 -15.52 -7.49
CA THR C 424 35.10 -16.06 -7.67
C THR C 424 34.02 -15.06 -7.26
N GLU C 425 32.81 -15.35 -7.69
CA GLU C 425 31.64 -14.62 -7.31
C GLU C 425 31.52 -14.51 -5.77
N GLN C 426 31.78 -15.62 -5.09
CA GLN C 426 31.70 -15.64 -3.64
C GLN C 426 32.74 -14.67 -3.01
N GLU C 427 33.93 -14.64 -3.57
CA GLU C 427 34.98 -13.76 -3.06
C GLU C 427 34.65 -12.29 -3.33
N ALA C 428 34.06 -12.00 -4.49
CA ALA C 428 33.64 -10.62 -4.81
C ALA C 428 32.64 -10.09 -3.76
N ILE C 429 31.68 -10.93 -3.39
CA ILE C 429 30.66 -10.57 -2.39
C ILE C 429 31.31 -10.35 -1.02
N GLN C 430 32.18 -11.27 -0.63
CA GLN C 430 32.87 -11.20 0.66
C GLN C 430 33.67 -9.90 0.75
N LEU C 431 34.46 -9.61 -0.27
CA LEU C 431 35.27 -8.40 -0.28
C LEU C 431 34.41 -7.14 -0.30
N ALA C 432 33.38 -7.13 -1.14
CA ALA C 432 32.50 -5.97 -1.27
C ALA C 432 31.80 -5.64 0.03
N ASN C 433 31.40 -6.67 0.78
CA ASN C 433 30.77 -6.48 2.07
C ASN C 433 31.74 -6.29 3.23
N ASP C 434 33.04 -6.39 2.97
CA ASP C 434 34.06 -6.29 4.02
C ASP C 434 34.48 -4.82 4.19
N SER C 435 33.56 -4.06 4.75
CA SER C 435 33.76 -2.65 5.08
C SER C 435 32.71 -2.31 6.09
N ILE C 436 32.87 -1.16 6.72
CA ILE C 436 31.93 -0.72 7.72
C ILE C 436 30.70 -0.07 7.07
N TYR C 437 30.79 0.21 5.78
CA TYR C 437 29.79 0.96 5.04
C TYR C 437 28.77 0.09 4.30
N GLY C 438 27.77 0.74 3.67
CA GLY C 438 26.72 0.01 2.99
C GLY C 438 25.79 0.91 2.18
N LEU C 439 26.34 1.88 1.45
CA LEU C 439 25.54 2.85 0.76
C LEU C 439 25.09 2.40 -0.63
N ALA C 440 26.05 2.16 -1.51
CA ALA C 440 25.72 1.81 -2.91
C ALA C 440 26.86 1.04 -3.53
N GLY C 441 26.54 0.41 -4.66
CA GLY C 441 27.57 -0.26 -5.40
C GLY C 441 27.05 -0.78 -6.69
N ALA C 442 27.95 -1.35 -7.50
CA ALA C 442 27.56 -1.87 -8.82
C ALA C 442 28.14 -3.23 -9.13
N VAL C 443 27.46 -3.95 -10.03
N VAL C 443 27.46 -3.95 -10.03
N VAL C 443 27.47 -3.96 -10.03
CA VAL C 443 27.93 -5.21 -10.54
CA VAL C 443 27.93 -5.21 -10.54
CA VAL C 443 27.93 -5.22 -10.53
C VAL C 443 27.86 -5.14 -12.06
C VAL C 443 27.86 -5.14 -12.06
C VAL C 443 27.85 -5.15 -12.06
N PHE C 444 28.98 -5.42 -12.71
CA PHE C 444 29.06 -5.42 -14.16
C PHE C 444 29.30 -6.86 -14.60
N SER C 445 28.33 -7.39 -15.35
CA SER C 445 28.40 -8.71 -15.93
C SER C 445 27.30 -8.83 -16.96
N LYS C 446 27.61 -9.46 -18.10
CA LYS C 446 26.61 -9.71 -19.11
C LYS C 446 25.68 -10.85 -18.63
N ASP C 447 26.12 -11.61 -17.64
CA ASP C 447 25.31 -12.69 -17.06
C ASP C 447 24.42 -12.02 -16.01
N ILE C 448 23.19 -11.69 -16.42
CA ILE C 448 22.27 -10.92 -15.55
C ILE C 448 21.86 -11.74 -14.33
N GLY C 449 21.65 -13.03 -14.51
CA GLY C 449 21.34 -13.93 -13.39
C GLY C 449 22.44 -13.86 -12.33
N LYS C 450 23.69 -13.91 -12.74
CA LYS C 450 24.80 -13.78 -11.80
C LYS C 450 24.77 -12.42 -11.13
N ALA C 451 24.56 -11.37 -11.91
CA ALA C 451 24.56 -10.02 -11.35
C ALA C 451 23.46 -9.89 -10.29
N GLN C 452 22.29 -10.47 -10.55
CA GLN C 452 21.18 -10.44 -9.61
C GLN C 452 21.52 -11.21 -8.33
N ARG C 453 22.21 -12.35 -8.46
CA ARG C 453 22.62 -13.14 -7.29
C ARG C 453 23.54 -12.32 -6.41
N VAL C 454 24.49 -11.66 -7.04
CA VAL C 454 25.40 -10.80 -6.33
C VAL C 454 24.66 -9.62 -5.68
N ALA C 455 23.80 -8.95 -6.45
CA ALA C 455 23.03 -7.80 -5.93
C ALA C 455 22.23 -8.16 -4.68
N ASN C 456 21.67 -9.35 -4.67
CA ASN C 456 20.89 -9.79 -3.53
C ASN C 456 21.71 -10.00 -2.26
N LYS C 457 22.99 -10.27 -2.41
CA LYS C 457 23.88 -10.53 -1.29
C LYS C 457 24.68 -9.31 -0.82
N LEU C 458 24.72 -8.25 -1.61
CA LEU C 458 25.45 -7.06 -1.19
C LEU C 458 24.64 -6.27 -0.16
N LYS C 459 25.29 -5.89 0.94
CA LYS C 459 24.65 -5.12 1.97
C LYS C 459 24.80 -3.63 1.66
N LEU C 460 23.96 -3.19 0.73
CA LEU C 460 23.99 -1.83 0.18
C LEU C 460 22.57 -1.36 -0.08
N GLY C 461 22.30 -0.08 0.15
CA GLY C 461 21.00 0.50 -0.02
C GLY C 461 20.59 0.55 -1.48
N THR C 462 21.57 0.70 -2.37
CA THR C 462 21.32 0.74 -3.79
C THR C 462 22.34 -0.14 -4.49
N VAL C 463 21.89 -0.97 -5.40
CA VAL C 463 22.80 -1.77 -6.24
C VAL C 463 22.45 -1.54 -7.69
N TRP C 464 23.46 -1.13 -8.46
CA TRP C 464 23.27 -0.98 -9.92
C TRP C 464 23.81 -2.21 -10.64
N ILE C 465 23.06 -2.70 -11.61
CA ILE C 465 23.52 -3.78 -12.46
C ILE C 465 23.82 -3.16 -13.82
N ASN C 466 25.06 -3.26 -14.24
CA ASN C 466 25.54 -2.68 -15.47
C ASN C 466 25.31 -1.17 -15.60
N ASP C 467 25.51 -0.46 -14.49
CA ASP C 467 25.44 1.01 -14.45
C ASP C 467 26.20 1.48 -13.19
N PHE C 468 26.44 2.79 -13.10
CA PHE C 468 27.06 3.35 -11.91
C PHE C 468 26.54 4.76 -11.80
N HIS C 469 26.06 5.12 -10.59
CA HIS C 469 25.60 6.44 -10.16
C HIS C 469 24.08 6.75 -10.11
N PRO C 470 23.25 6.09 -10.93
CA PRO C 470 21.89 6.60 -10.93
C PRO C 470 21.07 6.57 -9.64
N TYR C 471 20.46 7.72 -9.34
N TYR C 471 20.41 7.69 -9.35
CA TYR C 471 19.53 7.89 -8.23
CA TYR C 471 19.45 7.75 -8.27
C TYR C 471 18.38 8.75 -8.77
C TYR C 471 18.36 8.66 -8.81
N PHE C 472 17.20 8.62 -8.16
CA PHE C 472 16.07 9.43 -8.58
C PHE C 472 15.03 9.47 -7.47
N ALA C 473 14.20 10.51 -7.51
CA ALA C 473 13.24 10.80 -6.45
C ALA C 473 12.25 9.65 -6.22
N GLN C 474 12.01 8.87 -7.27
CA GLN C 474 11.06 7.76 -7.17
C GLN C 474 11.49 6.60 -6.27
N ALA C 475 12.79 6.49 -5.95
CA ALA C 475 13.33 5.36 -5.23
C ALA C 475 14.14 5.78 -4.01
N PRO C 476 13.97 5.06 -2.88
CA PRO C 476 14.69 5.40 -1.68
C PRO C 476 16.20 5.17 -1.76
N TRP C 477 16.92 6.02 -1.04
CA TRP C 477 18.39 6.05 -1.06
C TRP C 477 18.87 6.13 0.37
N GLY C 478 19.78 5.25 0.73
CA GLY C 478 20.38 5.31 2.07
C GLY C 478 21.23 4.13 2.39
N GLY C 479 21.79 4.11 3.58
CA GLY C 479 22.78 3.07 3.84
C GLY C 479 22.49 2.00 4.84
N TYR C 480 23.00 0.81 4.56
CA TYR C 480 23.09 -0.22 5.57
C TYR C 480 24.28 0.15 6.47
N LYS C 481 24.35 -0.47 7.64
CA LYS C 481 25.58 -0.41 8.47
C LYS C 481 25.98 1.04 8.81
N GLN C 482 27.26 1.40 8.71
CA GLN C 482 27.68 2.73 9.14
C GLN C 482 27.45 3.83 8.10
N SER C 483 26.83 3.48 6.99
CA SER C 483 26.48 4.48 5.97
C SER C 483 25.27 5.31 6.32
N GLY C 484 24.49 4.92 7.35
CA GLY C 484 23.41 5.75 7.79
C GLY C 484 22.32 5.06 8.57
N ILE C 485 21.25 5.83 8.79
CA ILE C 485 20.04 5.40 9.39
C ILE C 485 18.91 6.06 8.60
N GLY C 486 17.95 5.26 8.14
CA GLY C 486 16.80 5.80 7.40
C GLY C 486 17.02 5.93 5.91
N ARG C 487 16.05 6.55 5.24
CA ARG C 487 16.12 6.74 3.82
C ARG C 487 15.73 8.15 3.42
N GLU C 488 16.30 8.59 2.30
CA GLU C 488 15.87 9.80 1.62
C GLU C 488 15.36 9.40 0.23
N LEU C 489 14.45 10.21 -0.29
CA LEU C 489 13.78 9.99 -1.58
C LEU C 489 12.75 8.90 -1.47
N GLY C 490 11.87 8.83 -2.48
CA GLY C 490 10.83 7.84 -2.48
C GLY C 490 9.80 8.03 -1.42
N LYS C 491 8.87 7.09 -1.36
CA LYS C 491 7.85 7.10 -0.34
C LYS C 491 8.46 6.96 1.05
N GLU C 492 9.50 6.15 1.15
CA GLU C 492 10.20 5.99 2.44
C GLU C 492 10.83 7.29 2.91
N GLY C 493 11.37 8.06 1.97
CA GLY C 493 11.93 9.36 2.30
C GLY C 493 10.88 10.28 2.89
N LEU C 494 9.67 10.29 2.30
CA LEU C 494 8.57 11.05 2.84
C LEU C 494 8.23 10.62 4.26
N GLU C 495 8.27 9.30 4.51
CA GLU C 495 7.88 8.72 5.80
C GLU C 495 8.76 9.14 6.95
N GLU C 496 9.99 9.57 6.69
CA GLU C 496 10.82 10.10 7.77
C GLU C 496 10.16 11.36 8.36
N TYR C 497 9.41 12.08 7.53
CA TYR C 497 8.79 13.32 7.93
C TYR C 497 7.36 13.20 8.43
N LEU C 498 6.92 11.96 8.64
CA LEU C 498 5.61 11.66 9.18
C LEU C 498 5.70 10.91 10.48
N VAL C 499 4.62 10.95 11.27
CA VAL C 499 4.50 10.16 12.48
C VAL C 499 3.10 9.53 12.50
N SER C 500 2.99 8.28 12.95
CA SER C 500 1.72 7.57 13.01
C SER C 500 1.03 7.74 14.35
N LYS C 501 -0.29 7.94 14.31
CA LYS C 501 -1.10 7.99 15.52
C LYS C 501 -2.28 7.03 15.37
N HIS C 502 -2.41 6.10 16.31
CA HIS C 502 -3.55 5.18 16.33
C HIS C 502 -4.67 5.81 17.15
N ILE C 503 -5.82 6.11 16.55
CA ILE C 503 -6.97 6.66 17.26
C ILE C 503 -7.99 5.55 17.30
N LEU C 504 -8.29 5.10 18.51
N LEU C 504 -8.30 5.10 18.52
CA LEU C 504 -9.20 4.00 18.75
CA LEU C 504 -9.20 4.00 18.75
C LEU C 504 -10.42 4.54 19.49
C LEU C 504 -10.41 4.54 19.49
N THR C 505 -11.58 4.44 18.86
CA THR C 505 -12.81 4.88 19.45
C THR C 505 -13.64 3.70 19.89
N ASN C 506 -14.06 3.69 21.15
CA ASN C 506 -14.97 2.67 21.62
C ASN C 506 -16.36 3.21 21.33
N THR C 507 -17.07 2.57 20.39
CA THR C 507 -18.38 3.05 20.00
C THR C 507 -19.54 2.56 20.86
N ASN C 508 -19.26 1.73 21.87
CA ASN C 508 -20.33 1.29 22.80
C ASN C 508 -19.68 1.04 24.15
N PRO C 509 -19.15 2.12 24.75
CA PRO C 509 -18.38 1.92 25.97
C PRO C 509 -19.18 1.43 27.15
N GLN C 510 -18.65 0.43 27.85
CA GLN C 510 -19.30 -0.16 29.01
C GLN C 510 -18.34 -0.15 30.18
N LEU C 511 -18.88 -0.05 31.39
CA LEU C 511 -18.03 -0.13 32.56
C LEU C 511 -17.34 -1.49 32.58
N VAL C 512 -16.06 -1.50 32.97
CA VAL C 512 -15.31 -2.75 33.09
C VAL C 512 -15.61 -3.39 34.45
N ASN C 513 -15.81 -2.58 35.50
CA ASN C 513 -16.10 -3.08 36.84
C ASN C 513 -15.06 -4.07 37.35
N TRP C 514 -13.80 -3.78 37.11
CA TRP C 514 -12.70 -4.59 37.65
C TRP C 514 -12.56 -4.27 39.14
N PHE C 515 -12.54 -2.97 39.45
CA PHE C 515 -12.36 -2.49 40.81
C PHE C 515 -13.74 -2.35 41.50
N SER C 516 -13.88 -2.98 42.67
CA SER C 516 -15.19 -3.09 43.38
C SER C 516 -15.85 -1.72 43.71
N LYS C 517 -17.17 -1.69 43.63
CA LYS C 517 -17.93 -0.46 43.87
C LYS C 517 -18.40 -0.41 45.31
N MET D 22 4.94 -23.31 40.75
CA MET D 22 5.95 -24.20 41.41
C MET D 22 6.01 -25.59 40.76
N GLU D 23 4.92 -26.00 40.12
CA GLU D 23 4.85 -27.30 39.44
C GLU D 23 5.68 -27.22 38.18
N LEU D 24 5.45 -26.14 37.43
CA LEU D 24 6.10 -25.93 36.15
C LEU D 24 7.60 -25.69 36.35
N LEU D 25 7.93 -25.01 37.44
CA LEU D 25 9.33 -24.71 37.73
C LEU D 25 10.25 -25.91 37.81
N LYS D 26 9.73 -27.09 38.17
CA LYS D 26 10.62 -28.26 38.27
C LYS D 26 11.18 -28.72 36.93
N HIS D 27 10.54 -28.34 35.81
CA HIS D 27 11.02 -28.71 34.50
C HIS D 27 11.56 -27.52 33.68
N LEU D 28 11.48 -26.31 34.19
CA LEU D 28 11.91 -25.13 33.45
C LEU D 28 13.43 -25.02 33.41
N SER D 29 13.96 -24.67 32.24
N SER D 29 13.98 -24.69 32.23
CA SER D 29 15.38 -24.48 32.06
CA SER D 29 15.40 -24.51 32.07
C SER D 29 15.87 -23.35 32.95
C SER D 29 15.89 -23.36 32.92
N GLN D 30 17.12 -23.47 33.42
CA GLN D 30 17.73 -22.44 34.26
C GLN D 30 18.81 -21.69 33.49
N ARG D 31 18.99 -22.04 32.21
N ARG D 31 18.97 -22.00 32.21
CA ARG D 31 20.12 -21.57 31.43
CA ARG D 31 20.12 -21.48 31.48
C ARG D 31 19.79 -20.60 30.30
C ARG D 31 19.79 -20.54 30.32
N GLN D 32 20.86 -20.04 29.72
CA GLN D 32 20.80 -19.22 28.56
C GLN D 32 20.70 -20.15 27.36
N TYR D 33 20.35 -19.60 26.20
CA TYR D 33 20.24 -20.37 24.98
C TYR D 33 21.06 -19.69 23.92
N ILE D 34 22.18 -20.29 23.58
CA ILE D 34 23.12 -19.67 22.67
C ILE D 34 23.52 -20.65 21.58
N ASP D 35 23.30 -20.25 20.36
CA ASP D 35 23.70 -21.02 19.19
C ASP D 35 23.20 -22.47 19.24
N GLY D 36 21.90 -22.63 19.51
CA GLY D 36 21.27 -23.96 19.54
C GLY D 36 21.46 -24.81 20.78
N GLU D 37 22.11 -24.27 21.80
CA GLU D 37 22.38 -25.02 23.03
C GLU D 37 22.01 -24.23 24.29
N TRP D 38 21.47 -24.93 25.27
CA TRP D 38 21.20 -24.37 26.58
C TRP D 38 22.55 -24.42 27.30
N VAL D 39 23.03 -23.26 27.74
CA VAL D 39 24.33 -23.16 28.36
C VAL D 39 24.30 -22.27 29.58
N GLU D 40 25.14 -22.59 30.56
CA GLU D 40 25.21 -21.76 31.74
C GLU D 40 26.03 -20.50 31.45
N SER D 41 26.22 -19.66 32.46
CA SER D 41 27.07 -18.48 32.31
C SER D 41 28.50 -18.95 32.20
N ALA D 42 29.29 -18.24 31.39
CA ALA D 42 30.70 -18.57 31.26
C ALA D 42 31.41 -18.60 32.60
N ASN D 43 30.97 -17.81 33.57
CA ASN D 43 31.65 -17.80 34.90
C ASN D 43 30.86 -18.51 35.98
N LYS D 44 29.81 -19.22 35.59
CA LYS D 44 28.94 -19.91 36.55
C LYS D 44 28.15 -19.02 37.53
N ASN D 45 28.09 -17.73 37.28
N ASN D 45 28.14 -17.69 37.33
CA ASN D 45 27.32 -16.88 38.12
CA ASN D 45 27.31 -16.79 38.14
C ASN D 45 25.84 -17.16 37.92
C ASN D 45 25.85 -17.14 37.92
N THR D 46 25.07 -16.95 38.98
CA THR D 46 23.64 -17.17 38.95
C THR D 46 22.94 -16.02 39.62
N ARG D 47 21.62 -15.98 39.44
CA ARG D 47 20.77 -14.99 40.08
C ARG D 47 19.52 -15.66 40.62
N ASP D 48 19.12 -15.27 41.81
CA ASP D 48 17.89 -15.79 42.41
C ASP D 48 16.73 -14.88 42.04
N ILE D 49 15.68 -15.51 41.52
CA ILE D 49 14.49 -14.83 41.03
C ILE D 49 13.47 -14.90 42.17
N ILE D 50 12.80 -13.78 42.38
CA ILE D 50 11.91 -13.56 43.47
C ILE D 50 10.45 -13.44 43.02
N ASN D 51 9.53 -13.86 43.89
CA ASN D 51 8.11 -13.62 43.73
C ASN D 51 7.78 -12.36 44.58
N PRO D 52 7.34 -11.27 43.93
CA PRO D 52 7.09 -10.03 44.68
C PRO D 52 5.97 -10.08 45.74
N TYR D 53 5.08 -11.07 45.64
CA TYR D 53 4.02 -11.23 46.62
C TYR D 53 4.53 -11.58 48.02
N ASN D 54 5.59 -12.36 48.11
CA ASN D 54 6.13 -12.77 49.41
C ASN D 54 7.65 -12.62 49.54
N GLN D 55 8.28 -12.10 48.50
CA GLN D 55 9.73 -11.91 48.45
C GLN D 55 10.54 -13.20 48.60
N GLU D 56 9.91 -14.34 48.30
CA GLU D 56 10.59 -15.61 48.38
C GLU D 56 11.32 -15.91 47.07
N VAL D 57 12.48 -16.56 47.19
CA VAL D 57 13.20 -17.02 46.02
C VAL D 57 12.38 -18.13 45.39
N ILE D 58 12.05 -18.03 44.10
CA ILE D 58 11.26 -19.05 43.41
C ILE D 58 12.08 -19.85 42.40
N PHE D 59 13.24 -19.34 42.00
CA PHE D 59 14.04 -20.00 40.96
C PHE D 59 15.43 -19.40 40.92
N THR D 60 16.38 -20.15 40.37
CA THR D 60 17.74 -19.65 40.20
C THR D 60 18.19 -19.86 38.76
N VAL D 61 18.65 -18.78 38.11
CA VAL D 61 19.06 -18.82 36.70
C VAL D 61 20.47 -18.34 36.48
N SER D 62 21.01 -18.69 35.33
CA SER D 62 22.35 -18.26 34.96
C SER D 62 22.39 -16.75 34.83
N GLU D 63 23.52 -16.15 35.20
CA GLU D 63 23.74 -14.73 35.10
C GLU D 63 24.92 -14.60 34.13
N GLY D 64 24.59 -14.42 32.86
CA GLY D 64 25.57 -14.42 31.77
C GLY D 64 26.60 -13.30 31.78
N THR D 65 27.67 -13.52 31.06
CA THR D 65 28.77 -12.53 30.96
C THR D 65 28.73 -11.79 29.64
N LYS D 66 29.49 -10.72 29.54
CA LYS D 66 29.58 -9.98 28.28
C LYS D 66 30.13 -10.84 27.14
N GLU D 67 30.98 -11.82 27.47
CA GLU D 67 31.53 -12.72 26.47
C GLU D 67 30.45 -13.67 25.96
N ASP D 68 29.52 -14.08 26.84
CA ASP D 68 28.38 -14.87 26.42
C ASP D 68 27.52 -14.06 25.42
N ALA D 69 27.26 -12.80 25.73
CA ALA D 69 26.47 -11.94 24.85
C ALA D 69 27.16 -11.79 23.50
N GLU D 70 28.47 -11.58 23.51
N GLU D 70 28.48 -11.64 23.49
CA GLU D 70 29.21 -11.47 22.26
CA GLU D 70 29.18 -11.53 22.21
C GLU D 70 29.09 -12.76 21.45
C GLU D 70 29.08 -12.83 21.42
N ARG D 71 29.21 -13.90 22.10
N ARG D 71 29.19 -13.96 22.09
CA ARG D 71 29.13 -15.18 21.40
CA ARG D 71 29.11 -15.27 21.42
C ARG D 71 27.75 -15.37 20.74
C ARG D 71 27.74 -15.40 20.75
N ALA D 72 26.71 -14.92 21.44
CA ALA D 72 25.33 -15.00 20.91
C ALA D 72 25.17 -14.11 19.69
N ILE D 73 25.75 -12.91 19.76
CA ILE D 73 25.69 -12.02 18.61
C ILE D 73 26.44 -12.59 17.40
N LEU D 74 27.64 -13.12 17.63
CA LEU D 74 28.40 -13.73 16.55
C LEU D 74 27.68 -14.95 15.96
N ALA D 75 26.98 -15.70 16.81
CA ALA D 75 26.18 -16.86 16.35
C ALA D 75 25.01 -16.40 15.49
N ALA D 76 24.34 -15.35 15.95
CA ALA D 76 23.25 -14.73 15.17
C ALA D 76 23.73 -14.24 13.81
N ARG D 77 24.89 -13.60 13.78
CA ARG D 77 25.48 -13.17 12.52
C ARG D 77 25.81 -14.34 11.60
N ARG D 78 26.45 -15.39 12.14
CA ARG D 78 26.79 -16.55 11.33
C ARG D 78 25.51 -17.15 10.73
N ALA D 79 24.48 -17.27 11.58
CA ALA D 79 23.20 -17.85 11.13
C ALA D 79 22.60 -16.98 10.05
N PHE D 80 22.62 -15.67 10.25
CA PHE D 80 22.08 -14.76 9.22
C PHE D 80 22.78 -14.95 7.89
N GLU D 81 24.11 -14.98 7.94
CA GLU D 81 24.91 -15.11 6.71
C GLU D 81 24.75 -16.48 6.02
N SER D 82 24.41 -17.51 6.79
CA SER D 82 24.20 -18.85 6.22
C SER D 82 22.95 -18.86 5.34
N GLY D 83 22.02 -17.97 5.62
CA GLY D 83 20.74 -17.90 4.86
C GLY D 83 19.69 -18.95 5.19
N GLU D 84 19.96 -19.85 6.14
N GLU D 84 19.95 -19.86 6.11
CA GLU D 84 19.02 -20.91 6.46
CA GLU D 84 18.98 -20.91 6.37
C GLU D 84 17.64 -20.38 6.88
C GLU D 84 17.62 -20.35 6.80
N TRP D 85 17.62 -19.25 7.56
CA TRP D 85 16.37 -18.61 7.94
C TRP D 85 16.06 -17.40 7.07
N SER D 86 17.08 -16.56 6.83
CA SER D 86 16.91 -15.35 6.07
C SER D 86 16.48 -15.60 4.62
N GLN D 87 16.83 -16.75 4.07
CA GLN D 87 16.45 -17.10 2.70
C GLN D 87 15.36 -18.16 2.64
N GLU D 88 14.85 -18.59 3.79
CA GLU D 88 13.70 -19.47 3.83
C GLU D 88 12.53 -18.71 3.16
N THR D 89 11.54 -19.41 2.58
CA THR D 89 10.40 -18.70 1.95
C THR D 89 9.61 -17.97 3.05
N ALA D 90 9.04 -16.82 2.73
CA ALA D 90 8.26 -16.07 3.72
C ALA D 90 7.08 -16.90 4.20
N GLU D 91 6.48 -17.67 3.29
CA GLU D 91 5.35 -18.51 3.62
C GLU D 91 5.72 -19.54 4.70
N THR D 92 6.90 -20.14 4.57
CA THR D 92 7.35 -21.13 5.54
C THR D 92 7.70 -20.45 6.85
N ARG D 93 8.29 -19.25 6.81
CA ARG D 93 8.58 -18.53 8.02
C ARG D 93 7.25 -18.23 8.75
N GLY D 94 6.23 -17.85 8.00
CA GLY D 94 4.93 -17.60 8.58
C GLY D 94 4.37 -18.84 9.28
N LYS D 95 4.54 -20.00 8.65
CA LYS D 95 4.03 -21.26 9.23
C LYS D 95 4.71 -21.53 10.58
N LYS D 96 6.01 -21.24 10.66
N LYS D 96 6.01 -21.25 10.65
CA LYS D 96 6.76 -21.44 11.91
CA LYS D 96 6.72 -21.48 11.90
C LYS D 96 6.30 -20.48 13.00
C LYS D 96 6.31 -20.50 12.99
N VAL D 97 6.07 -19.22 12.65
CA VAL D 97 5.61 -18.24 13.61
C VAL D 97 4.22 -18.64 14.09
N ARG D 98 3.39 -19.18 13.18
N ARG D 98 3.41 -19.20 13.18
CA ARG D 98 2.07 -19.67 13.57
CA ARG D 98 2.08 -19.70 13.54
C ARG D 98 2.19 -20.84 14.59
C ARG D 98 2.17 -20.87 14.57
N ALA D 99 3.16 -21.73 14.38
CA ALA D 99 3.40 -22.82 15.27
C ALA D 99 3.76 -22.34 16.69
N ILE D 100 4.54 -21.26 16.78
CA ILE D 100 4.79 -20.65 18.08
C ILE D 100 3.47 -20.16 18.68
N ALA D 101 2.68 -19.43 17.89
CA ALA D 101 1.39 -18.95 18.39
C ALA D 101 0.55 -20.11 18.99
N ASP D 102 0.49 -21.23 18.29
CA ASP D 102 -0.30 -22.37 18.73
C ASP D 102 0.24 -22.95 20.05
N LYS D 103 1.56 -22.97 20.21
CA LYS D 103 2.15 -23.41 21.46
C LYS D 103 1.77 -22.48 22.65
N ILE D 104 1.73 -21.18 22.41
CA ILE D 104 1.35 -20.24 23.47
C ILE D 104 -0.07 -20.58 23.97
N LYS D 105 -0.99 -20.82 23.04
CA LYS D 105 -2.35 -21.17 23.39
C LYS D 105 -2.42 -22.52 24.11
N GLU D 106 -1.68 -23.50 23.61
CA GLU D 106 -1.62 -24.80 24.25
C GLU D 106 -1.17 -24.70 25.72
N HIS D 107 -0.19 -23.84 25.98
CA HIS D 107 0.38 -23.70 27.33
C HIS D 107 -0.10 -22.47 28.10
N ARG D 108 -1.27 -21.95 27.69
CA ARG D 108 -1.82 -20.72 28.21
C ARG D 108 -1.90 -20.68 29.74
N GLU D 109 -2.41 -21.75 30.33
CA GLU D 109 -2.60 -21.80 31.76
C GLU D 109 -1.25 -21.73 32.52
N ALA D 110 -0.32 -22.61 32.15
CA ALA D 110 0.96 -22.66 32.82
C ALA D 110 1.74 -21.34 32.63
N LEU D 111 1.68 -20.80 31.42
CA LEU D 111 2.36 -19.53 31.12
C LEU D 111 1.80 -18.40 31.96
N ALA D 112 0.46 -18.33 32.03
CA ALA D 112 -0.19 -17.28 32.84
C ALA D 112 0.19 -17.39 34.31
N ARG D 113 0.21 -18.62 34.84
CA ARG D 113 0.63 -18.82 36.22
C ARG D 113 2.09 -18.40 36.46
N LEU D 114 2.95 -18.77 35.55
CA LEU D 114 4.37 -18.42 35.66
C LEU D 114 4.55 -16.89 35.64
N GLU D 115 3.79 -16.22 34.78
CA GLU D 115 3.89 -14.77 34.68
C GLU D 115 3.41 -14.08 35.98
N THR D 116 2.32 -14.58 36.54
CA THR D 116 1.80 -14.07 37.84
C THR D 116 2.80 -14.33 38.98
N LEU D 117 3.42 -15.50 38.95
CA LEU D 117 4.40 -15.87 39.95
C LEU D 117 5.61 -14.94 39.91
N ASP D 118 6.10 -14.68 38.70
CA ASP D 118 7.30 -13.88 38.50
C ASP D 118 7.05 -12.36 38.66
N THR D 119 5.90 -11.86 38.19
CA THR D 119 5.65 -10.40 38.14
C THR D 119 4.64 -9.88 39.16
N GLY D 120 3.87 -10.79 39.77
CA GLY D 120 2.91 -10.42 40.78
C GLY D 120 1.53 -10.01 40.34
N LYS D 121 1.31 -9.76 39.06
CA LYS D 121 -0.02 -9.27 38.64
C LYS D 121 -1.07 -10.37 38.70
N THR D 122 -2.34 -9.99 38.64
CA THR D 122 -3.41 -10.96 38.83
C THR D 122 -3.37 -12.02 37.76
N LEU D 123 -3.82 -13.21 38.13
CA LEU D 123 -3.90 -14.31 37.19
C LEU D 123 -4.81 -13.95 36.02
N GLU D 124 -5.90 -13.24 36.29
CA GLU D 124 -6.77 -12.80 35.18
C GLU D 124 -6.04 -11.88 34.20
N GLU D 125 -5.21 -10.97 34.71
CA GLU D 125 -4.39 -10.13 33.82
C GLU D 125 -3.44 -10.99 33.01
N SER D 126 -2.81 -11.99 33.66
CA SER D 126 -1.88 -12.87 32.97
C SER D 126 -2.56 -13.68 31.84
N TYR D 127 -3.77 -14.15 32.08
N TYR D 127 -3.76 -14.20 32.09
CA TYR D 127 -4.52 -14.84 31.02
CA TYR D 127 -4.54 -14.88 31.05
C TYR D 127 -4.72 -13.93 29.84
C TYR D 127 -4.74 -13.95 29.85
N ALA D 128 -5.08 -12.68 30.13
CA ALA D 128 -5.29 -11.69 29.07
C ALA D 128 -4.03 -11.51 28.25
N ASP D 129 -2.89 -11.40 28.93
CA ASP D 129 -1.61 -11.33 28.26
C ASP D 129 -1.42 -12.50 27.33
N MET D 130 -1.69 -13.72 27.80
CA MET D 130 -1.46 -14.90 26.96
C MET D 130 -2.36 -14.93 25.74
N ASP D 131 -3.57 -14.44 25.87
CA ASP D 131 -4.46 -14.31 24.71
C ASP D 131 -3.88 -13.31 23.70
N ASP D 132 -3.38 -12.19 24.19
CA ASP D 132 -2.77 -11.19 23.34
C ASP D 132 -1.53 -11.73 22.65
N ILE D 133 -0.69 -12.44 23.42
CA ILE D 133 0.56 -13.00 22.90
C ILE D 133 0.29 -14.00 21.76
N HIS D 134 -0.72 -14.86 21.95
CA HIS D 134 -1.13 -15.73 20.87
C HIS D 134 -1.47 -14.91 19.61
N ASN D 135 -2.27 -13.88 19.81
CA ASN D 135 -2.71 -13.03 18.69
C ASN D 135 -1.60 -12.26 18.02
N VAL D 136 -0.59 -11.86 18.78
CA VAL D 136 0.58 -11.18 18.23
C VAL D 136 1.35 -12.11 17.29
N PHE D 137 1.67 -13.30 17.77
CA PHE D 137 2.35 -14.27 16.93
C PHE D 137 1.46 -14.61 15.72
N MET D 138 0.15 -14.79 15.93
CA MET D 138 -0.71 -15.13 14.79
C MET D 138 -0.74 -14.02 13.73
N TYR D 139 -0.80 -12.78 14.18
CA TYR D 139 -0.84 -11.64 13.24
C TYR D 139 0.42 -11.58 12.35
N PHE D 140 1.59 -11.63 12.98
CA PHE D 140 2.84 -11.61 12.27
C PHE D 140 3.08 -12.84 11.41
N ALA D 141 2.58 -14.00 11.83
CA ALA D 141 2.61 -15.18 11.01
C ALA D 141 1.87 -14.90 9.71
N GLY D 142 0.69 -14.30 9.84
CA GLY D 142 -0.13 -14.00 8.65
C GLY D 142 0.46 -12.88 7.82
N LEU D 143 1.25 -12.01 8.40
CA LEU D 143 1.85 -10.91 7.64
C LEU D 143 3.10 -11.29 6.87
N ALA D 144 3.74 -12.39 7.29
CA ALA D 144 5.10 -12.71 6.84
C ALA D 144 5.28 -12.71 5.34
N ASP D 145 4.29 -13.23 4.64
CA ASP D 145 4.44 -13.41 3.19
C ASP D 145 3.59 -12.47 2.36
N LYS D 146 3.18 -11.35 2.94
CA LYS D 146 2.30 -10.40 2.24
C LYS D 146 2.94 -9.20 1.51
N ASP D 147 4.28 -9.06 1.54
N ASP D 147 4.27 -9.00 1.50
CA ASP D 147 4.97 -7.98 0.81
CA ASP D 147 4.81 -7.80 0.80
C ASP D 147 6.14 -8.57 0.03
C ASP D 147 6.33 -7.84 0.68
N GLY D 148 7.29 -7.94 0.20
N GLY D 148 6.82 -8.22 -0.50
CA GLY D 148 8.44 -8.34 -0.58
CA GLY D 148 8.27 -8.37 -0.72
C GLY D 148 9.08 -7.13 -1.23
C GLY D 148 9.03 -7.15 -1.21
N GLY D 149 8.32 -6.06 -1.42
CA GLY D 149 8.87 -4.82 -1.99
C GLY D 149 8.04 -4.32 -3.16
N GLU D 150 8.62 -3.46 -3.96
CA GLU D 150 7.90 -2.75 -5.00
C GLU D 150 8.62 -2.71 -6.31
N MET D 151 7.84 -2.57 -7.37
CA MET D 151 8.36 -2.31 -8.69
C MET D 151 8.17 -0.80 -8.89
N ILE D 152 9.20 -0.13 -9.36
CA ILE D 152 9.15 1.31 -9.57
C ILE D 152 9.14 1.59 -11.07
N ASP D 153 8.29 2.51 -11.51
CA ASP D 153 8.29 2.94 -12.90
C ASP D 153 9.49 3.92 -12.98
N SER D 154 10.56 3.47 -13.59
CA SER D 154 11.81 4.24 -13.57
C SER D 154 11.70 5.45 -14.47
N PRO D 155 12.24 6.57 -14.05
CA PRO D 155 12.31 7.74 -14.91
C PRO D 155 13.42 7.65 -15.97
N ILE D 156 14.23 6.60 -15.94
CA ILE D 156 15.33 6.43 -16.89
C ILE D 156 14.91 5.36 -17.89
N PRO D 157 14.82 5.71 -19.18
CA PRO D 157 14.48 4.71 -20.18
C PRO D 157 15.44 3.56 -20.18
N ASP D 158 14.93 2.38 -20.50
CA ASP D 158 15.76 1.17 -20.56
C ASP D 158 16.44 0.82 -19.23
N THR D 159 15.68 0.94 -18.14
CA THR D 159 16.12 0.48 -16.85
C THR D 159 14.94 -0.19 -16.14
N GLU D 160 15.25 -1.12 -15.25
CA GLU D 160 14.28 -1.75 -14.40
C GLU D 160 14.65 -1.36 -12.99
N SER D 161 13.66 -0.90 -12.23
CA SER D 161 13.88 -0.44 -10.87
C SER D 161 12.99 -1.20 -9.93
N LYS D 162 13.59 -1.82 -8.93
CA LYS D 162 12.78 -2.47 -7.93
C LYS D 162 13.34 -2.23 -6.54
N ILE D 163 12.45 -2.24 -5.58
N ILE D 163 12.47 -2.24 -5.55
CA ILE D 163 12.84 -2.12 -4.19
CA ILE D 163 12.90 -2.05 -4.16
C ILE D 163 12.53 -3.48 -3.56
C ILE D 163 12.60 -3.35 -3.41
N VAL D 164 13.55 -4.12 -3.02
N VAL D 164 13.60 -4.15 -3.09
CA VAL D 164 13.36 -5.39 -2.39
CA VAL D 164 13.32 -5.39 -2.39
C VAL D 164 13.46 -5.17 -0.89
C VAL D 164 13.44 -5.14 -0.89
N LYS D 165 12.57 -5.78 -0.13
CA LYS D 165 12.62 -5.63 1.34
C LYS D 165 13.29 -6.87 1.86
N GLU D 166 14.38 -6.69 2.62
CA GLU D 166 15.12 -7.78 3.18
C GLU D 166 15.05 -7.71 4.70
N PRO D 167 15.33 -8.83 5.37
CA PRO D 167 15.46 -8.70 6.82
C PRO D 167 16.60 -7.72 7.18
N VAL D 168 16.42 -6.93 8.23
CA VAL D 168 17.36 -5.90 8.60
C VAL D 168 18.68 -6.54 8.94
N GLY D 169 18.62 -7.76 9.47
CA GLY D 169 19.82 -8.49 9.81
C GLY D 169 19.81 -9.10 11.21
N VAL D 170 20.84 -8.78 11.98
CA VAL D 170 21.03 -9.24 13.35
C VAL D 170 20.41 -8.21 14.28
N VAL D 171 19.50 -8.65 15.12
CA VAL D 171 18.79 -7.74 16.00
C VAL D 171 18.97 -8.12 17.46
N THR D 172 19.18 -7.10 18.30
CA THR D 172 19.24 -7.34 19.75
C THR D 172 17.97 -6.75 20.35
N GLN D 173 17.41 -7.46 21.32
CA GLN D 173 16.12 -7.18 21.87
C GLN D 173 16.17 -7.23 23.38
N ILE D 174 15.82 -6.11 24.03
CA ILE D 174 15.89 -5.99 25.47
C ILE D 174 14.53 -5.61 25.97
N THR D 175 13.97 -6.45 26.84
CA THR D 175 12.60 -6.31 27.31
C THR D 175 12.50 -5.97 28.78
N PRO D 176 11.35 -5.39 29.18
CA PRO D 176 11.19 -4.90 30.54
C PRO D 176 10.55 -5.93 31.48
N TRP D 177 10.51 -5.61 32.78
CA TRP D 177 9.94 -6.53 33.76
C TRP D 177 8.41 -6.52 33.89
N ASN D 178 7.73 -5.52 33.33
CA ASN D 178 6.31 -5.41 33.67
C ASN D 178 5.42 -6.45 32.98
N TYR D 179 5.61 -6.61 31.68
CA TYR D 179 4.87 -7.62 30.92
C TYR D 179 5.97 -8.34 30.11
N PRO D 180 6.74 -9.21 30.77
CA PRO D 180 7.90 -9.85 30.11
C PRO D 180 7.58 -10.60 28.82
N LEU D 181 6.66 -11.55 28.86
CA LEU D 181 6.38 -12.31 27.65
C LEU D 181 5.65 -11.47 26.61
N LEU D 182 4.76 -10.60 27.04
CA LEU D 182 4.03 -9.77 26.10
C LEU D 182 4.99 -8.92 25.28
N GLN D 183 5.90 -8.22 25.96
CA GLN D 183 6.84 -7.35 25.27
C GLN D 183 7.82 -8.18 24.45
N ALA D 184 8.18 -9.37 24.93
CA ALA D 184 9.02 -10.24 24.14
C ALA D 184 8.34 -10.61 22.82
N SER D 185 7.06 -10.94 22.87
CA SER D 185 6.35 -11.35 21.64
C SER D 185 6.31 -10.23 20.61
N TRP D 186 6.19 -8.98 21.08
CA TRP D 186 6.17 -7.84 20.16
C TRP D 186 7.46 -7.72 19.33
N LYS D 187 8.57 -8.22 19.88
CA LYS D 187 9.88 -8.14 19.23
C LYS D 187 10.22 -9.41 18.48
N ILE D 188 9.98 -10.56 19.12
CA ILE D 188 10.27 -11.83 18.48
C ILE D 188 9.45 -12.11 17.22
N ALA D 189 8.15 -11.87 17.27
CA ALA D 189 7.28 -12.25 16.15
C ALA D 189 7.69 -11.59 14.82
N PRO D 190 7.87 -10.26 14.80
CA PRO D 190 8.30 -9.68 13.52
C PRO D 190 9.70 -10.07 13.13
N ALA D 191 10.63 -10.19 14.07
CA ALA D 191 11.98 -10.58 13.74
C ALA D 191 12.02 -11.92 13.04
N LEU D 192 11.28 -12.90 13.56
CA LEU D 192 11.25 -14.20 12.94
C LEU D 192 10.48 -14.21 11.63
N ALA D 193 9.36 -13.50 11.57
CA ALA D 193 8.55 -13.44 10.33
C ALA D 193 9.36 -12.90 9.16
N THR D 194 10.22 -11.90 9.42
CA THR D 194 10.99 -11.23 8.33
C THR D 194 12.27 -11.97 7.95
N GLY D 195 12.73 -12.88 8.81
CA GLY D 195 13.95 -13.65 8.52
C GLY D 195 15.22 -13.17 9.23
N CYS D 196 15.06 -12.36 10.27
CA CYS D 196 16.22 -11.89 11.04
C CYS D 196 16.76 -12.97 11.96
N SER D 197 17.95 -12.72 12.53
CA SER D 197 18.47 -13.49 13.63
C SER D 197 18.41 -12.59 14.82
N LEU D 198 18.08 -13.14 15.98
CA LEU D 198 17.90 -12.34 17.19
C LEU D 198 18.65 -12.81 18.42
N VAL D 199 19.00 -11.84 19.26
CA VAL D 199 19.52 -12.09 20.59
C VAL D 199 18.65 -11.30 21.55
N MET D 200 18.00 -11.97 22.48
CA MET D 200 17.10 -11.35 23.43
C MET D 200 17.60 -11.46 24.85
N LYS D 201 17.41 -10.39 25.61
CA LYS D 201 17.73 -10.40 27.03
C LYS D 201 16.55 -9.83 27.78
N PRO D 202 15.87 -10.67 28.56
CA PRO D 202 14.75 -10.20 29.36
C PRO D 202 15.25 -9.50 30.59
N SER D 203 14.37 -8.82 31.31
CA SER D 203 14.75 -8.14 32.51
C SER D 203 15.35 -9.16 33.46
N GLU D 204 16.43 -8.73 34.12
CA GLU D 204 17.11 -9.64 35.01
C GLU D 204 16.24 -10.17 36.15
N ILE D 205 15.20 -9.42 36.52
CA ILE D 205 14.39 -9.85 37.64
C ILE D 205 13.17 -10.67 37.24
N THR D 206 12.87 -10.75 35.96
CA THR D 206 11.69 -11.51 35.46
C THR D 206 11.96 -12.32 34.18
N PRO D 207 12.82 -13.34 34.25
CA PRO D 207 13.18 -14.08 33.06
C PRO D 207 12.34 -15.35 32.78
N LEU D 208 11.42 -15.71 33.68
CA LEU D 208 10.80 -17.05 33.64
C LEU D 208 9.97 -17.40 32.39
N THR D 209 9.01 -16.57 32.03
CA THR D 209 8.21 -16.84 30.82
C THR D 209 9.03 -16.67 29.50
N THR D 210 10.12 -15.89 29.54
CA THR D 210 10.98 -15.73 28.37
C THR D 210 11.80 -17.00 28.18
N ILE D 211 12.32 -17.57 29.27
CA ILE D 211 12.96 -18.88 29.18
C ILE D 211 11.96 -19.87 28.60
N ARG D 212 10.74 -19.85 29.08
CA ARG D 212 9.73 -20.81 28.61
C ARG D 212 9.45 -20.67 27.14
N VAL D 213 9.29 -19.43 26.66
CA VAL D 213 9.00 -19.24 25.24
C VAL D 213 10.19 -19.69 24.37
N PHE D 214 11.42 -19.54 24.86
CA PHE D 214 12.56 -20.10 24.13
C PHE D 214 12.51 -21.62 24.03
N GLU D 215 12.08 -22.28 25.12
CA GLU D 215 11.88 -23.73 25.07
C GLU D 215 10.86 -24.06 23.99
N LEU D 216 9.78 -23.28 23.94
CA LEU D 216 8.71 -23.53 22.97
C LEU D 216 9.19 -23.27 21.53
N MET D 217 9.99 -22.23 21.33
CA MET D 217 10.49 -21.96 20.00
C MET D 217 11.43 -23.05 19.54
N GLU D 218 12.24 -23.55 20.46
CA GLU D 218 13.13 -24.67 20.15
C GLU D 218 12.34 -25.90 19.71
N GLU D 219 11.19 -26.15 20.30
CA GLU D 219 10.33 -27.28 19.90
C GLU D 219 9.83 -27.12 18.46
N VAL D 220 9.57 -25.89 18.06
CA VAL D 220 9.14 -25.59 16.70
C VAL D 220 10.29 -25.85 15.75
N GLY D 221 11.48 -25.39 16.12
CA GLY D 221 12.67 -25.63 15.31
C GLY D 221 13.09 -24.47 14.44
N PHE D 222 14.26 -23.91 14.76
CA PHE D 222 14.83 -22.83 13.98
C PHE D 222 16.31 -23.14 13.74
N PRO D 223 16.89 -22.60 12.65
CA PRO D 223 18.30 -22.92 12.44
C PRO D 223 19.16 -22.42 13.60
N LYS D 224 20.22 -23.16 13.87
CA LYS D 224 21.16 -22.83 14.92
C LYS D 224 21.64 -21.39 14.82
N GLY D 225 21.47 -20.63 15.89
CA GLY D 225 21.90 -19.23 15.95
C GLY D 225 20.84 -18.20 15.58
N THR D 226 19.72 -18.63 14.98
CA THR D 226 18.66 -17.74 14.62
C THR D 226 18.04 -17.05 15.84
N ILE D 227 17.92 -17.80 16.94
CA ILE D 227 17.36 -17.27 18.19
C ILE D 227 18.36 -17.52 19.31
N ASN D 228 18.56 -16.52 20.17
CA ASN D 228 19.49 -16.64 21.29
C ASN D 228 18.91 -15.88 22.47
N LEU D 229 19.06 -16.46 23.67
CA LEU D 229 18.60 -15.88 24.91
C LEU D 229 19.78 -15.65 25.84
N ILE D 230 20.01 -14.42 26.23
CA ILE D 230 21.02 -14.06 27.21
C ILE D 230 20.28 -13.68 28.49
N LEU D 231 20.81 -14.07 29.64
CA LEU D 231 20.17 -13.77 30.89
C LEU D 231 21.09 -12.96 31.79
N GLY D 232 20.49 -11.95 32.42
CA GLY D 232 21.17 -11.20 33.45
C GLY D 232 21.22 -9.72 33.29
N ALA D 233 22.07 -9.11 34.09
CA ALA D 233 22.33 -7.72 34.04
C ALA D 233 23.84 -7.65 34.32
N GLY D 234 24.58 -8.58 33.71
CA GLY D 234 26.04 -8.68 33.88
C GLY D 234 26.80 -7.45 33.43
N SER D 235 28.01 -7.31 33.95
CA SER D 235 28.81 -6.15 33.64
C SER D 235 29.01 -6.04 32.14
N GLU D 236 28.61 -4.90 31.57
CA GLU D 236 28.76 -4.62 30.16
C GLU D 236 27.90 -5.50 29.23
N VAL D 237 27.00 -6.34 29.77
CA VAL D 237 26.10 -7.14 28.89
C VAL D 237 25.23 -6.25 28.01
N GLY D 238 24.58 -5.26 28.62
CA GLY D 238 23.78 -4.29 27.88
C GLY D 238 24.60 -3.52 26.89
N ASP D 239 25.81 -3.12 27.28
CA ASP D 239 26.66 -2.39 26.38
C ASP D 239 27.05 -3.21 25.15
N VAL D 240 27.28 -4.51 25.34
CA VAL D 240 27.61 -5.36 24.21
C VAL D 240 26.39 -5.48 23.29
N MET D 241 25.22 -5.65 23.87
CA MET D 241 24.01 -5.82 23.03
C MET D 241 23.63 -4.58 22.26
N SER D 242 24.00 -3.41 22.76
CA SER D 242 23.68 -2.17 22.06
C SER D 242 24.84 -1.62 21.24
N GLY D 243 26.06 -2.02 21.55
CA GLY D 243 27.25 -1.45 20.92
C GLY D 243 28.07 -2.33 20.03
N HIS D 244 27.63 -3.56 19.79
CA HIS D 244 28.43 -4.48 18.98
C HIS D 244 28.30 -4.15 17.50
N LYS D 245 29.41 -4.26 16.78
CA LYS D 245 29.43 -3.89 15.37
C LYS D 245 28.61 -4.82 14.47
N GLU D 246 28.35 -6.05 14.91
CA GLU D 246 27.58 -6.99 14.12
C GLU D 246 26.05 -6.84 14.23
N VAL D 247 25.59 -5.89 15.05
CA VAL D 247 24.17 -5.67 15.26
C VAL D 247 23.65 -4.65 14.24
N ASP D 248 22.50 -4.94 13.62
CA ASP D 248 21.87 -4.05 12.67
C ASP D 248 20.72 -3.23 13.26
N LEU D 249 20.11 -3.74 14.33
CA LEU D 249 19.02 -3.06 15.02
C LEU D 249 19.02 -3.42 16.47
N VAL D 250 18.95 -2.40 17.31
CA VAL D 250 18.78 -2.59 18.74
C VAL D 250 17.35 -2.16 19.08
N SER D 251 16.57 -3.07 19.65
CA SER D 251 15.21 -2.77 20.06
C SER D 251 15.10 -2.89 21.58
N PHE D 252 14.80 -1.78 22.23
CA PHE D 252 14.77 -1.69 23.69
C PHE D 252 13.49 -1.09 24.21
N THR D 253 12.88 -1.78 25.18
CA THR D 253 11.75 -1.29 25.90
C THR D 253 12.14 -1.20 27.38
N GLY D 254 11.97 -0.03 27.96
CA GLY D 254 12.35 0.19 29.35
C GLY D 254 12.35 1.64 29.73
N SER D 255 13.23 1.98 30.67
N SER D 255 13.20 1.99 30.67
CA SER D 255 13.29 3.33 31.23
CA SER D 255 13.17 3.35 31.19
C SER D 255 13.99 4.31 30.32
C SER D 255 13.98 4.30 30.32
N ILE D 256 13.60 5.57 30.42
CA ILE D 256 14.16 6.60 29.59
C ILE D 256 15.66 6.74 29.75
N GLU D 257 16.17 6.72 30.98
CA GLU D 257 17.62 6.89 31.17
C GLU D 257 18.41 5.78 30.50
N THR D 258 17.96 4.54 30.64
CA THR D 258 18.63 3.41 30.00
C THR D 258 18.51 3.47 28.49
N GLY D 259 17.33 3.85 28.00
CA GLY D 259 17.11 4.00 26.56
C GLY D 259 18.08 5.00 25.94
N LYS D 260 18.28 6.13 26.60
CA LYS D 260 19.21 7.16 26.09
C LYS D 260 20.63 6.62 26.01
N HIS D 261 21.02 5.88 27.05
CA HIS D 261 22.36 5.27 27.08
C HIS D 261 22.54 4.29 25.91
N ILE D 262 21.52 3.45 25.72
CA ILE D 262 21.50 2.48 24.65
C ILE D 262 21.61 3.15 23.28
N MET D 263 20.89 4.24 23.08
CA MET D 263 20.97 4.98 21.82
C MET D 263 22.36 5.56 21.59
N LYS D 264 22.97 6.11 22.63
CA LYS D 264 24.34 6.64 22.51
C LYS D 264 25.35 5.53 22.18
N ASN D 265 25.17 4.34 22.74
N ASN D 265 25.17 4.36 22.77
CA ASN D 265 26.04 3.22 22.44
CA ASN D 265 26.00 3.20 22.45
C ASN D 265 25.85 2.75 20.99
C ASN D 265 25.84 2.78 20.99
N ALA D 266 24.59 2.69 20.55
CA ALA D 266 24.25 2.27 19.19
C ALA D 266 24.88 3.20 18.16
N ALA D 267 25.01 4.47 18.52
CA ALA D 267 25.62 5.45 17.65
C ALA D 267 27.05 5.09 17.27
N ASN D 268 27.74 4.32 18.11
CA ASN D 268 29.12 3.95 17.81
C ASN D 268 29.27 3.17 16.51
N ASN D 269 28.22 2.48 16.09
CA ASN D 269 28.20 1.79 14.81
C ASN D 269 27.06 2.26 13.91
N VAL D 270 26.49 3.43 14.18
CA VAL D 270 25.40 4.03 13.42
C VAL D 270 24.26 2.98 13.28
N THR D 271 23.96 2.30 14.37
CA THR D 271 23.01 1.21 14.38
C THR D 271 21.58 1.70 14.53
N ASN D 272 20.67 1.16 13.72
CA ASN D 272 19.26 1.47 13.88
C ASN D 272 18.80 1.24 15.32
N ILE D 273 17.97 2.13 15.83
CA ILE D 273 17.39 1.94 17.15
C ILE D 273 15.87 2.02 17.13
N ALA D 274 15.24 1.16 17.92
CA ALA D 274 13.80 1.22 18.13
C ALA D 274 13.68 1.26 19.66
N LEU D 275 13.02 2.29 20.18
CA LEU D 275 12.90 2.46 21.62
C LEU D 275 11.48 2.73 22.04
N GLU D 276 11.06 2.08 23.12
N GLU D 276 11.09 2.20 23.19
CA GLU D 276 9.77 2.36 23.74
CA GLU D 276 9.78 2.45 23.82
C GLU D 276 10.09 2.57 25.18
C GLU D 276 10.12 2.80 25.28
N LEU D 277 9.93 3.82 25.59
N LEU D 277 9.91 4.04 25.72
CA LEU D 277 10.33 4.25 26.86
CA LEU D 277 10.46 4.44 27.01
C LEU D 277 8.98 4.51 27.51
C LEU D 277 9.46 4.90 28.05
N GLY D 278 8.94 5.15 28.63
N GLY D 278 8.21 4.44 27.95
CA GLY D 278 7.64 5.26 29.22
CA GLY D 278 7.15 4.83 28.87
C GLY D 278 6.76 6.36 28.66
C GLY D 278 6.57 6.19 28.54
N GLY D 279 5.83 6.77 29.49
CA GLY D 279 5.06 7.94 29.22
C GLY D 279 4.51 8.58 30.49
N LYS D 280 3.92 9.75 30.29
CA LYS D 280 3.17 10.48 31.30
C LYS D 280 1.83 10.62 30.57
N ASN D 281 1.05 9.56 30.66
CA ASN D 281 -0.14 9.44 29.79
C ASN D 281 -1.38 10.10 30.36
N PRO D 282 -1.95 11.04 29.60
CA PRO D 282 -3.07 11.81 30.08
C PRO D 282 -4.39 11.07 29.89
N ASN D 283 -5.27 11.24 30.88
CA ASN D 283 -6.61 10.72 30.85
C ASN D 283 -7.49 11.95 31.00
N ILE D 284 -8.03 12.43 29.88
CA ILE D 284 -8.76 13.70 29.81
C ILE D 284 -10.25 13.44 29.93
N ILE D 285 -10.84 13.99 30.96
CA ILE D 285 -12.25 13.76 31.25
C ILE D 285 -13.01 15.07 31.18
N PHE D 286 -13.84 15.19 30.15
CA PHE D 286 -14.67 16.38 29.97
C PHE D 286 -15.92 16.29 30.83
N ASP D 287 -16.53 17.45 31.06
CA ASP D 287 -17.73 17.49 31.88
C ASP D 287 -18.92 16.81 31.21
N ASP D 288 -18.83 16.51 29.91
CA ASP D 288 -19.89 15.77 29.23
C ASP D 288 -19.50 14.31 28.94
N ALA D 289 -18.49 13.81 29.64
CA ALA D 289 -18.22 12.38 29.67
C ALA D 289 -19.34 11.65 30.37
N ASP D 290 -19.47 10.36 30.06
CA ASP D 290 -20.29 9.44 30.83
C ASP D 290 -19.53 9.34 32.15
N PHE D 291 -20.09 9.94 33.20
CA PHE D 291 -19.36 10.10 34.46
C PHE D 291 -18.94 8.79 35.10
N GLU D 292 -19.87 7.84 35.25
CA GLU D 292 -19.47 6.60 35.92
C GLU D 292 -18.49 5.77 35.06
N LEU D 293 -18.58 5.90 33.74
CA LEU D 293 -17.60 5.29 32.84
C LEU D 293 -16.22 5.90 33.07
N ALA D 294 -16.17 7.24 33.16
CA ALA D 294 -14.90 7.91 33.36
C ALA D 294 -14.25 7.54 34.69
N VAL D 295 -15.07 7.39 35.73
CA VAL D 295 -14.51 6.98 37.03
C VAL D 295 -13.96 5.56 36.92
N ASP D 296 -14.74 4.66 36.35
CA ASP D 296 -14.33 3.27 36.18
C ASP D 296 -13.01 3.21 35.41
N GLN D 297 -12.93 3.93 34.29
CA GLN D 297 -11.75 3.89 33.45
C GLN D 297 -10.57 4.67 34.01
N ALA D 298 -10.83 5.60 34.93
CA ALA D 298 -9.72 6.31 35.61
C ALA D 298 -9.03 5.33 36.56
N LEU D 299 -9.82 4.50 37.23
CA LEU D 299 -9.27 3.46 38.11
C LEU D 299 -8.48 2.47 37.28
N ASN D 300 -9.07 2.03 36.17
CA ASN D 300 -8.42 1.05 35.32
C ASN D 300 -7.12 1.60 34.77
N GLY D 301 -7.15 2.84 34.30
CA GLY D 301 -5.99 3.50 33.78
C GLY D 301 -4.90 3.64 34.81
N GLY D 302 -5.28 3.94 36.03
CA GLY D 302 -4.28 4.18 37.06
C GLY D 302 -3.66 2.97 37.72
N TYR D 303 -4.46 1.91 37.84
CA TYR D 303 -4.12 0.83 38.77
C TYR D 303 -4.00 -0.59 38.25
N PHE D 304 -4.32 -0.85 36.99
CA PHE D 304 -3.99 -2.15 36.42
C PHE D 304 -2.48 -2.34 36.57
N HIS D 305 -2.09 -3.56 36.96
CA HIS D 305 -0.69 -3.94 37.28
C HIS D 305 0.00 -2.97 38.23
N ALA D 306 -0.76 -2.48 39.21
CA ALA D 306 -0.28 -1.50 40.17
C ALA D 306 0.37 -0.30 39.47
N GLY D 307 -0.19 0.07 38.31
CA GLY D 307 0.31 1.25 37.58
C GLY D 307 1.65 1.07 36.84
N GLN D 308 2.14 -0.16 36.79
CA GLN D 308 3.43 -0.48 36.19
C GLN D 308 3.25 -0.79 34.73
N VAL D 309 2.68 0.16 34.02
CA VAL D 309 2.31 0.04 32.60
C VAL D 309 2.89 1.27 31.91
N SER D 311 1.94 2.74 29.38
CA SER D 311 0.79 3.60 29.04
C SER D 311 -0.23 3.82 30.20
N ALA D 312 0.18 3.60 31.46
CA ALA D 312 -0.70 3.82 32.58
C ALA D 312 -1.22 5.23 32.50
N GLY D 313 -2.50 5.42 32.85
CA GLY D 313 -3.11 6.76 32.89
C GLY D 313 -2.80 7.45 34.20
N SER D 314 -1.54 7.82 34.40
CA SER D 314 -1.13 8.42 35.64
C SER D 314 -1.52 9.90 35.77
N ARG D 315 -1.80 10.57 34.65
CA ARG D 315 -2.08 11.98 34.68
C ARG D 315 -3.53 12.25 34.28
N ILE D 316 -4.38 12.37 35.29
CA ILE D 316 -5.77 12.65 35.04
C ILE D 316 -5.96 14.14 34.89
N LEU D 317 -6.66 14.55 33.83
CA LEU D 317 -7.01 15.95 33.57
C LEU D 317 -8.52 15.99 33.52
N VAL D 318 -9.16 16.68 34.47
CA VAL D 318 -10.61 16.69 34.56
C VAL D 318 -11.16 18.10 34.49
N GLN D 319 -12.27 18.28 33.80
CA GLN D 319 -12.81 19.59 33.64
C GLN D 319 -13.21 20.19 35.00
N ASN D 320 -12.89 21.47 35.22
CA ASN D 320 -13.11 22.11 36.52
C ASN D 320 -14.52 21.98 37.06
N SER D 321 -15.51 22.08 36.16
CA SER D 321 -16.89 22.00 36.54
C SER D 321 -17.28 20.72 37.26
N ILE D 322 -16.59 19.62 36.96
CA ILE D 322 -16.88 18.33 37.60
C ILE D 322 -15.72 17.77 38.44
N LYS D 323 -14.69 18.58 38.63
CA LYS D 323 -13.50 18.12 39.32
C LYS D 323 -13.73 17.65 40.72
N ASP D 324 -14.49 18.42 41.50
CA ASP D 324 -14.73 18.01 42.89
C ASP D 324 -15.51 16.71 42.96
N LYS D 325 -16.55 16.60 42.15
N LYS D 325 -16.53 16.61 42.12
CA LYS D 325 -17.38 15.38 42.07
CA LYS D 325 -17.39 15.42 41.99
C LYS D 325 -16.51 14.19 41.67
C LYS D 325 -16.56 14.20 41.64
N PHE D 326 -15.67 14.40 40.65
CA PHE D 326 -14.80 13.36 40.17
C PHE D 326 -13.79 12.89 41.24
N GLU D 327 -13.06 13.80 41.84
CA GLU D 327 -12.12 13.45 42.90
C GLU D 327 -12.77 12.65 44.03
N GLN D 328 -13.94 13.07 44.48
CA GLN D 328 -14.57 12.36 45.57
C GLN D 328 -14.96 10.96 45.15
N ALA D 329 -15.50 10.83 43.94
CA ALA D 329 -15.90 9.51 43.43
C ALA D 329 -14.69 8.59 43.25
N LEU D 330 -13.59 9.14 42.76
CA LEU D 330 -12.36 8.36 42.53
C LEU D 330 -11.76 7.89 43.84
N ILE D 331 -11.59 8.82 44.77
CA ILE D 331 -11.03 8.53 46.11
C ILE D 331 -11.84 7.45 46.82
N ASP D 332 -13.16 7.60 46.82
N ASP D 332 -13.17 7.58 46.81
CA ASP D 332 -14.01 6.63 47.48
CA ASP D 332 -14.04 6.59 47.46
C ASP D 332 -13.82 5.21 46.90
C ASP D 332 -13.84 5.20 46.89
N ARG D 333 -13.64 5.12 45.59
CA ARG D 333 -13.39 3.83 44.93
C ARG D 333 -11.99 3.31 45.24
N VAL D 334 -11.00 4.19 45.25
CA VAL D 334 -9.63 3.77 45.54
C VAL D 334 -9.53 3.11 46.93
N LYS D 335 -10.25 3.62 47.91
CA LYS D 335 -10.27 3.03 49.26
C LYS D 335 -10.76 1.59 49.29
N LYS D 336 -11.52 1.17 48.28
CA LYS D 336 -12.05 -0.17 48.23
C LYS D 336 -11.24 -1.16 47.39
N ILE D 337 -10.19 -0.69 46.73
CA ILE D 337 -9.40 -1.58 45.86
C ILE D 337 -8.83 -2.72 46.71
N LYS D 338 -8.98 -3.95 46.23
CA LYS D 338 -8.51 -5.13 46.96
C LYS D 338 -7.11 -5.56 46.58
N LEU D 339 -6.20 -5.43 47.52
CA LEU D 339 -4.81 -5.84 47.32
C LEU D 339 -4.64 -7.27 47.82
N GLY D 340 -3.76 -8.01 47.17
CA GLY D 340 -3.47 -9.36 47.60
C GLY D 340 -2.70 -10.17 46.58
N ASN D 341 -2.71 -11.47 46.79
CA ASN D 341 -1.99 -12.44 45.99
C ASN D 341 -2.64 -12.48 44.61
N GLY D 342 -1.84 -12.36 43.57
CA GLY D 342 -2.35 -12.47 42.19
C GLY D 342 -3.06 -13.78 41.90
N PHE D 343 -2.73 -14.85 42.64
CA PHE D 343 -3.39 -16.14 42.44
C PHE D 343 -4.79 -16.21 43.07
N ASP D 344 -5.12 -15.30 43.99
CA ASP D 344 -6.43 -15.31 44.63
C ASP D 344 -7.42 -14.55 43.73
N ALA D 345 -8.54 -15.18 43.44
CA ALA D 345 -9.51 -14.62 42.50
C ALA D 345 -10.07 -13.24 42.93
N ASP D 346 -10.14 -12.96 44.23
N ASP D 346 -10.14 -12.97 44.23
CA ASP D 346 -10.65 -11.68 44.71
CA ASP D 346 -10.69 -11.70 44.66
C ASP D 346 -9.67 -10.52 44.60
C ASP D 346 -9.67 -10.54 44.61
N THR D 347 -8.39 -10.83 44.38
CA THR D 347 -7.39 -9.76 44.27
C THR D 347 -7.63 -8.89 43.02
N GLU D 348 -7.62 -7.56 43.21
CA GLU D 348 -7.78 -6.60 42.13
C GLU D 348 -6.46 -5.94 41.76
N MET D 349 -5.52 -5.88 42.70
CA MET D 349 -4.22 -5.28 42.45
C MET D 349 -3.16 -6.01 43.26
N GLY D 350 -2.10 -6.45 42.58
CA GLY D 350 -0.99 -7.13 43.23
C GLY D 350 0.07 -6.16 43.74
N PRO D 351 1.25 -6.69 44.14
CA PRO D 351 2.36 -5.90 44.59
C PRO D 351 3.12 -5.26 43.43
N VAL D 352 4.04 -4.37 43.78
CA VAL D 352 4.93 -3.81 42.79
C VAL D 352 6.10 -4.79 42.68
N ILE D 353 6.98 -4.56 41.70
CA ILE D 353 7.90 -5.59 41.28
C ILE D 353 9.10 -5.93 42.18
N SER D 354 9.66 -4.94 42.86
CA SER D 354 10.91 -5.14 43.62
C SER D 354 11.07 -4.11 44.72
N THR D 355 12.00 -4.37 45.62
N THR D 355 11.97 -4.38 45.66
CA THR D 355 12.29 -3.47 46.71
CA THR D 355 12.23 -3.44 46.73
C THR D 355 12.72 -2.12 46.18
C THR D 355 12.72 -2.10 46.17
N GLU D 356 13.60 -2.15 45.18
CA GLU D 356 14.15 -0.95 44.58
C GLU D 356 13.06 -0.11 43.96
N HIS D 357 12.14 -0.77 43.27
CA HIS D 357 11.07 -0.04 42.62
C HIS D 357 10.10 0.57 43.64
N ARG D 358 9.75 -0.21 44.67
CA ARG D 358 8.89 0.32 45.72
C ARG D 358 9.55 1.50 46.42
N ASN D 359 10.84 1.40 46.68
CA ASN D 359 11.56 2.53 47.29
C ASN D 359 11.48 3.78 46.42
N LYS D 360 11.62 3.60 45.11
CA LYS D 360 11.52 4.74 44.18
C LYS D 360 10.12 5.38 44.25
N ILE D 361 9.09 4.55 44.30
CA ILE D 361 7.75 5.05 44.41
C ILE D 361 7.61 5.83 45.73
N GLU D 362 8.07 5.23 46.81
CA GLU D 362 8.00 5.87 48.13
C GLU D 362 8.70 7.24 48.14
N SER D 363 9.84 7.33 47.47
CA SER D 363 10.58 8.58 47.43
C SER D 363 9.80 9.66 46.66
N TYR D 364 8.97 9.26 45.70
CA TYR D 364 8.15 10.23 44.97
C TYR D 364 7.05 10.84 45.82
N MET D 365 6.59 10.12 46.84
CA MET D 365 5.59 10.67 47.74
C MET D 365 6.18 11.87 48.49
N ASP D 366 7.42 11.73 48.95
CA ASP D 366 8.15 12.80 49.63
C ASP D 366 8.29 14.01 48.70
N VAL D 367 8.70 13.76 47.46
CA VAL D 367 8.84 14.81 46.46
C VAL D 367 7.51 15.52 46.27
N ALA D 368 6.43 14.77 46.11
CA ALA D 368 5.13 15.37 45.90
C ALA D 368 4.72 16.32 47.07
N LYS D 369 4.89 15.85 48.29
CA LYS D 369 4.49 16.66 49.46
C LYS D 369 5.36 17.90 49.55
N ALA D 370 6.67 17.72 49.38
CA ALA D 370 7.59 18.85 49.42
C ALA D 370 7.30 19.94 48.38
N GLU D 371 6.79 19.57 47.20
CA GLU D 371 6.48 20.60 46.21
C GLU D 371 5.06 21.14 46.35
N GLY D 372 4.33 20.68 47.36
CA GLY D 372 3.01 21.21 47.65
C GLY D 372 1.78 20.46 47.19
N ALA D 373 1.95 19.22 46.76
CA ALA D 373 0.81 18.41 46.37
C ALA D 373 0.24 17.69 47.57
N THR D 374 -1.01 17.26 47.45
CA THR D 374 -1.72 16.59 48.53
C THR D 374 -1.85 15.09 48.22
N ILE D 375 -1.49 14.25 49.18
CA ILE D 375 -1.71 12.79 49.00
C ILE D 375 -3.12 12.59 49.53
N ALA D 376 -4.09 12.52 48.64
CA ALA D 376 -5.50 12.47 49.04
C ALA D 376 -5.89 11.11 49.62
N VAL D 377 -5.23 10.06 49.16
CA VAL D 377 -5.47 8.73 49.65
C VAL D 377 -4.28 7.85 49.27
N GLY D 378 -3.97 6.85 50.09
CA GLY D 378 -2.84 5.95 49.81
C GLY D 378 -1.50 6.53 50.18
N GLY D 379 -0.50 6.29 49.34
CA GLY D 379 0.83 6.91 49.52
C GLY D 379 1.75 6.25 50.52
N LYS D 380 1.43 5.01 50.87
N LYS D 380 1.38 5.03 50.93
CA LYS D 380 2.26 4.24 51.77
CA LYS D 380 2.16 4.26 51.89
C LYS D 380 2.04 2.76 51.57
C LYS D 380 2.02 2.75 51.60
N ARG D 381 2.84 1.96 52.27
CA ARG D 381 2.70 0.49 52.21
C ARG D 381 1.53 0.13 53.08
N PRO D 382 0.76 -0.89 52.69
CA PRO D 382 -0.37 -1.30 53.51
C PRO D 382 0.10 -2.06 54.73
N ASP D 383 -0.70 -2.01 55.79
CA ASP D 383 -0.38 -2.64 57.07
C ASP D 383 -0.93 -4.05 57.27
N ARG D 384 -1.96 -4.40 56.50
CA ARG D 384 -2.65 -5.66 56.71
C ARG D 384 -1.66 -6.80 56.73
N ASP D 385 -1.90 -7.74 57.64
CA ASP D 385 -0.99 -8.85 57.92
C ASP D 385 -0.59 -9.71 56.73
N ASP D 386 -1.55 -10.05 55.87
CA ASP D 386 -1.26 -10.87 54.70
C ASP D 386 -0.49 -10.12 53.59
N LEU D 387 -0.34 -8.80 53.74
CA LEU D 387 0.41 -7.99 52.79
C LEU D 387 1.79 -7.59 53.28
N LYS D 388 2.07 -7.82 54.57
CA LYS D 388 3.32 -7.36 55.17
C LYS D 388 4.61 -7.95 54.56
N ASP D 389 4.59 -9.19 54.09
CA ASP D 389 5.77 -9.80 53.53
C ASP D 389 6.01 -9.46 52.06
N GLY D 390 4.98 -8.90 51.40
CA GLY D 390 5.06 -8.56 49.99
C GLY D 390 5.43 -7.13 49.71
N LEU D 391 5.68 -6.85 48.43
CA LEU D 391 6.07 -5.54 47.98
C LEU D 391 4.86 -4.70 47.59
N PHE D 392 3.95 -4.55 48.52
CA PHE D 392 2.75 -3.80 48.25
C PHE D 392 2.93 -2.30 48.48
N PHE D 393 2.14 -1.55 47.72
CA PHE D 393 2.04 -0.11 47.87
C PHE D 393 0.59 0.25 47.58
N GLU D 394 0.00 1.07 48.45
CA GLU D 394 -1.40 1.43 48.33
C GLU D 394 -1.71 2.23 47.08
N PRO D 395 -2.87 1.98 46.48
CA PRO D 395 -3.27 2.82 45.35
C PRO D 395 -3.45 4.22 45.89
N THR D 396 -2.90 5.16 45.15
CA THR D 396 -2.72 6.53 45.59
C THR D 396 -3.30 7.53 44.63
N VAL D 397 -3.91 8.58 45.19
CA VAL D 397 -4.42 9.69 44.41
C VAL D 397 -3.76 10.95 44.95
N ILE D 398 -3.13 11.71 44.06
CA ILE D 398 -2.45 12.95 44.41
C ILE D 398 -3.24 14.11 43.80
N THR D 399 -3.65 15.05 44.64
CA THR D 399 -4.45 16.19 44.22
C THR D 399 -3.71 17.50 44.50
N ASN D 400 -4.33 18.61 44.08
N ASN D 400 -4.34 18.64 44.19
CA ASN D 400 -3.77 19.94 44.29
CA ASN D 400 -3.76 19.96 44.47
C ASN D 400 -2.36 20.05 43.76
C ASN D 400 -2.38 20.09 43.87
N CYS D 401 -2.20 19.63 42.52
N CYS D 401 -2.20 19.62 42.66
CA CYS D 401 -0.90 19.68 41.90
CA CYS D 401 -0.90 19.69 41.98
C CYS D 401 -1.02 20.44 40.61
C CYS D 401 -1.02 20.35 40.60
N ASP D 402 0.12 20.70 39.98
CA ASP D 402 0.13 21.43 38.73
C ASP D 402 1.30 20.95 37.87
N THR D 403 1.25 21.37 36.62
CA THR D 403 2.18 20.93 35.60
C THR D 403 3.65 21.24 35.89
N SER D 404 3.93 22.21 36.76
CA SER D 404 5.32 22.52 37.09
C SER D 404 5.96 21.48 37.99
N MET D 405 5.16 20.65 38.63
CA MET D 405 5.69 19.73 39.63
C MET D 405 6.34 18.48 39.05
N ARG D 406 7.38 18.02 39.73
CA ARG D 406 8.03 16.75 39.37
C ARG D 406 7.04 15.58 39.41
N ILE D 407 6.15 15.55 40.40
CA ILE D 407 5.21 14.43 40.52
C ILE D 407 4.29 14.32 39.31
N VAL D 408 4.01 15.45 38.67
CA VAL D 408 3.16 15.47 37.45
C VAL D 408 4.01 15.15 36.22
N GLN D 409 5.22 15.71 36.14
CA GLN D 409 6.04 15.55 34.95
C GLN D 409 6.76 14.19 34.80
N GLU D 410 7.13 13.57 35.91
CA GLU D 410 7.94 12.38 35.86
C GLU D 410 7.13 11.09 35.98
N GLU D 411 7.60 10.05 35.31
CA GLU D 411 6.91 8.76 35.31
C GLU D 411 7.27 8.02 36.59
N VAL D 412 6.29 7.87 37.48
CA VAL D 412 6.48 7.15 38.73
C VAL D 412 6.37 5.63 38.49
N PHE D 413 5.50 5.22 37.57
CA PHE D 413 5.40 3.79 37.24
C PHE D 413 4.97 2.95 38.44
N GLY D 414 3.99 3.46 39.18
CA GLY D 414 3.45 2.80 40.37
C GLY D 414 1.97 3.08 40.46
N PRO D 415 1.31 2.61 41.53
CA PRO D 415 -0.16 2.73 41.61
C PRO D 415 -0.54 4.11 42.12
N VAL D 416 -0.22 5.09 41.27
CA VAL D 416 -0.32 6.47 41.63
C VAL D 416 -0.85 7.29 40.47
N VAL D 417 -1.88 8.08 40.73
CA VAL D 417 -2.37 9.06 39.74
C VAL D 417 -2.37 10.45 40.33
N THR D 418 -2.21 11.44 39.46
CA THR D 418 -2.35 12.85 39.81
C THR D 418 -3.62 13.34 39.16
N VAL D 419 -4.23 14.36 39.76
CA VAL D 419 -5.42 14.97 39.21
C VAL D 419 -5.21 16.48 39.07
N GLU D 420 -5.35 16.98 37.84
CA GLU D 420 -5.31 18.42 37.56
C GLU D 420 -6.61 18.80 36.90
N GLY D 421 -7.05 20.03 37.13
CA GLY D 421 -8.25 20.53 36.47
C GLY D 421 -7.93 21.35 35.22
N PHE D 422 -8.89 21.46 34.32
CA PHE D 422 -8.75 22.33 33.18
C PHE D 422 -10.09 23.01 32.94
N GLU D 423 -10.06 24.19 32.35
CA GLU D 423 -11.29 24.95 32.12
C GLU D 423 -11.89 24.67 30.77
N THR D 424 -11.08 24.67 29.73
CA THR D 424 -11.51 24.56 28.36
C THR D 424 -10.78 23.45 27.62
N GLU D 425 -11.34 23.08 26.48
CA GLU D 425 -10.77 22.13 25.55
C GLU D 425 -9.33 22.53 25.21
N GLN D 426 -9.11 23.81 24.95
CA GLN D 426 -7.79 24.30 24.60
C GLN D 426 -6.77 24.10 25.75
N GLU D 427 -7.21 24.34 26.98
CA GLU D 427 -6.35 24.14 28.13
C GLU D 427 -6.05 22.65 28.36
N ALA D 428 -7.03 21.77 28.13
CA ALA D 428 -6.82 20.33 28.31
C ALA D 428 -5.70 19.86 27.36
N ILE D 429 -5.75 20.32 26.12
CA ILE D 429 -4.76 19.97 25.11
C ILE D 429 -3.36 20.47 25.51
N GLN D 430 -3.30 21.73 25.94
CA GLN D 430 -2.04 22.36 26.34
C GLN D 430 -1.41 21.60 27.51
N LEU D 431 -2.20 21.31 28.53
CA LEU D 431 -1.71 20.55 29.67
C LEU D 431 -1.28 19.14 29.28
N ALA D 432 -2.11 18.44 28.52
CA ALA D 432 -1.83 17.07 28.12
C ALA D 432 -0.52 16.96 27.34
N ASN D 433 -0.24 17.96 26.48
CA ASN D 433 0.97 17.98 25.67
C ASN D 433 2.17 18.56 26.41
N ASP D 434 1.96 19.07 27.63
CA ASP D 434 3.03 19.68 28.41
C ASP D 434 3.73 18.61 29.25
N SER D 435 4.48 17.77 28.56
CA SER D 435 5.36 16.77 29.15
C SER D 435 6.40 16.43 28.12
N ILE D 436 7.44 15.72 28.55
CA ILE D 436 8.45 15.29 27.63
C ILE D 436 8.05 14.06 26.85
N TYR D 437 6.93 13.43 27.25
CA TYR D 437 6.52 12.14 26.73
C TYR D 437 5.45 12.24 25.64
N GLY D 438 5.06 11.12 25.08
CA GLY D 438 4.05 11.13 24.02
C GLY D 438 3.65 9.73 23.61
N LEU D 439 3.37 8.87 24.58
CA LEU D 439 3.05 7.49 24.27
C LEU D 439 1.57 7.22 23.99
N ALA D 440 0.71 7.48 24.97
CA ALA D 440 -0.72 7.19 24.83
C ALA D 440 -1.55 8.07 25.74
N GLY D 441 -2.85 8.13 25.46
CA GLY D 441 -3.75 8.87 26.30
C GLY D 441 -5.17 8.65 25.87
N ALA D 442 -6.08 9.20 26.65
CA ALA D 442 -7.51 9.07 26.37
C ALA D 442 -8.26 10.39 26.49
N VAL D 443 -9.42 10.44 25.81
CA VAL D 443 -10.35 11.52 25.93
C VAL D 443 -11.73 10.90 26.18
N PHE D 444 -12.38 11.36 27.25
CA PHE D 444 -13.69 10.90 27.61
C PHE D 444 -14.66 12.05 27.41
N SER D 445 -15.62 11.84 26.50
CA SER D 445 -16.66 12.81 26.23
C SER D 445 -17.73 12.13 25.42
N LYS D 446 -19.00 12.43 25.69
CA LYS D 446 -20.07 11.94 24.86
C LYS D 446 -20.13 12.72 23.54
N ASP D 447 -19.48 13.87 23.48
CA ASP D 447 -19.41 14.69 22.25
C ASP D 447 -18.26 14.13 21.42
N ILE D 448 -18.58 13.24 20.50
CA ILE D 448 -17.52 12.51 19.72
C ILE D 448 -16.74 13.46 18.82
N GLY D 449 -17.43 14.44 18.26
CA GLY D 449 -16.75 15.46 17.46
C GLY D 449 -15.67 16.18 18.25
N LYS D 450 -15.99 16.54 19.48
CA LYS D 450 -15.00 17.16 20.35
C LYS D 450 -13.84 16.23 20.68
N ALA D 451 -14.17 14.99 21.03
CA ALA D 451 -13.15 14.02 21.36
C ALA D 451 -12.20 13.84 20.18
N GLN D 452 -12.73 13.81 18.96
N GLN D 452 -12.74 13.77 18.96
CA GLN D 452 -11.91 13.67 17.74
CA GLN D 452 -11.89 13.66 17.76
C GLN D 452 -11.01 14.90 17.55
C GLN D 452 -11.01 14.89 17.56
N ARG D 453 -11.55 16.09 17.81
CA ARG D 453 -10.73 17.32 17.70
C ARG D 453 -9.54 17.28 18.65
N VAL D 454 -9.82 16.91 19.89
CA VAL D 454 -8.77 16.79 20.90
C VAL D 454 -7.75 15.70 20.50
N ALA D 455 -8.22 14.53 20.12
CA ALA D 455 -7.37 13.43 19.69
C ALA D 455 -6.39 13.87 18.60
N ASN D 456 -6.89 14.66 17.65
CA ASN D 456 -6.01 15.13 16.57
C ASN D 456 -4.88 16.04 17.03
N LYS D 457 -5.06 16.72 18.14
CA LYS D 457 -4.07 17.66 18.66
C LYS D 457 -3.14 17.10 19.71
N LEU D 458 -3.44 15.93 20.27
CA LEU D 458 -2.57 15.32 21.28
C LEU D 458 -1.36 14.67 20.59
N LYS D 459 -0.15 14.98 21.09
CA LYS D 459 1.08 14.42 20.57
C LYS D 459 1.39 13.10 21.25
N LEU D 460 0.65 12.08 20.83
CA LEU D 460 0.64 10.77 21.42
C LEU D 460 0.52 9.72 20.32
N GLY D 461 1.24 8.61 20.47
CA GLY D 461 1.21 7.51 19.50
C GLY D 461 -0.11 6.81 19.42
N THR D 462 -0.81 6.74 20.55
CA THR D 462 -2.14 6.14 20.59
C THR D 462 -3.08 7.05 21.40
N VAL D 463 -4.26 7.31 20.85
CA VAL D 463 -5.31 8.05 21.55
C VAL D 463 -6.57 7.22 21.57
N TRP D 464 -7.09 6.98 22.79
CA TRP D 464 -8.36 6.31 22.95
C TRP D 464 -9.48 7.32 23.15
N ILE D 465 -10.60 7.13 22.46
CA ILE D 465 -11.77 7.92 22.70
C ILE D 465 -12.78 7.04 23.45
N ASN D 466 -13.13 7.46 24.67
CA ASN D 466 -14.01 6.73 25.54
C ASN D 466 -13.58 5.29 25.85
N ASP D 467 -12.29 5.13 26.07
CA ASP D 467 -11.70 3.87 26.48
C ASP D 467 -10.34 4.19 27.11
N PHE D 468 -9.72 3.20 27.70
CA PHE D 468 -8.36 3.33 28.23
C PHE D 468 -7.72 1.96 28.22
N HIS D 469 -6.50 1.89 27.64
CA HIS D 469 -5.60 0.71 27.58
C HIS D 469 -5.52 -0.13 26.29
N PRO D 470 -6.55 -0.15 25.46
CA PRO D 470 -6.43 -1.10 24.38
C PRO D 470 -5.31 -0.94 23.37
N TYR D 471 -4.63 -2.06 23.13
N TYR D 471 -4.66 -2.06 23.07
CA TYR D 471 -3.60 -2.18 22.10
CA TYR D 471 -3.69 -2.09 21.98
C TYR D 471 -3.82 -3.55 21.43
C TYR D 471 -3.88 -3.50 21.40
N PHE D 472 -3.37 -3.69 20.20
CA PHE D 472 -3.50 -4.97 19.50
C PHE D 472 -2.53 -5.01 18.31
N ALA D 473 -2.21 -6.23 17.93
CA ALA D 473 -1.18 -6.49 16.92
C ALA D 473 -1.47 -5.80 15.59
N GLN D 474 -2.75 -5.55 15.31
CA GLN D 474 -3.10 -4.95 14.04
C GLN D 474 -2.68 -3.45 13.88
N ALA D 475 -2.39 -2.75 14.97
CA ALA D 475 -2.11 -1.33 14.95
C ALA D 475 -0.77 -0.98 15.62
N PRO D 476 -0.01 -0.04 15.03
CA PRO D 476 1.25 0.33 15.61
C PRO D 476 1.16 1.05 16.92
N TRP D 477 2.16 0.83 17.74
CA TRP D 477 2.24 1.37 19.09
C TRP D 477 3.62 1.97 19.30
N GLY D 478 3.67 3.17 19.82
CA GLY D 478 4.94 3.81 20.12
C GLY D 478 4.83 5.26 20.46
N GLY D 479 5.96 5.91 20.73
CA GLY D 479 5.83 7.25 21.24
C GLY D 479 6.35 8.41 20.47
N TYR D 480 5.66 9.55 20.61
CA TYR D 480 6.20 10.82 20.15
C TYR D 480 7.21 11.26 21.20
N LYS D 481 8.09 12.21 20.84
CA LYS D 481 8.94 12.87 21.79
C LYS D 481 9.80 11.86 22.56
N GLN D 482 9.90 11.99 23.89
CA GLN D 482 10.82 11.14 24.65
C GLN D 482 10.27 9.80 25.03
N SER D 483 9.07 9.49 24.55
CA SER D 483 8.52 8.16 24.73
C SER D 483 9.14 7.12 23.82
N GLY D 484 9.89 7.51 22.79
CA GLY D 484 10.57 6.54 21.99
C GLY D 484 10.94 6.95 20.59
N ILE D 485 11.38 5.95 19.83
CA ILE D 485 11.73 6.07 18.44
C ILE D 485 11.19 4.79 17.79
N GLY D 486 10.44 4.96 16.71
CA GLY D 486 9.88 3.81 15.99
C GLY D 486 8.57 3.28 16.52
N ARG D 487 8.14 2.18 15.93
CA ARG D 487 6.90 1.54 16.32
C ARG D 487 7.03 0.03 16.49
N GLU D 488 6.20 -0.53 17.36
CA GLU D 488 6.03 -1.95 17.50
C GLU D 488 4.56 -2.24 17.16
N LEU D 489 4.33 -3.45 16.71
CA LEU D 489 3.03 -3.95 16.25
C LEU D 489 2.64 -3.35 14.90
N GLY D 490 1.67 -3.97 14.28
CA GLY D 490 1.19 -3.50 12.96
C GLY D 490 2.19 -3.71 11.85
N LYS D 491 1.83 -3.23 10.67
CA LYS D 491 2.76 -3.29 9.54
C LYS D 491 4.01 -2.45 9.81
N GLU D 492 3.84 -1.32 10.50
CA GLU D 492 5.00 -0.49 10.84
C GLU D 492 5.97 -1.20 11.77
N GLY D 493 5.43 -1.96 12.69
CA GLY D 493 6.25 -2.77 13.58
C GLY D 493 7.11 -3.76 12.81
N LEU D 494 6.50 -4.42 11.82
CA LEU D 494 7.24 -5.33 10.97
C LEU D 494 8.37 -4.63 10.24
N GLU D 495 8.10 -3.40 9.78
CA GLU D 495 9.05 -2.61 9.00
C GLU D 495 10.34 -2.29 9.74
N GLU D 496 10.32 -2.25 11.07
CA GLU D 496 11.55 -2.05 11.83
C GLU D 496 12.52 -3.18 11.53
N TYR D 497 11.99 -4.37 11.24
CA TYR D 497 12.80 -5.54 10.98
C TYR D 497 13.14 -5.79 9.50
N LEU D 498 12.87 -4.81 8.66
CA LEU D 498 13.17 -4.88 7.24
C LEU D 498 14.08 -3.75 6.83
N VAL D 499 14.76 -3.94 5.71
CA VAL D 499 15.58 -2.90 5.13
C VAL D 499 15.29 -2.91 3.66
N SER D 500 15.26 -1.73 3.07
CA SER D 500 14.99 -1.58 1.63
C SER D 500 16.28 -1.53 0.81
N LYS D 501 16.26 -2.21 -0.34
CA LYS D 501 17.34 -2.17 -1.29
C LYS D 501 16.78 -1.85 -2.66
N HIS D 502 17.30 -0.79 -3.28
CA HIS D 502 16.96 -0.42 -4.61
C HIS D 502 17.90 -1.10 -5.57
N ILE D 503 17.39 -2.01 -6.40
CA ILE D 503 18.19 -2.68 -7.42
C ILE D 503 17.76 -2.09 -8.77
N LEU D 504 18.71 -1.44 -9.43
N LEU D 504 18.70 -1.45 -9.45
CA LEU D 504 18.48 -0.78 -10.69
CA LEU D 504 18.43 -0.78 -10.71
C LEU D 504 19.32 -1.48 -11.76
C LEU D 504 19.30 -1.42 -11.78
N THR D 505 18.65 -2.04 -12.75
CA THR D 505 19.29 -2.70 -13.85
C THR D 505 19.21 -1.87 -15.11
N ASN D 506 20.35 -1.59 -15.73
CA ASN D 506 20.33 -0.88 -16.99
C ASN D 506 20.24 -1.97 -18.04
N THR D 507 19.11 -2.02 -18.76
CA THR D 507 18.87 -3.06 -19.72
C THR D 507 19.41 -2.76 -21.13
N ASN D 508 20.01 -1.60 -21.34
CA ASN D 508 20.65 -1.27 -22.62
C ASN D 508 21.84 -0.38 -22.35
N PRO D 509 22.84 -0.89 -21.63
CA PRO D 509 23.92 -0.01 -21.19
C PRO D 509 24.78 0.51 -22.33
N GLN D 510 25.07 1.81 -22.29
CA GLN D 510 25.87 2.47 -23.31
C GLN D 510 27.01 3.23 -22.64
N LEU D 511 28.11 3.39 -23.36
CA LEU D 511 29.22 4.16 -22.80
C LEU D 511 28.75 5.58 -22.59
N VAL D 512 29.16 6.18 -21.47
CA VAL D 512 28.84 7.57 -21.21
C VAL D 512 29.80 8.48 -21.96
N ASN D 513 31.07 8.08 -22.07
CA ASN D 513 32.07 8.88 -22.77
C ASN D 513 32.19 10.32 -22.24
N TRP D 514 32.16 10.46 -20.92
CA TRP D 514 32.40 11.74 -20.29
C TRP D 514 33.92 12.03 -20.33
N PHE D 515 34.71 11.03 -19.96
CA PHE D 515 36.16 11.17 -19.93
C PHE D 515 36.77 10.75 -21.28
N SER D 516 37.62 11.60 -21.85
CA SER D 516 38.19 11.42 -23.20
C SER D 516 38.87 10.08 -23.51
N LYS D 517 38.74 9.66 -24.76
CA LYS D 517 39.43 8.48 -25.28
C LYS D 517 40.61 8.94 -26.14
#